data_6LIN
#
_entry.id   6LIN
#
_cell.length_a   56.420
_cell.length_b   156.186
_cell.length_c   102.012
_cell.angle_alpha   90.000
_cell.angle_beta   103.970
_cell.angle_gamma   90.000
#
_symmetry.space_group_name_H-M   'P 1 21 1'
#
loop_
_entity.id
_entity.type
_entity.pdbx_description
1 polymer '[Pyruvate dehydrogenase (acetyl-transferring)] kinase isozyme 2, mitochondrial'
2 non-polymer 'SULFATE ION'
3 non-polymer GLYCEROL
4 non-polymer '4-[[[4-[3,5-bis(fluoranyl)-4-(4-oxidanyl-4-oxidanylidene-butoxy)phenyl]-5-[5-chloranyl-2,4-bis(oxidanyl)phenyl]-1,2-oxazol-3-yl]carbonylamino]methyl]benzoic acid'
5 non-polymer DI(HYDROXYETHYL)ETHER
6 water water
#
_entity_poly.entity_id   1
_entity_poly.type   'polypeptide(L)'
_entity_poly.pdbx_seq_one_letter_code
;MAGSHHHHHHGMASMTGGQQMGRSGDDDDKALLKNASLAGAPKYIEHFSKFSPSPLSMKQFLDFGSSNACEKTSFTFLRQ
ELPVRLANIMKEINLLPDRVLSTPSVQLVQSWYVQSLLDIMEFLDKDPEDHRTLSQFTDALVTIRNRHNDVVPTMAQGVL
EYKDTYGDDPVSNQNIQYFLDRFYLSRISIRMLINQHTLIFDGSTNPAHPKHIGSIDPNCNVSEVVKDAYDMAKLLCDKY
YMASPDLEIQEINAANSKQPIHMVYVPSHLYHMLFELFKNAMRATVESHESSLILPPIKVMVALGEEDLSIKMSDRGGGV
PLRKIERLFSYMYSTAPTPQPGTGGTPLAGFGYGLPISRLYAKYFQGDLQLFSMEGFGTDAVIYLKALSTDSVERLPVYN
KSAWRHYQTIQ
;
_entity_poly.pdbx_strand_id   A,B,C,D
#
# COMPACT_ATOMS: atom_id res chain seq x y z
N ASP A 29 -3.51 -66.90 35.70
CA ASP A 29 -3.48 -65.49 35.21
C ASP A 29 -2.02 -65.12 34.89
N LYS A 30 -1.14 -65.14 35.90
CA LYS A 30 0.11 -64.33 35.97
C LYS A 30 1.38 -65.21 35.96
N ALA A 31 1.36 -66.35 35.25
CA ALA A 31 2.41 -67.41 35.28
C ALA A 31 3.70 -66.93 34.60
N LEU A 32 3.58 -66.31 33.42
CA LEU A 32 4.70 -65.73 32.63
C LEU A 32 5.43 -64.66 33.45
N LEU A 33 4.68 -63.75 34.09
CA LEU A 33 5.20 -62.66 34.96
C LEU A 33 5.93 -63.23 36.20
N LYS A 34 5.33 -64.22 36.89
CA LYS A 34 5.96 -64.96 38.01
C LYS A 34 7.30 -65.52 37.53
N ASN A 35 7.27 -66.33 36.47
CA ASN A 35 8.43 -67.03 35.86
C ASN A 35 9.54 -66.01 35.54
N ALA A 36 9.18 -64.78 35.18
CA ALA A 36 10.14 -63.71 34.82
C ALA A 36 10.84 -63.18 36.08
N SER A 37 10.10 -62.92 37.16
CA SER A 37 10.67 -62.40 38.44
C SER A 37 11.64 -63.45 39.04
N LEU A 38 11.20 -64.71 39.12
CA LEU A 38 12.00 -65.88 39.56
C LEU A 38 13.31 -65.99 38.76
N ALA A 39 13.37 -65.41 37.56
CA ALA A 39 14.52 -65.44 36.63
C ALA A 39 15.54 -64.33 36.91
N GLY A 40 15.21 -63.32 37.73
CA GLY A 40 16.10 -62.16 38.01
C GLY A 40 16.00 -61.03 36.98
N ALA A 41 14.99 -61.10 36.12
CA ALA A 41 14.78 -60.14 35.01
C ALA A 41 14.82 -58.71 35.57
N PRO A 42 13.95 -58.37 36.54
CA PRO A 42 13.93 -57.02 37.11
C PRO A 42 15.31 -56.45 37.46
N LYS A 43 16.16 -57.24 38.11
CA LYS A 43 17.52 -56.78 38.47
C LYS A 43 18.13 -56.16 37.22
N TYR A 44 18.19 -56.95 36.15
CA TYR A 44 18.86 -56.62 34.85
C TYR A 44 18.14 -55.48 34.13
N ILE A 45 16.82 -55.54 34.03
CA ILE A 45 15.96 -54.48 33.41
C ILE A 45 16.24 -53.12 34.11
N GLU A 46 16.26 -53.10 35.45
CA GLU A 46 16.54 -51.88 36.26
C GLU A 46 17.96 -51.39 35.95
N HIS A 47 18.92 -52.31 35.89
CA HIS A 47 20.34 -51.95 35.62
C HIS A 47 20.44 -51.28 34.25
N PHE A 48 20.06 -51.99 33.19
CA PHE A 48 20.36 -51.56 31.80
C PHE A 48 19.53 -50.33 31.40
N SER A 49 18.37 -50.11 32.04
CA SER A 49 17.45 -48.96 31.77
C SER A 49 18.01 -47.65 32.34
N LYS A 50 19.08 -47.70 33.14
CA LYS A 50 19.78 -46.51 33.68
C LYS A 50 20.63 -45.84 32.59
N PHE A 51 20.80 -46.47 31.41
CA PHE A 51 21.64 -45.91 30.31
C PHE A 51 20.76 -45.55 29.11
N SER A 52 21.25 -44.60 28.31
CA SER A 52 20.63 -44.14 27.06
C SER A 52 21.16 -44.95 25.87
N PRO A 53 20.26 -45.36 24.96
CA PRO A 53 20.67 -45.83 23.64
C PRO A 53 21.71 -44.90 22.99
N SER A 54 22.59 -45.47 22.17
CA SER A 54 23.51 -44.76 21.28
C SER A 54 22.95 -44.80 19.86
N PRO A 55 22.42 -43.69 19.33
CA PRO A 55 21.96 -43.67 17.93
C PRO A 55 23.18 -43.78 17.01
N LEU A 56 23.09 -44.56 15.94
CA LEU A 56 24.16 -44.68 14.91
C LEU A 56 23.72 -43.95 13.64
N SER A 57 24.69 -43.33 12.94
CA SER A 57 24.50 -42.67 11.62
C SER A 57 24.54 -43.76 10.54
N MET A 58 23.96 -43.47 9.38
CA MET A 58 24.07 -44.39 8.21
C MET A 58 25.55 -44.64 7.93
N LYS A 59 26.39 -43.59 8.00
CA LYS A 59 27.86 -43.69 7.75
C LYS A 59 28.45 -44.74 8.71
N GLN A 60 28.18 -44.63 10.01
CA GLN A 60 28.66 -45.57 11.05
C GLN A 60 28.26 -47.01 10.70
N PHE A 61 27.05 -47.23 10.17
CA PHE A 61 26.59 -48.58 9.76
C PHE A 61 27.43 -49.06 8.57
N LEU A 62 27.67 -48.16 7.61
CA LEU A 62 28.43 -48.47 6.37
C LEU A 62 29.85 -48.86 6.76
N ASP A 63 30.53 -48.07 7.58
CA ASP A 63 31.95 -48.25 7.99
C ASP A 63 32.11 -49.46 8.92
N PHE A 64 31.14 -49.74 9.79
CA PHE A 64 31.15 -50.84 10.78
C PHE A 64 30.83 -52.15 10.05
N GLY A 65 30.68 -52.08 8.73
CA GLY A 65 30.48 -53.21 7.81
C GLY A 65 31.48 -53.20 6.65
N SER A 66 32.25 -52.14 6.45
CA SER A 66 33.59 -52.14 5.81
C SER A 66 34.52 -53.14 6.55
N SER A 67 35.52 -53.70 5.85
CA SER A 67 36.44 -54.76 6.33
C SER A 67 37.22 -54.30 7.57
N ASN A 68 37.61 -53.03 7.63
CA ASN A 68 38.38 -52.36 8.73
C ASN A 68 37.69 -52.57 10.09
N ALA A 69 36.37 -52.68 10.12
CA ALA A 69 35.53 -53.08 11.28
C ALA A 69 35.72 -54.57 11.63
N CYS A 70 35.56 -54.88 12.93
CA CYS A 70 35.78 -56.23 13.53
C CYS A 70 34.52 -56.78 14.21
N GLU A 71 34.37 -58.09 14.08
CA GLU A 71 33.33 -58.89 14.78
C GLU A 71 33.44 -58.66 16.29
N LYS A 72 34.65 -58.45 16.81
CA LYS A 72 34.91 -58.22 18.26
C LYS A 72 34.36 -56.85 18.70
N THR A 73 34.63 -55.80 17.91
CA THR A 73 34.11 -54.43 18.13
C THR A 73 32.58 -54.50 18.17
N SER A 74 31.96 -55.18 17.21
CA SER A 74 30.48 -55.30 17.10
C SER A 74 29.95 -56.05 18.33
N PHE A 75 30.54 -57.21 18.66
CA PHE A 75 30.18 -58.03 19.83
C PHE A 75 30.19 -57.19 21.11
N THR A 76 31.26 -56.45 21.38
CA THR A 76 31.41 -55.70 22.67
C THR A 76 30.44 -54.51 22.68
N PHE A 77 30.08 -53.97 21.52
CA PHE A 77 29.10 -52.85 21.39
C PHE A 77 27.66 -53.36 21.61
N LEU A 78 27.29 -54.44 20.91
CA LEU A 78 25.92 -54.99 20.90
C LEU A 78 25.59 -55.71 22.21
N ARG A 79 26.58 -56.24 22.96
CA ARG A 79 26.31 -56.96 24.24
C ARG A 79 26.05 -55.94 25.36
N GLN A 80 26.37 -54.67 25.14
CA GLN A 80 25.90 -53.54 25.99
C GLN A 80 24.67 -52.89 25.37
N GLU A 81 24.70 -52.56 24.07
CA GLU A 81 23.67 -51.69 23.43
C GLU A 81 22.33 -52.45 23.34
N LEU A 82 22.31 -53.68 22.88
CA LEU A 82 21.01 -54.42 22.76
C LEU A 82 20.32 -54.45 24.13
N PRO A 83 20.97 -54.89 25.22
CA PRO A 83 20.30 -54.95 26.53
C PRO A 83 19.76 -53.60 27.01
N VAL A 84 20.47 -52.50 26.72
CA VAL A 84 20.05 -51.10 27.02
C VAL A 84 18.77 -50.77 26.22
N ARG A 85 18.76 -51.08 24.94
CA ARG A 85 17.59 -50.88 24.05
C ARG A 85 16.44 -51.75 24.55
N LEU A 86 16.71 -53.01 24.89
CA LEU A 86 15.69 -53.96 25.38
C LEU A 86 15.15 -53.49 26.75
N ALA A 87 16.05 -53.14 27.68
CA ALA A 87 15.71 -52.72 29.06
C ALA A 87 14.83 -51.47 29.02
N ASN A 88 15.18 -50.50 28.18
CA ASN A 88 14.46 -49.20 28.13
C ASN A 88 13.01 -49.46 27.71
N ILE A 89 12.78 -50.20 26.64
CA ILE A 89 11.39 -50.42 26.15
C ILE A 89 10.65 -51.39 27.07
N MET A 90 11.37 -52.20 27.85
CA MET A 90 10.76 -53.14 28.83
C MET A 90 10.24 -52.36 30.03
N LYS A 91 11.06 -51.46 30.57
CA LYS A 91 10.64 -50.42 31.57
C LYS A 91 9.34 -49.75 31.10
N GLU A 92 9.24 -49.40 29.82
CA GLU A 92 8.11 -48.59 29.26
C GLU A 92 6.86 -49.44 29.11
N ILE A 93 6.99 -50.71 28.73
CA ILE A 93 5.83 -51.65 28.70
C ILE A 93 5.22 -51.68 30.11
N ASN A 94 6.06 -51.73 31.16
CA ASN A 94 5.60 -51.90 32.57
C ASN A 94 4.97 -50.60 33.09
N LEU A 95 4.93 -49.52 32.28
CA LEU A 95 4.24 -48.23 32.61
C LEU A 95 2.89 -48.13 31.87
N LEU A 96 2.58 -49.01 30.94
CA LEU A 96 1.23 -49.07 30.33
C LEU A 96 0.17 -49.15 31.44
N PRO A 97 -1.08 -48.71 31.15
CA PRO A 97 -2.23 -49.00 32.03
C PRO A 97 -2.40 -50.50 32.31
N ASP A 98 -2.74 -50.88 33.56
CA ASP A 98 -2.86 -52.30 33.99
C ASP A 98 -3.90 -53.04 33.13
N ARG A 99 -4.92 -52.34 32.61
CA ARG A 99 -6.03 -52.94 31.80
C ARG A 99 -5.45 -53.57 30.52
N VAL A 100 -4.30 -53.10 30.04
CA VAL A 100 -3.64 -53.56 28.78
C VAL A 100 -2.49 -54.51 29.13
N LEU A 101 -1.75 -54.18 30.17
CA LEU A 101 -0.52 -54.91 30.58
C LEU A 101 -0.88 -56.34 31.00
N SER A 102 -2.09 -56.53 31.52
CA SER A 102 -2.55 -57.83 32.05
C SER A 102 -3.21 -58.65 30.93
N THR A 103 -3.23 -58.15 29.70
CA THR A 103 -3.80 -58.91 28.54
C THR A 103 -2.82 -60.05 28.26
N PRO A 104 -3.32 -61.28 27.98
CA PRO A 104 -2.42 -62.41 27.70
C PRO A 104 -1.34 -62.06 26.66
N SER A 105 -1.72 -61.42 25.55
CA SER A 105 -0.85 -61.14 24.38
C SER A 105 0.28 -60.17 24.77
N VAL A 106 0.01 -59.17 25.61
CA VAL A 106 1.05 -58.20 26.06
C VAL A 106 2.02 -58.93 26.99
N GLN A 107 1.49 -59.70 27.95
CA GLN A 107 2.30 -60.53 28.89
C GLN A 107 3.23 -61.44 28.08
N LEU A 108 2.74 -61.97 26.96
CA LEU A 108 3.49 -62.88 26.07
C LEU A 108 4.66 -62.13 25.42
N VAL A 109 4.39 -60.97 24.82
CA VAL A 109 5.48 -60.16 24.20
C VAL A 109 6.52 -59.81 25.27
N GLN A 110 6.07 -59.44 26.48
CA GLN A 110 6.96 -59.12 27.60
C GLN A 110 7.85 -60.33 27.93
N SER A 111 7.29 -61.54 27.95
CA SER A 111 8.05 -62.78 28.24
C SER A 111 9.13 -62.98 27.17
N TRP A 112 8.83 -62.70 25.90
CA TRP A 112 9.83 -62.83 24.79
C TRP A 112 11.01 -61.87 25.01
N TYR A 113 10.73 -60.67 25.55
CA TYR A 113 11.74 -59.62 25.76
C TYR A 113 12.64 -60.04 26.95
N VAL A 114 12.05 -60.55 28.03
CA VAL A 114 12.80 -61.12 29.20
C VAL A 114 13.75 -62.21 28.67
N GLN A 115 13.22 -63.22 27.98
CA GLN A 115 14.03 -64.36 27.44
C GLN A 115 15.23 -63.80 26.66
N SER A 116 14.97 -62.85 25.76
CA SER A 116 15.98 -62.26 24.84
C SER A 116 17.03 -61.50 25.65
N LEU A 117 16.60 -60.67 26.59
CA LEU A 117 17.54 -59.95 27.49
C LEU A 117 18.43 -61.01 28.18
N LEU A 118 17.82 -62.02 28.81
CA LEU A 118 18.55 -63.08 29.55
C LEU A 118 19.55 -63.74 28.59
N ASP A 119 19.09 -64.17 27.42
CA ASP A 119 19.94 -64.74 26.33
C ASP A 119 21.24 -63.93 26.21
N ILE A 120 21.16 -62.60 26.12
CA ILE A 120 22.35 -61.71 25.87
C ILE A 120 23.20 -61.63 27.14
N MET A 121 22.59 -61.76 28.32
CA MET A 121 23.27 -61.62 29.63
C MET A 121 24.32 -62.73 29.79
N GLU A 122 24.06 -63.91 29.23
CA GLU A 122 25.02 -65.06 29.20
C GLU A 122 26.38 -64.57 28.66
N PHE A 123 26.40 -63.53 27.81
CA PHE A 123 27.59 -63.10 27.04
C PHE A 123 28.37 -62.00 27.74
N LEU A 124 27.91 -61.51 28.90
CA LEU A 124 28.47 -60.32 29.61
C LEU A 124 29.95 -60.53 30.00
N ASP A 125 30.33 -61.75 30.46
CA ASP A 125 31.67 -62.03 31.03
C ASP A 125 32.52 -62.84 30.04
N LYS A 126 31.94 -63.32 28.93
CA LYS A 126 32.62 -64.19 27.93
C LYS A 126 33.74 -63.39 27.24
N ASP A 127 34.73 -64.12 26.70
CA ASP A 127 35.98 -63.55 26.13
C ASP A 127 35.75 -63.22 24.65
N PRO A 128 35.98 -61.95 24.23
CA PRO A 128 35.94 -61.59 22.82
C PRO A 128 37.00 -62.31 21.96
N GLU A 129 38.18 -62.60 22.54
CA GLU A 129 39.32 -63.24 21.83
C GLU A 129 38.95 -64.66 21.38
N ASP A 130 37.95 -65.29 21.98
CA ASP A 130 37.52 -66.69 21.69
C ASP A 130 36.53 -66.70 20.51
N HIS A 131 36.91 -67.32 19.39
CA HIS A 131 36.13 -67.40 18.13
C HIS A 131 34.78 -68.11 18.35
N ARG A 132 34.65 -68.93 19.40
CA ARG A 132 33.41 -69.73 19.69
C ARG A 132 32.38 -68.82 20.38
N THR A 133 32.85 -67.84 21.16
CA THR A 133 32.03 -66.77 21.79
C THR A 133 31.27 -66.00 20.70
N LEU A 134 32.03 -65.46 19.73
CA LEU A 134 31.53 -64.66 18.60
C LEU A 134 30.47 -65.45 17.82
N SER A 135 30.72 -66.74 17.61
CA SER A 135 29.86 -67.65 16.82
C SER A 135 28.54 -67.89 17.57
N GLN A 136 28.62 -68.14 18.88
CA GLN A 136 27.45 -68.43 19.73
C GLN A 136 26.59 -67.18 19.83
N PHE A 137 27.22 -66.01 19.98
CA PHE A 137 26.56 -64.68 20.03
C PHE A 137 25.68 -64.53 18.80
N THR A 138 26.29 -64.70 17.62
CA THR A 138 25.60 -64.50 16.33
C THR A 138 24.37 -65.43 16.27
N ASP A 139 24.50 -66.65 16.81
CA ASP A 139 23.38 -67.64 16.81
C ASP A 139 22.31 -67.18 17.79
N ALA A 140 22.71 -66.62 18.94
CA ALA A 140 21.78 -66.06 19.95
C ALA A 140 20.98 -64.92 19.31
N LEU A 141 21.63 -64.06 18.54
CA LEU A 141 20.96 -62.90 17.89
C LEU A 141 19.91 -63.44 16.89
N VAL A 142 20.28 -64.45 16.10
CA VAL A 142 19.37 -65.06 15.10
C VAL A 142 18.16 -65.64 15.85
N THR A 143 18.39 -66.30 16.99
CA THR A 143 17.32 -66.91 17.82
C THR A 143 16.39 -65.78 18.29
N ILE A 144 17.00 -64.71 18.81
CA ILE A 144 16.26 -63.49 19.25
C ILE A 144 15.45 -62.96 18.06
N ARG A 145 16.08 -62.75 16.90
CA ARG A 145 15.40 -62.19 15.72
C ARG A 145 14.15 -63.05 15.44
N ASN A 146 14.31 -64.37 15.46
CA ASN A 146 13.23 -65.33 15.10
C ASN A 146 12.15 -65.30 16.20
N ARG A 147 12.56 -65.25 17.46
CA ARG A 147 11.62 -65.19 18.62
C ARG A 147 10.62 -64.05 18.42
N HIS A 148 11.08 -62.90 17.90
CA HIS A 148 10.32 -61.63 17.87
C HIS A 148 9.59 -61.41 16.53
N ASN A 149 9.55 -62.39 15.64
CA ASN A 149 8.91 -62.28 14.29
C ASN A 149 7.46 -61.83 14.43
N ASP A 150 6.73 -62.38 15.41
CA ASP A 150 5.24 -62.27 15.52
C ASP A 150 4.85 -61.17 16.50
N VAL A 151 5.80 -60.36 16.94
CA VAL A 151 5.60 -59.33 18.01
C VAL A 151 4.48 -58.37 17.59
N VAL A 152 4.50 -57.90 16.35
CA VAL A 152 3.58 -56.84 15.87
C VAL A 152 2.13 -57.31 15.99
N PRO A 153 1.73 -58.40 15.29
CA PRO A 153 0.35 -58.89 15.40
C PRO A 153 -0.05 -59.35 16.81
N THR A 154 0.90 -59.77 17.65
CA THR A 154 0.63 -60.20 19.05
C THR A 154 0.30 -58.97 19.91
N MET A 155 1.08 -57.90 19.80
CA MET A 155 0.81 -56.64 20.55
C MET A 155 -0.56 -56.12 20.08
N ALA A 156 -0.85 -56.18 18.78
CA ALA A 156 -2.15 -55.80 18.20
C ALA A 156 -3.29 -56.63 18.81
N GLN A 157 -3.05 -57.93 19.01
CA GLN A 157 -4.00 -58.90 19.61
C GLN A 157 -4.32 -58.45 21.05
N GLY A 158 -3.30 -57.99 21.79
CA GLY A 158 -3.45 -57.43 23.15
C GLY A 158 -4.30 -56.18 23.17
N VAL A 159 -4.12 -55.30 22.20
CA VAL A 159 -4.87 -54.01 22.07
C VAL A 159 -6.32 -54.34 21.78
N LEU A 160 -6.58 -55.34 20.91
CA LEU A 160 -7.95 -55.87 20.61
C LEU A 160 -8.57 -56.48 21.88
N GLU A 161 -7.80 -57.25 22.66
CA GLU A 161 -8.25 -57.85 23.95
C GLU A 161 -8.72 -56.72 24.88
N TYR A 162 -7.97 -55.63 24.98
CA TYR A 162 -8.32 -54.47 25.83
C TYR A 162 -9.57 -53.78 25.28
N LYS A 163 -9.57 -53.45 23.99
CA LYS A 163 -10.71 -52.78 23.28
C LYS A 163 -12.00 -53.57 23.57
N ASP A 164 -11.98 -54.90 23.37
CA ASP A 164 -13.19 -55.76 23.37
C ASP A 164 -13.54 -56.23 24.79
N THR A 165 -12.82 -55.79 25.83
CA THR A 165 -13.14 -56.09 27.27
C THR A 165 -13.47 -54.80 28.05
N TYR A 166 -12.81 -53.67 27.74
CA TYR A 166 -13.07 -52.34 28.36
C TYR A 166 -13.63 -51.38 27.30
N GLY A 167 -13.64 -50.07 27.57
CA GLY A 167 -14.24 -49.07 26.67
C GLY A 167 -13.36 -48.75 25.47
N ASP A 168 -13.78 -47.74 24.68
CA ASP A 168 -12.95 -47.02 23.69
C ASP A 168 -12.88 -45.53 24.08
N ASP A 169 -12.37 -45.28 25.30
CA ASP A 169 -12.28 -43.95 25.95
C ASP A 169 -11.06 -43.21 25.37
N PRO A 170 -11.24 -42.00 24.80
CA PRO A 170 -10.20 -41.38 23.95
C PRO A 170 -8.91 -40.96 24.68
N VAL A 171 -8.88 -40.99 26.01
CA VAL A 171 -7.66 -40.61 26.82
C VAL A 171 -6.69 -41.79 26.83
N SER A 172 -7.18 -43.01 27.08
CA SER A 172 -6.39 -44.27 27.15
C SER A 172 -5.83 -44.63 25.76
N ASN A 173 -6.45 -44.15 24.68
CA ASN A 173 -6.05 -44.44 23.29
C ASN A 173 -4.87 -43.54 22.88
N GLN A 174 -4.83 -42.27 23.28
CA GLN A 174 -3.65 -41.38 23.03
C GLN A 174 -2.46 -41.87 23.90
N ASN A 175 -2.72 -42.57 25.00
CA ASN A 175 -1.70 -43.22 25.89
C ASN A 175 -1.07 -44.44 25.18
N ILE A 176 -1.91 -45.33 24.69
CA ILE A 176 -1.51 -46.57 23.95
C ILE A 176 -0.80 -46.17 22.65
N GLN A 177 -1.31 -45.16 21.93
CA GLN A 177 -0.75 -44.63 20.67
C GLN A 177 0.67 -44.17 20.95
N TYR A 178 0.85 -43.36 21.98
CA TYR A 178 2.15 -42.80 22.42
C TYR A 178 3.11 -43.97 22.67
N PHE A 179 2.69 -44.96 23.47
CA PHE A 179 3.57 -46.09 23.85
C PHE A 179 3.89 -46.93 22.60
N LEU A 180 2.90 -47.23 21.78
CA LEU A 180 3.08 -48.14 20.62
C LEU A 180 4.03 -47.49 19.59
N ASP A 181 3.96 -46.18 19.36
CA ASP A 181 4.88 -45.51 18.42
C ASP A 181 6.31 -45.70 18.92
N ARG A 182 6.52 -45.59 20.22
CA ARG A 182 7.85 -45.72 20.86
C ARG A 182 8.29 -47.18 20.74
N PHE A 183 7.41 -48.12 21.13
CA PHE A 183 7.69 -49.58 21.16
C PHE A 183 8.13 -50.04 19.77
N TYR A 184 7.35 -49.69 18.75
CA TYR A 184 7.55 -50.19 17.37
C TYR A 184 8.79 -49.50 16.77
N LEU A 185 9.10 -48.24 17.14
CA LEU A 185 10.33 -47.56 16.64
C LEU A 185 11.54 -48.24 17.31
N SER A 186 11.46 -48.44 18.62
CA SER A 186 12.44 -49.22 19.42
C SER A 186 12.70 -50.53 18.72
N ARG A 187 11.64 -51.28 18.37
CA ARG A 187 11.74 -52.61 17.75
C ARG A 187 12.48 -52.53 16.41
N ILE A 188 12.10 -51.59 15.53
CA ILE A 188 12.80 -51.35 14.23
C ILE A 188 14.30 -51.15 14.48
N SER A 189 14.68 -50.37 15.49
CA SER A 189 16.09 -50.00 15.79
C SER A 189 16.88 -51.25 16.23
N ILE A 190 16.21 -52.19 16.90
CA ILE A 190 16.84 -53.40 17.50
C ILE A 190 17.05 -54.43 16.38
N ARG A 191 16.06 -54.64 15.51
CA ARG A 191 16.17 -55.60 14.39
C ARG A 191 17.24 -55.12 13.40
N MET A 192 17.39 -53.80 13.26
CA MET A 192 18.42 -53.18 12.39
C MET A 192 19.80 -53.59 12.93
N LEU A 193 20.04 -53.45 14.23
CA LEU A 193 21.36 -53.71 14.86
C LEU A 193 21.67 -55.21 14.69
N ILE A 194 20.68 -56.07 14.94
CA ILE A 194 20.79 -57.55 14.86
C ILE A 194 21.04 -57.94 13.39
N ASN A 195 20.28 -57.37 12.47
CA ASN A 195 20.37 -57.70 11.01
C ASN A 195 21.79 -57.34 10.55
N GLN A 196 22.29 -56.15 10.89
CA GLN A 196 23.67 -55.73 10.50
C GLN A 196 24.68 -56.77 11.01
N HIS A 197 24.57 -57.26 12.25
CA HIS A 197 25.59 -58.20 12.82
C HIS A 197 25.47 -59.55 12.10
N THR A 198 24.28 -60.14 12.09
CA THR A 198 24.05 -61.50 11.53
C THR A 198 24.42 -61.52 10.04
N LEU A 199 23.91 -60.58 9.23
CA LEU A 199 24.20 -60.54 7.76
C LEU A 199 25.69 -60.32 7.50
N ILE A 200 26.37 -59.41 8.20
CA ILE A 200 27.82 -59.13 7.96
C ILE A 200 28.67 -60.32 8.42
N PHE A 201 28.45 -60.85 9.62
CA PHE A 201 29.30 -61.89 10.27
C PHE A 201 28.60 -63.25 10.27
N ASP A 202 28.03 -63.65 9.13
CA ASP A 202 27.31 -64.93 8.92
C ASP A 202 28.35 -66.04 8.79
N GLY A 203 29.05 -66.33 9.89
CA GLY A 203 29.89 -67.54 10.05
C GLY A 203 31.34 -67.35 9.65
N SER A 204 31.66 -67.56 8.36
CA SER A 204 33.03 -67.61 7.78
C SER A 204 33.53 -66.22 7.38
N THR A 205 34.81 -66.14 7.01
CA THR A 205 35.49 -64.92 6.48
C THR A 205 35.27 -64.90 4.96
N ASN A 206 34.54 -63.92 4.44
CA ASN A 206 33.80 -63.99 3.13
C ASN A 206 34.47 -63.13 2.03
N PRO A 207 34.09 -63.32 0.74
CA PRO A 207 34.79 -62.68 -0.38
C PRO A 207 34.60 -61.15 -0.47
N ALA A 208 35.28 -60.54 -1.44
CA ALA A 208 35.76 -59.14 -1.42
C ALA A 208 34.61 -58.12 -1.43
N HIS A 209 33.75 -58.19 -2.44
CA HIS A 209 32.81 -57.11 -2.85
C HIS A 209 31.37 -57.54 -2.58
N PRO A 210 30.85 -57.41 -1.34
CA PRO A 210 29.46 -57.72 -1.06
C PRO A 210 28.58 -56.62 -1.68
N LYS A 211 27.46 -57.02 -2.26
CA LYS A 211 26.52 -56.10 -2.95
C LYS A 211 25.90 -55.15 -1.90
N HIS A 212 25.60 -55.67 -0.72
CA HIS A 212 25.06 -54.94 0.46
C HIS A 212 26.10 -54.85 1.57
N ILE A 213 25.98 -53.83 2.42
CA ILE A 213 26.59 -53.77 3.77
C ILE A 213 25.51 -54.16 4.79
N GLY A 214 25.39 -55.45 5.08
CA GLY A 214 24.30 -56.02 5.88
C GLY A 214 22.98 -55.88 5.14
N SER A 215 22.06 -55.09 5.70
CA SER A 215 20.72 -54.80 5.14
C SER A 215 20.76 -53.51 4.31
N ILE A 216 21.88 -52.78 4.34
CA ILE A 216 22.02 -51.48 3.63
C ILE A 216 22.51 -51.72 2.20
N ASP A 217 21.73 -51.27 1.22
CA ASP A 217 22.11 -51.22 -0.21
C ASP A 217 22.66 -49.83 -0.48
N PRO A 218 23.97 -49.67 -0.74
CA PRO A 218 24.53 -48.35 -0.97
C PRO A 218 24.19 -47.81 -2.37
N ASN A 219 23.62 -48.65 -3.24
CA ASN A 219 23.17 -48.26 -4.60
C ASN A 219 21.74 -48.76 -4.80
N CYS A 220 20.87 -48.46 -3.85
CA CYS A 220 19.46 -48.88 -3.85
C CYS A 220 18.71 -48.14 -4.98
N ASN A 221 18.19 -48.91 -5.94
CA ASN A 221 17.34 -48.44 -7.06
C ASN A 221 15.91 -48.33 -6.54
N VAL A 222 15.45 -47.11 -6.27
CA VAL A 222 14.13 -46.88 -5.62
C VAL A 222 13.02 -47.55 -6.44
N SER A 223 12.99 -47.36 -7.75
CA SER A 223 11.89 -47.87 -8.61
C SER A 223 11.83 -49.41 -8.56
N GLU A 224 12.97 -50.09 -8.37
CA GLU A 224 13.02 -51.57 -8.33
C GLU A 224 12.26 -52.01 -7.07
N VAL A 225 12.40 -51.26 -5.99
CA VAL A 225 11.74 -51.59 -4.69
C VAL A 225 10.24 -51.33 -4.83
N VAL A 226 9.86 -50.26 -5.56
CA VAL A 226 8.44 -49.91 -5.81
C VAL A 226 7.79 -51.10 -6.52
N LYS A 227 8.41 -51.58 -7.61
CA LYS A 227 7.92 -52.72 -8.43
C LYS A 227 7.80 -53.98 -7.57
N ASP A 228 8.81 -54.27 -6.71
CA ASP A 228 8.78 -55.42 -5.77
C ASP A 228 7.54 -55.34 -4.88
N ALA A 229 7.35 -54.20 -4.21
CA ALA A 229 6.25 -53.95 -3.28
C ALA A 229 4.94 -54.11 -4.03
N TYR A 230 4.85 -53.57 -5.24
CA TYR A 230 3.64 -53.69 -6.10
C TYR A 230 3.38 -55.17 -6.42
N ASP A 231 4.41 -55.89 -6.90
CA ASP A 231 4.31 -57.32 -7.30
C ASP A 231 3.62 -58.09 -6.15
N MET A 232 4.10 -57.95 -4.91
CA MET A 232 3.53 -58.73 -3.79
C MET A 232 2.13 -58.23 -3.46
N ALA A 233 1.91 -56.91 -3.54
CA ALA A 233 0.60 -56.31 -3.26
C ALA A 233 -0.42 -56.83 -4.28
N LYS A 234 -0.04 -56.82 -5.55
CA LYS A 234 -0.90 -57.29 -6.68
C LYS A 234 -1.26 -58.76 -6.47
N LEU A 235 -0.28 -59.58 -6.06
CA LEU A 235 -0.51 -61.01 -5.75
C LEU A 235 -1.66 -61.14 -4.74
N LEU A 236 -1.54 -60.46 -3.59
CA LEU A 236 -2.52 -60.56 -2.47
C LEU A 236 -3.87 -60.04 -2.94
N CYS A 237 -3.87 -58.85 -3.55
CA CYS A 237 -5.09 -58.22 -4.11
C CYS A 237 -5.78 -59.21 -5.05
N ASP A 238 -5.03 -59.84 -5.95
CA ASP A 238 -5.56 -60.82 -6.95
C ASP A 238 -6.13 -62.05 -6.23
N LYS A 239 -5.59 -62.45 -5.07
CA LYS A 239 -6.08 -63.62 -4.30
C LYS A 239 -7.48 -63.34 -3.71
N TYR A 240 -7.70 -62.15 -3.11
CA TYR A 240 -8.84 -61.84 -2.21
C TYR A 240 -9.95 -61.09 -2.99
N TYR A 241 -9.62 -60.42 -4.08
CA TYR A 241 -10.58 -59.59 -4.86
C TYR A 241 -10.74 -60.09 -6.30
N MET A 242 -9.67 -60.61 -6.91
CA MET A 242 -9.66 -61.22 -8.27
C MET A 242 -9.49 -60.12 -9.33
N ALA A 243 -9.42 -58.85 -8.92
CA ALA A 243 -8.95 -57.72 -9.75
C ALA A 243 -7.86 -56.98 -8.98
N SER A 244 -7.01 -56.22 -9.66
CA SER A 244 -5.98 -55.36 -9.01
C SER A 244 -5.56 -54.27 -9.99
N PRO A 245 -5.51 -52.99 -9.57
CA PRO A 245 -5.10 -51.91 -10.47
C PRO A 245 -3.65 -52.07 -10.93
N ASP A 246 -3.35 -51.54 -12.12
CA ASP A 246 -1.98 -51.56 -12.71
C ASP A 246 -1.18 -50.45 -12.03
N LEU A 247 0.13 -50.46 -12.23
CA LEU A 247 1.09 -49.47 -11.70
C LEU A 247 1.66 -48.62 -12.86
N GLU A 248 1.70 -47.30 -12.68
CA GLU A 248 2.46 -46.37 -13.56
C GLU A 248 3.48 -45.69 -12.67
N ILE A 249 4.73 -45.61 -13.12
CA ILE A 249 5.84 -44.96 -12.35
C ILE A 249 6.46 -43.88 -13.22
N GLN A 250 6.64 -42.70 -12.65
CA GLN A 250 7.42 -41.59 -13.22
C GLN A 250 8.51 -41.24 -12.21
N GLU A 251 9.73 -41.01 -12.67
CA GLU A 251 10.90 -40.53 -11.92
C GLU A 251 11.16 -39.07 -12.30
N ILE A 252 11.58 -38.25 -11.36
CA ILE A 252 12.06 -36.86 -11.58
C ILE A 252 13.39 -36.75 -10.85
N ASN A 253 14.49 -36.84 -11.60
CA ASN A 253 15.85 -36.60 -11.07
C ASN A 253 16.18 -35.14 -11.40
N ALA A 254 15.93 -34.22 -10.46
CA ALA A 254 15.99 -32.76 -10.66
C ALA A 254 17.38 -32.36 -11.15
N ALA A 255 18.42 -32.69 -10.39
CA ALA A 255 19.83 -32.37 -10.74
C ALA A 255 20.22 -33.03 -12.09
N ASN A 256 20.05 -34.34 -12.24
CA ASN A 256 20.50 -35.14 -13.41
C ASN A 256 19.28 -35.73 -14.15
N SER A 257 18.61 -34.92 -14.98
CA SER A 257 17.33 -35.27 -15.66
C SER A 257 17.43 -36.63 -16.37
N LYS A 258 16.64 -37.61 -15.95
CA LYS A 258 16.40 -38.86 -16.74
C LYS A 258 17.45 -39.91 -16.41
N GLN A 259 18.35 -39.66 -15.45
CA GLN A 259 19.23 -40.70 -14.84
C GLN A 259 18.44 -41.47 -13.78
N PRO A 260 18.49 -42.83 -13.75
CA PRO A 260 17.68 -43.59 -12.79
C PRO A 260 18.09 -43.26 -11.34
N ILE A 261 17.10 -43.17 -10.45
CA ILE A 261 17.28 -42.61 -9.08
C ILE A 261 17.78 -43.72 -8.14
N HIS A 262 18.99 -43.55 -7.62
CA HIS A 262 19.58 -44.41 -6.58
C HIS A 262 19.80 -43.62 -5.29
N MET A 263 19.88 -44.32 -4.16
CA MET A 263 20.23 -43.77 -2.83
C MET A 263 20.87 -44.87 -1.97
N VAL A 264 21.49 -44.48 -0.87
CA VAL A 264 21.85 -45.39 0.24
C VAL A 264 20.61 -45.57 1.09
N TYR A 265 20.12 -46.79 1.26
CA TYR A 265 18.99 -47.08 2.17
C TYR A 265 18.93 -48.59 2.46
N VAL A 266 18.06 -48.95 3.39
CA VAL A 266 17.69 -50.34 3.76
C VAL A 266 16.49 -50.73 2.90
N PRO A 267 16.67 -51.46 1.78
CA PRO A 267 15.55 -51.79 0.89
C PRO A 267 14.34 -52.43 1.58
N SER A 268 14.57 -53.26 2.59
CA SER A 268 13.47 -53.95 3.34
C SER A 268 12.60 -52.89 4.04
N HIS A 269 13.19 -51.83 4.59
CA HIS A 269 12.44 -50.68 5.16
C HIS A 269 11.55 -50.03 4.09
N LEU A 270 12.14 -49.64 2.96
CA LEU A 270 11.42 -48.98 1.85
C LEU A 270 10.28 -49.90 1.38
N TYR A 271 10.58 -51.20 1.23
CA TYR A 271 9.61 -52.26 0.83
C TYR A 271 8.46 -52.34 1.84
N HIS A 272 8.72 -52.32 3.16
CA HIS A 272 7.66 -52.44 4.19
C HIS A 272 6.68 -51.28 3.98
N MET A 273 7.21 -50.07 3.81
CA MET A 273 6.40 -48.83 3.66
C MET A 273 5.54 -48.94 2.38
N LEU A 274 6.19 -49.26 1.26
CA LEU A 274 5.55 -49.28 -0.08
C LEU A 274 4.50 -50.40 -0.15
N PHE A 275 4.80 -51.56 0.45
CA PHE A 275 3.88 -52.72 0.50
C PHE A 275 2.54 -52.30 1.13
N GLU A 276 2.60 -51.69 2.31
CA GLU A 276 1.41 -51.31 3.09
C GLU A 276 0.62 -50.27 2.32
N LEU A 277 1.31 -49.28 1.74
CA LEU A 277 0.65 -48.19 0.98
C LEU A 277 -0.01 -48.77 -0.26
N PHE A 278 0.65 -49.71 -0.95
CA PHE A 278 0.08 -50.42 -2.13
C PHE A 278 -1.17 -51.19 -1.69
N LYS A 279 -1.14 -51.90 -0.55
CA LYS A 279 -2.30 -52.72 -0.12
C LYS A 279 -3.51 -51.80 0.06
N ASN A 280 -3.33 -50.68 0.78
CA ASN A 280 -4.43 -49.73 1.09
C ASN A 280 -4.99 -49.11 -0.21
N ALA A 281 -4.11 -48.61 -1.08
CA ALA A 281 -4.50 -47.99 -2.35
C ALA A 281 -5.33 -48.98 -3.17
N MET A 282 -4.88 -50.25 -3.22
CA MET A 282 -5.55 -51.30 -4.04
C MET A 282 -6.90 -51.62 -3.41
N ARG A 283 -6.95 -51.85 -2.10
CA ARG A 283 -8.23 -52.07 -1.38
C ARG A 283 -9.21 -50.96 -1.76
N ALA A 284 -8.83 -49.69 -1.60
CA ALA A 284 -9.74 -48.55 -1.83
C ALA A 284 -10.18 -48.56 -3.31
N THR A 285 -9.24 -48.75 -4.24
CA THR A 285 -9.50 -48.70 -5.69
C THR A 285 -10.53 -49.78 -6.06
N VAL A 286 -10.32 -51.00 -5.59
CA VAL A 286 -11.19 -52.16 -5.95
C VAL A 286 -12.57 -51.96 -5.33
N GLU A 287 -12.62 -51.51 -4.07
CA GLU A 287 -13.87 -51.46 -3.29
C GLU A 287 -14.76 -50.30 -3.79
N SER A 288 -14.17 -49.31 -4.45
CA SER A 288 -14.86 -48.10 -4.97
C SER A 288 -15.17 -48.26 -6.47
N HIS A 289 -14.85 -49.44 -7.04
CA HIS A 289 -15.15 -49.75 -8.46
C HIS A 289 -15.73 -51.15 -8.60
N GLU A 290 -16.68 -51.51 -7.73
CA GLU A 290 -17.42 -52.81 -7.71
C GLU A 290 -17.96 -53.13 -9.11
N SER A 291 -18.33 -52.10 -9.89
CA SER A 291 -19.09 -52.25 -11.16
C SER A 291 -18.23 -51.89 -12.38
N SER A 292 -16.96 -51.51 -12.20
CA SER A 292 -16.08 -51.00 -13.28
C SER A 292 -15.27 -52.13 -13.95
N LEU A 293 -15.07 -52.03 -15.27
CA LEU A 293 -14.30 -53.02 -16.07
C LEU A 293 -12.85 -52.56 -16.09
N ILE A 294 -12.64 -51.26 -16.26
CA ILE A 294 -11.31 -50.59 -16.08
C ILE A 294 -11.19 -50.24 -14.60
N LEU A 295 -10.07 -50.58 -13.99
CA LEU A 295 -9.66 -49.99 -12.69
C LEU A 295 -8.66 -48.87 -12.95
N PRO A 296 -8.79 -47.71 -12.27
CA PRO A 296 -7.85 -46.62 -12.45
C PRO A 296 -6.52 -47.11 -11.91
N PRO A 297 -5.40 -46.88 -12.63
CA PRO A 297 -4.10 -47.35 -12.15
C PRO A 297 -3.65 -46.60 -10.89
N ILE A 298 -2.72 -47.18 -10.12
CA ILE A 298 -2.02 -46.49 -9.01
C ILE A 298 -0.78 -45.84 -9.62
N LYS A 299 -0.65 -44.54 -9.40
CA LYS A 299 0.44 -43.70 -9.97
C LYS A 299 1.46 -43.47 -8.86
N VAL A 300 2.72 -43.74 -9.13
CA VAL A 300 3.82 -43.53 -8.15
C VAL A 300 4.82 -42.59 -8.81
N MET A 301 5.10 -41.45 -8.19
CA MET A 301 6.18 -40.56 -8.66
C MET A 301 7.34 -40.65 -7.67
N VAL A 302 8.55 -40.77 -8.19
CA VAL A 302 9.80 -40.71 -7.39
C VAL A 302 10.52 -39.44 -7.82
N ALA A 303 10.69 -38.48 -6.93
CA ALA A 303 11.43 -37.23 -7.16
C ALA A 303 12.63 -37.15 -6.22
N LEU A 304 13.78 -36.77 -6.76
CA LEU A 304 15.04 -36.55 -6.00
C LEU A 304 15.42 -35.08 -6.14
N GLY A 305 15.36 -34.34 -5.03
CA GLY A 305 15.85 -32.95 -4.91
C GLY A 305 17.19 -32.94 -4.22
N GLU A 306 17.70 -31.76 -3.82
CA GLU A 306 19.03 -31.61 -3.20
C GLU A 306 19.02 -32.22 -1.80
N GLU A 307 17.87 -32.17 -1.11
CA GLU A 307 17.74 -32.54 0.31
C GLU A 307 16.84 -33.76 0.49
N ASP A 308 15.76 -33.86 -0.30
CA ASP A 308 14.67 -34.85 -0.12
C ASP A 308 14.68 -35.86 -1.27
N LEU A 309 14.37 -37.13 -0.97
CA LEU A 309 13.85 -38.11 -1.96
C LEU A 309 12.39 -38.41 -1.61
N SER A 310 11.49 -38.16 -2.54
CA SER A 310 10.04 -38.10 -2.24
C SER A 310 9.34 -39.11 -3.13
N ILE A 311 8.45 -39.92 -2.54
CA ILE A 311 7.71 -40.99 -3.27
C ILE A 311 6.22 -40.79 -3.01
N LYS A 312 5.51 -40.35 -4.04
CA LYS A 312 4.05 -40.11 -3.99
C LYS A 312 3.37 -41.30 -4.62
N MET A 313 2.41 -41.91 -3.90
CA MET A 313 1.52 -42.96 -4.39
C MET A 313 0.12 -42.36 -4.46
N SER A 314 -0.41 -42.19 -5.67
CA SER A 314 -1.73 -41.58 -5.96
C SER A 314 -2.71 -42.65 -6.44
N ASP A 315 -3.87 -42.75 -5.81
CA ASP A 315 -4.97 -43.66 -6.20
C ASP A 315 -6.25 -42.85 -6.43
N ARG A 316 -7.16 -43.36 -7.24
CA ARG A 316 -8.53 -42.82 -7.44
C ARG A 316 -9.50 -43.74 -6.71
N GLY A 317 -9.27 -43.96 -5.42
CA GLY A 317 -10.02 -44.90 -4.56
C GLY A 317 -11.23 -44.27 -3.87
N GLY A 318 -11.57 -43.00 -4.15
CA GLY A 318 -12.78 -42.35 -3.59
C GLY A 318 -12.50 -41.57 -2.30
N GLY A 319 -11.33 -41.77 -1.71
CA GLY A 319 -10.77 -40.91 -0.65
C GLY A 319 -11.53 -41.00 0.67
N VAL A 320 -10.94 -40.39 1.69
CA VAL A 320 -11.40 -40.37 3.10
C VAL A 320 -11.64 -38.90 3.48
N PRO A 321 -12.71 -38.59 4.23
CA PRO A 321 -12.90 -37.25 4.79
C PRO A 321 -11.73 -36.86 5.71
N LEU A 322 -11.42 -35.58 5.80
CA LEU A 322 -10.26 -35.04 6.56
C LEU A 322 -10.33 -35.50 8.02
N ARG A 323 -11.55 -35.61 8.57
CA ARG A 323 -11.80 -35.91 10.00
C ARG A 323 -11.30 -37.31 10.35
N LYS A 324 -11.24 -38.24 9.38
CA LYS A 324 -10.94 -39.67 9.61
C LYS A 324 -9.49 -40.02 9.24
N ILE A 325 -8.69 -39.05 8.75
CA ILE A 325 -7.25 -39.30 8.46
C ILE A 325 -6.59 -39.77 9.76
N GLU A 326 -6.77 -39.01 10.85
CA GLU A 326 -6.19 -39.29 12.18
C GLU A 326 -6.37 -40.79 12.50
N ARG A 327 -7.59 -41.31 12.29
CA ARG A 327 -7.96 -42.72 12.58
C ARG A 327 -7.00 -43.67 11.86
N LEU A 328 -6.72 -43.44 10.57
CA LEU A 328 -5.86 -44.32 9.74
C LEU A 328 -4.51 -44.52 10.41
N PHE A 329 -4.06 -43.52 11.17
CA PHE A 329 -2.75 -43.47 11.85
C PHE A 329 -2.83 -44.03 13.27
N SER A 330 -3.99 -44.54 13.69
CA SER A 330 -4.28 -44.97 15.07
C SER A 330 -4.23 -46.49 15.19
N TYR A 331 -3.53 -46.99 16.20
CA TYR A 331 -3.49 -48.42 16.60
C TYR A 331 -4.84 -48.88 17.17
N MET A 332 -5.61 -48.00 17.80
CA MET A 332 -6.89 -48.32 18.48
C MET A 332 -7.99 -48.66 17.45
N TYR A 333 -7.99 -48.04 16.26
CA TYR A 333 -8.76 -48.55 15.08
C TYR A 333 -8.07 -49.81 14.51
N PHE A 351 -4.26 -56.36 11.25
CA PHE A 351 -3.81 -55.50 12.38
C PHE A 351 -4.47 -54.11 12.26
N GLY A 352 -4.27 -53.44 11.12
CA GLY A 352 -4.54 -52.00 10.90
C GLY A 352 -3.27 -51.14 11.02
N TYR A 353 -2.13 -51.77 11.31
CA TYR A 353 -0.90 -51.18 11.92
C TYR A 353 0.08 -50.79 10.81
N GLY A 354 -0.26 -51.11 9.56
CA GLY A 354 0.57 -50.89 8.37
C GLY A 354 0.95 -49.42 8.24
N LEU A 355 -0.03 -48.52 8.29
CA LEU A 355 0.26 -47.07 8.06
C LEU A 355 1.06 -46.50 9.23
N PRO A 356 0.61 -46.64 10.51
CA PRO A 356 1.39 -46.16 11.64
C PRO A 356 2.85 -46.66 11.62
N ILE A 357 3.04 -47.94 11.33
CA ILE A 357 4.38 -48.59 11.38
C ILE A 357 5.19 -48.16 10.17
N SER A 358 4.56 -48.05 9.00
CA SER A 358 5.21 -47.47 7.79
C SER A 358 5.76 -46.07 8.08
N ARG A 359 5.01 -45.26 8.83
CA ARG A 359 5.47 -43.93 9.25
C ARG A 359 6.70 -44.09 10.15
N LEU A 360 6.68 -45.06 11.05
CA LEU A 360 7.80 -45.26 12.01
C LEU A 360 9.08 -45.59 11.25
N TYR A 361 9.00 -46.49 10.26
CA TYR A 361 10.14 -46.84 9.36
C TYR A 361 10.68 -45.59 8.67
N ALA A 362 9.80 -44.72 8.18
CA ALA A 362 10.14 -43.43 7.52
C ALA A 362 10.89 -42.53 8.50
N LYS A 363 10.37 -42.41 9.72
CA LYS A 363 10.92 -41.49 10.77
C LYS A 363 12.26 -42.04 11.29
N TYR A 364 12.48 -43.35 11.20
CA TYR A 364 13.65 -44.02 11.83
C TYR A 364 14.96 -43.41 11.29
N PHE A 365 15.07 -43.09 9.99
CA PHE A 365 16.29 -42.48 9.40
C PHE A 365 16.05 -41.01 9.00
N GLN A 366 15.23 -40.32 9.79
CA GLN A 366 14.95 -38.86 9.75
C GLN A 366 14.02 -38.53 8.57
N GLY A 367 13.21 -39.47 8.10
CA GLY A 367 12.21 -39.21 7.04
C GLY A 367 10.87 -38.88 7.63
N ASP A 368 9.79 -38.95 6.82
CA ASP A 368 8.37 -38.88 7.28
C ASP A 368 7.50 -39.56 6.22
N LEU A 369 6.23 -39.74 6.54
CA LEU A 369 5.20 -40.33 5.68
C LEU A 369 3.93 -39.54 5.99
N GLN A 370 3.37 -38.86 5.01
CA GLN A 370 2.17 -38.02 5.15
C GLN A 370 1.13 -38.52 4.16
N LEU A 371 -0.13 -38.30 4.46
CA LEU A 371 -1.29 -38.83 3.70
C LEU A 371 -2.27 -37.68 3.50
N PHE A 372 -2.66 -37.40 2.27
CA PHE A 372 -3.60 -36.30 1.90
C PHE A 372 -4.68 -36.92 1.01
N SER A 373 -5.92 -36.87 1.44
CA SER A 373 -7.04 -37.48 0.70
C SER A 373 -7.93 -36.37 0.14
N MET A 374 -8.74 -36.72 -0.84
CA MET A 374 -9.78 -35.83 -1.39
C MET A 374 -11.07 -36.63 -1.47
N GLU A 375 -11.89 -36.54 -0.43
CA GLU A 375 -13.13 -37.33 -0.30
C GLU A 375 -13.87 -37.18 -1.62
N GLY A 376 -14.24 -38.31 -2.23
CA GLY A 376 -15.01 -38.36 -3.48
C GLY A 376 -14.13 -38.67 -4.66
N PHE A 377 -12.81 -38.56 -4.49
CA PHE A 377 -11.85 -38.69 -5.61
C PHE A 377 -10.83 -39.78 -5.33
N GLY A 378 -9.93 -39.56 -4.36
CA GLY A 378 -8.76 -40.43 -4.16
C GLY A 378 -7.81 -39.90 -3.10
N THR A 379 -6.70 -40.60 -2.92
CA THR A 379 -5.75 -40.40 -1.80
C THR A 379 -4.32 -40.32 -2.38
N ASP A 380 -3.51 -39.42 -1.81
CA ASP A 380 -2.06 -39.27 -2.10
C ASP A 380 -1.30 -39.64 -0.83
N ALA A 381 -0.39 -40.59 -0.87
CA ALA A 381 0.50 -40.92 0.26
C ALA A 381 1.91 -40.55 -0.16
N VAL A 382 2.68 -39.93 0.74
CA VAL A 382 4.05 -39.49 0.39
C VAL A 382 5.04 -40.00 1.44
N ILE A 383 6.04 -40.74 0.98
CA ILE A 383 7.26 -41.06 1.76
C ILE A 383 8.27 -39.95 1.46
N TYR A 384 8.74 -39.28 2.51
CA TYR A 384 9.86 -38.32 2.48
C TYR A 384 11.08 -39.02 3.05
N LEU A 385 12.17 -39.10 2.28
CA LEU A 385 13.47 -39.66 2.77
C LEU A 385 14.56 -38.63 2.61
N LYS A 386 15.63 -38.70 3.42
CA LYS A 386 16.86 -37.90 3.19
C LYS A 386 17.56 -38.41 1.92
N ALA A 387 17.84 -37.51 1.00
CA ALA A 387 18.61 -37.77 -0.22
C ALA A 387 20.05 -38.13 0.16
N LEU A 388 20.60 -37.51 1.21
CA LEU A 388 22.00 -37.74 1.67
C LEU A 388 22.04 -38.75 2.81
N SER A 389 23.01 -39.67 2.77
CA SER A 389 23.33 -40.67 3.82
C SER A 389 23.95 -40.01 5.07
N THR A 390 24.47 -38.79 4.94
CA THR A 390 25.07 -38.04 6.08
C THR A 390 23.94 -37.47 6.95
N ASP A 391 22.79 -37.12 6.34
CA ASP A 391 21.59 -36.59 7.04
C ASP A 391 20.82 -37.72 7.76
N SER A 392 21.13 -39.00 7.49
CA SER A 392 20.44 -40.18 8.09
C SER A 392 21.13 -40.59 9.41
N VAL A 393 20.51 -40.23 10.54
CA VAL A 393 20.83 -40.82 11.88
C VAL A 393 19.59 -41.56 12.40
N GLU A 394 19.79 -42.68 13.10
CA GLU A 394 18.72 -43.34 13.89
C GLU A 394 17.98 -42.27 14.72
N ARG A 395 16.65 -42.19 14.59
CA ARG A 395 15.77 -41.46 15.54
C ARG A 395 15.25 -42.54 16.50
N LEU A 396 15.66 -42.45 17.78
CA LEU A 396 15.24 -43.41 18.82
C LEU A 396 14.35 -42.70 19.82
N PRO A 397 13.45 -43.47 20.50
CA PRO A 397 12.64 -42.88 21.54
C PRO A 397 13.64 -42.29 22.53
N VAL A 398 13.36 -41.06 23.00
CA VAL A 398 14.15 -40.42 24.08
C VAL A 398 13.60 -40.98 25.40
N TYR A 399 14.40 -41.73 26.16
CA TYR A 399 14.02 -42.38 27.43
C TYR A 399 14.58 -41.58 28.61
N ASN A 400 14.12 -41.91 29.81
CA ASN A 400 14.71 -41.43 31.08
C ASN A 400 14.55 -39.90 31.16
N LYS A 401 13.55 -39.32 30.48
CA LYS A 401 13.11 -37.92 30.72
C LYS A 401 12.52 -37.87 32.13
N SER A 402 12.67 -36.77 32.87
CA SER A 402 12.09 -36.65 34.23
C SER A 402 10.57 -36.45 34.13
N ALA A 403 9.82 -37.07 35.05
CA ALA A 403 8.36 -36.89 35.22
C ALA A 403 8.10 -35.47 35.74
N TRP A 404 9.07 -34.86 36.42
CA TRP A 404 9.10 -33.45 36.88
C TRP A 404 9.43 -32.48 35.73
N ARG A 405 8.50 -31.61 35.33
CA ARG A 405 8.73 -30.58 34.29
C ARG A 405 9.25 -29.31 34.98
N HIS A 406 10.38 -28.78 34.51
CA HIS A 406 10.96 -27.47 34.94
C HIS A 406 10.06 -26.34 34.41
N TYR A 407 9.84 -25.27 35.21
CA TYR A 407 9.03 -24.09 34.82
C TYR A 407 9.96 -23.01 34.25
N GLN A 408 9.40 -22.10 33.42
CA GLN A 408 10.15 -21.18 32.51
C GLN A 408 9.62 -19.74 32.67
N THR A 409 10.48 -18.70 32.69
CA THR A 409 10.10 -17.28 32.96
C THR A 409 10.70 -16.34 31.89
N ILE A 410 10.69 -15.01 32.15
CA ILE A 410 11.21 -13.94 31.25
C ILE A 410 12.73 -13.83 31.40
N LEU B 38 -9.60 10.61 31.11
CA LEU B 38 -10.93 10.43 31.71
C LEU B 38 -11.65 9.18 31.14
N ALA B 39 -11.33 8.74 29.91
CA ALA B 39 -12.08 7.71 29.14
C ALA B 39 -11.49 6.31 29.40
N GLY B 40 -12.28 5.45 30.04
CA GLY B 40 -11.79 4.31 30.82
C GLY B 40 -11.76 3.05 29.99
N ALA B 41 -10.91 2.97 28.97
CA ALA B 41 -10.69 1.73 28.18
C ALA B 41 -10.44 0.56 29.12
N PRO B 42 -9.41 0.62 30.00
CA PRO B 42 -9.09 -0.49 30.89
C PRO B 42 -10.31 -1.03 31.67
N LYS B 43 -11.15 -0.15 32.21
CA LYS B 43 -12.36 -0.57 32.95
C LYS B 43 -13.09 -1.58 32.06
N TYR B 44 -13.42 -1.17 30.84
CA TYR B 44 -14.23 -1.93 29.85
C TYR B 44 -13.49 -3.18 29.36
N ILE B 45 -12.21 -3.06 29.02
CA ILE B 45 -11.34 -4.20 28.60
C ILE B 45 -11.36 -5.28 29.69
N GLU B 46 -11.16 -4.90 30.96
CA GLU B 46 -11.19 -5.85 32.11
C GLU B 46 -12.58 -6.49 32.22
N HIS B 47 -13.63 -5.69 32.11
CA HIS B 47 -15.02 -6.19 32.21
C HIS B 47 -15.28 -7.21 31.11
N PHE B 48 -15.17 -6.83 29.85
CA PHE B 48 -15.67 -7.63 28.70
C PHE B 48 -14.79 -8.87 28.49
N SER B 49 -13.52 -8.84 28.92
CA SER B 49 -12.55 -9.96 28.80
C SER B 49 -12.88 -11.08 29.80
N LYS B 50 -13.79 -10.87 30.75
CA LYS B 50 -14.17 -11.95 31.72
C LYS B 50 -15.19 -12.89 31.06
N PHE B 51 -15.63 -12.63 29.82
CA PHE B 51 -16.65 -13.44 29.10
C PHE B 51 -16.02 -14.08 27.87
N SER B 52 -16.60 -15.20 27.46
CA SER B 52 -16.16 -16.01 26.31
C SER B 52 -16.95 -15.61 25.06
N PRO B 53 -16.26 -15.42 23.92
CA PRO B 53 -16.94 -15.30 22.62
C PRO B 53 -17.95 -16.43 22.41
N SER B 54 -19.05 -16.12 21.70
CA SER B 54 -20.15 -17.06 21.37
C SER B 54 -19.99 -17.44 19.90
N PRO B 55 -19.53 -18.67 19.59
CA PRO B 55 -19.36 -19.08 18.21
C PRO B 55 -20.74 -19.24 17.56
N LEU B 56 -20.91 -18.78 16.31
CA LEU B 56 -22.15 -18.97 15.53
C LEU B 56 -21.94 -19.98 14.42
N SER B 57 -22.98 -20.72 14.07
CA SER B 57 -22.99 -21.68 12.94
C SER B 57 -23.30 -20.93 11.66
N MET B 58 -22.92 -21.51 10.51
CA MET B 58 -23.26 -20.94 9.19
C MET B 58 -24.79 -20.85 9.11
N LYS B 59 -25.51 -21.87 9.61
CA LYS B 59 -27.00 -21.89 9.62
C LYS B 59 -27.50 -20.65 10.36
N GLN B 60 -27.01 -20.39 11.57
CA GLN B 60 -27.39 -19.21 12.39
C GLN B 60 -27.17 -17.92 11.60
N PHE B 61 -26.11 -17.83 10.81
CA PHE B 61 -25.83 -16.63 9.97
C PHE B 61 -26.88 -16.52 8.87
N LEU B 62 -27.21 -17.65 8.24
CA LEU B 62 -28.20 -17.73 7.14
C LEU B 62 -29.58 -17.28 7.65
N ASP B 63 -30.03 -17.78 8.80
CA ASP B 63 -31.41 -17.60 9.32
C ASP B 63 -31.78 -16.12 9.57
N PHE B 64 -30.82 -15.17 9.60
CA PHE B 64 -31.09 -13.72 9.89
C PHE B 64 -31.73 -13.01 8.68
N GLY B 65 -33.05 -12.83 8.75
CA GLY B 65 -33.86 -12.07 7.78
C GLY B 65 -33.64 -10.59 7.94
N SER B 66 -34.07 -9.77 6.99
CA SER B 66 -33.82 -8.30 6.94
C SER B 66 -34.74 -7.54 7.91
N SER B 67 -35.55 -8.23 8.73
CA SER B 67 -36.68 -7.68 9.53
C SER B 67 -36.20 -6.57 10.49
N ASN B 68 -37.06 -5.63 10.92
CA ASN B 68 -36.82 -4.75 12.11
C ASN B 68 -36.56 -5.63 13.35
N ALA B 69 -37.25 -6.78 13.45
CA ALA B 69 -37.16 -7.75 14.57
C ALA B 69 -35.78 -8.43 14.54
N CYS B 70 -35.28 -8.70 13.33
CA CYS B 70 -33.92 -9.21 13.12
C CYS B 70 -32.93 -8.12 13.48
N GLU B 71 -33.11 -6.88 13.02
CA GLU B 71 -32.13 -5.78 13.23
C GLU B 71 -31.91 -5.58 14.74
N LYS B 72 -32.99 -5.74 15.52
CA LYS B 72 -32.97 -5.52 16.99
C LYS B 72 -32.19 -6.66 17.66
N THR B 73 -32.46 -7.90 17.26
CA THR B 73 -31.77 -9.13 17.75
C THR B 73 -30.27 -8.96 17.47
N SER B 74 -29.91 -8.55 16.26
CA SER B 74 -28.49 -8.37 15.84
C SER B 74 -27.86 -7.27 16.70
N PHE B 75 -28.50 -6.11 16.80
CA PHE B 75 -28.03 -4.96 17.61
C PHE B 75 -27.73 -5.41 19.05
N THR B 76 -28.68 -6.08 19.71
CA THR B 76 -28.53 -6.42 21.16
C THR B 76 -27.46 -7.50 21.31
N PHE B 77 -27.26 -8.35 20.30
CA PHE B 77 -26.24 -9.43 20.30
C PHE B 77 -24.85 -8.84 20.08
N LEU B 78 -24.68 -8.00 19.07
CA LEU B 78 -23.38 -7.44 18.62
C LEU B 78 -22.89 -6.38 19.60
N ARG B 79 -23.77 -5.69 20.35
CA ARG B 79 -23.32 -4.63 21.31
C ARG B 79 -22.76 -5.28 22.58
N GLN B 80 -23.02 -6.58 22.80
CA GLN B 80 -22.31 -7.40 23.81
C GLN B 80 -21.17 -8.19 23.16
N GLU B 81 -21.42 -8.86 22.04
CA GLU B 81 -20.47 -9.84 21.45
C GLU B 81 -19.24 -9.12 20.88
N LEU B 82 -19.39 -8.06 20.11
CA LEU B 82 -18.22 -7.34 19.54
C LEU B 82 -17.28 -6.95 20.69
N PRO B 83 -17.76 -6.25 21.74
CA PRO B 83 -16.87 -5.81 22.83
C PRO B 83 -16.14 -6.96 23.53
N VAL B 84 -16.79 -8.12 23.68
CA VAL B 84 -16.22 -9.38 24.24
C VAL B 84 -15.08 -9.86 23.34
N ARG B 85 -15.33 -9.93 22.03
CA ARG B 85 -14.33 -10.33 21.01
C ARG B 85 -13.18 -9.32 21.04
N LEU B 86 -13.50 -8.04 21.09
CA LEU B 86 -12.50 -6.95 21.08
C LEU B 86 -11.70 -6.98 22.39
N ALA B 87 -12.38 -7.07 23.53
CA ALA B 87 -11.76 -7.03 24.87
C ALA B 87 -10.79 -8.20 25.02
N ASN B 88 -11.18 -9.38 24.55
CA ASN B 88 -10.36 -10.60 24.72
C ASN B 88 -9.02 -10.40 24.01
N ILE B 89 -9.05 -10.01 22.72
CA ILE B 89 -7.79 -9.91 21.93
C ILE B 89 -7.00 -8.68 22.41
N MET B 90 -7.66 -7.69 23.03
CA MET B 90 -7.02 -6.45 23.55
C MET B 90 -6.24 -6.78 24.83
N LYS B 91 -6.88 -7.49 25.76
CA LYS B 91 -6.22 -8.11 26.94
C LYS B 91 -4.95 -8.82 26.50
N GLU B 92 -4.99 -9.58 25.39
CA GLU B 92 -3.90 -10.48 24.95
C GLU B 92 -2.78 -9.66 24.32
N ILE B 93 -3.10 -8.60 23.58
CA ILE B 93 -2.06 -7.69 23.04
C ILE B 93 -1.26 -7.15 24.23
N ASN B 94 -1.93 -6.77 25.33
CA ASN B 94 -1.29 -6.12 26.51
C ASN B 94 -0.44 -7.14 27.30
N LEU B 95 -0.44 -8.44 26.93
CA LEU B 95 0.42 -9.49 27.53
C LEU B 95 1.62 -9.83 26.62
N LEU B 96 1.67 -9.32 25.39
CA LEU B 96 2.83 -9.53 24.50
C LEU B 96 4.08 -9.03 25.21
N PRO B 97 5.28 -9.56 24.86
CA PRO B 97 6.55 -8.99 25.31
C PRO B 97 6.67 -7.48 25.06
N ASP B 98 7.26 -6.71 25.98
CA ASP B 98 7.34 -5.23 25.86
C ASP B 98 8.14 -4.80 24.62
N ARG B 99 9.05 -5.65 24.14
CA ARG B 99 9.87 -5.41 22.92
C ARG B 99 8.98 -5.21 21.68
N VAL B 100 7.78 -5.81 21.68
CA VAL B 100 6.81 -5.82 20.55
C VAL B 100 5.74 -4.76 20.81
N LEU B 101 5.29 -4.68 22.06
CA LEU B 101 4.12 -3.87 22.47
C LEU B 101 4.47 -2.39 22.28
N SER B 102 5.73 -2.03 22.43
CA SER B 102 6.21 -0.64 22.35
C SER B 102 6.55 -0.27 20.90
N THR B 103 6.36 -1.17 19.93
CA THR B 103 6.59 -0.83 18.49
C THR B 103 5.49 0.13 18.06
N PRO B 104 5.81 1.19 17.28
CA PRO B 104 4.80 2.18 16.87
C PRO B 104 3.53 1.53 16.28
N SER B 105 3.70 0.58 15.36
CA SER B 105 2.60 -0.05 14.59
C SER B 105 1.70 -0.88 15.51
N VAL B 106 2.24 -1.55 16.53
CA VAL B 106 1.41 -2.32 17.50
C VAL B 106 0.60 -1.34 18.36
N GLN B 107 1.26 -0.31 18.89
CA GLN B 107 0.61 0.76 19.69
C GLN B 107 -0.56 1.34 18.88
N LEU B 108 -0.36 1.52 17.57
CA LEU B 108 -1.36 2.09 16.63
C LEU B 108 -2.56 1.14 16.53
N VAL B 109 -2.33 -0.15 16.25
CA VAL B 109 -3.43 -1.15 16.14
C VAL B 109 -4.19 -1.15 17.47
N GLN B 110 -3.49 -1.11 18.59
CA GLN B 110 -4.12 -1.12 19.93
C GLN B 110 -5.02 0.11 20.09
N SER B 111 -4.56 1.27 19.64
CA SER B 111 -5.37 2.52 19.72
C SER B 111 -6.64 2.38 18.88
N TRP B 112 -6.57 1.74 17.72
CA TRP B 112 -7.76 1.57 16.82
C TRP B 112 -8.78 0.65 17.50
N TYR B 113 -8.32 -0.33 18.28
CA TYR B 113 -9.19 -1.30 19.01
C TYR B 113 -9.87 -0.57 20.17
N VAL B 114 -9.15 0.25 20.93
CA VAL B 114 -9.72 1.13 22.01
C VAL B 114 -10.83 1.99 21.39
N GLN B 115 -10.52 2.77 20.34
CA GLN B 115 -11.48 3.67 19.65
C GLN B 115 -12.77 2.88 19.31
N SER B 116 -12.61 1.71 18.70
CA SER B 116 -13.72 0.85 18.20
C SER B 116 -14.53 0.32 19.39
N LEU B 117 -13.85 -0.18 20.43
CA LEU B 117 -14.54 -0.64 21.65
C LEU B 117 -15.36 0.53 22.18
N LEU B 118 -14.75 1.71 22.36
CA LEU B 118 -15.43 2.91 22.91
C LEU B 118 -16.63 3.24 22.04
N ASP B 119 -16.43 3.33 20.72
CA ASP B 119 -17.51 3.53 19.72
C ASP B 119 -18.75 2.69 20.08
N ILE B 120 -18.57 1.39 20.33
CA ILE B 120 -19.70 0.44 20.58
C ILE B 120 -20.29 0.69 21.98
N MET B 121 -19.49 1.16 22.93
CA MET B 121 -19.91 1.35 24.35
C MET B 121 -20.97 2.44 24.41
N GLU B 122 -20.92 3.43 23.52
CA GLU B 122 -21.93 4.51 23.38
C GLU B 122 -23.31 3.88 23.28
N PHE B 123 -23.42 2.65 22.76
CA PHE B 123 -24.71 1.99 22.39
C PHE B 123 -25.25 1.09 23.52
N LEU B 124 -24.53 0.95 24.62
CA LEU B 124 -24.83 -0.06 25.68
C LEU B 124 -26.17 0.22 26.37
N ASP B 125 -26.55 1.49 26.58
CA ASP B 125 -27.77 1.88 27.34
C ASP B 125 -28.86 2.40 26.38
N LYS B 126 -28.57 2.56 25.08
CA LYS B 126 -29.52 3.08 24.06
C LYS B 126 -30.65 2.06 23.87
N ASP B 127 -31.80 2.50 23.36
CA ASP B 127 -33.03 1.67 23.20
C ASP B 127 -33.01 1.02 21.81
N PRO B 128 -33.09 -0.34 21.72
CA PRO B 128 -33.28 -1.01 20.44
C PRO B 128 -34.58 -0.62 19.72
N GLU B 129 -35.66 -0.33 20.45
CA GLU B 129 -37.00 0.01 19.90
C GLU B 129 -36.94 1.31 19.08
N ASP B 130 -35.93 2.16 19.29
CA ASP B 130 -35.75 3.46 18.57
C ASP B 130 -35.02 3.23 17.24
N HIS B 131 -35.69 3.51 16.12
CA HIS B 131 -35.18 3.30 14.73
C HIS B 131 -33.88 4.08 14.49
N ARG B 132 -33.62 5.15 15.23
CA ARG B 132 -32.45 6.05 15.03
C ARG B 132 -31.21 5.41 15.69
N THR B 133 -31.41 4.68 16.79
CA THR B 133 -30.37 3.87 17.47
C THR B 133 -29.78 2.86 16.49
N LEU B 134 -30.63 2.05 15.88
CA LEU B 134 -30.26 0.97 14.93
C LEU B 134 -29.49 1.56 13.74
N SER B 135 -29.89 2.73 13.27
CA SER B 135 -29.30 3.42 12.09
C SER B 135 -27.90 3.93 12.45
N GLN B 136 -27.76 4.53 13.62
CA GLN B 136 -26.48 5.10 14.13
C GLN B 136 -25.49 3.95 14.35
N PHE B 137 -25.97 2.85 14.95
CA PHE B 137 -25.18 1.61 15.20
C PHE B 137 -24.56 1.16 13.89
N THR B 138 -25.38 0.98 12.88
CA THR B 138 -24.94 0.47 11.56
C THR B 138 -23.85 1.39 11.00
N ASP B 139 -23.97 2.71 11.21
CA ASP B 139 -22.96 3.69 10.73
C ASP B 139 -21.68 3.55 11.55
N ALA B 140 -21.81 3.29 12.85
CA ALA B 140 -20.66 3.07 13.75
C ALA B 140 -19.91 1.83 13.29
N LEU B 141 -20.63 0.76 12.92
CA LEU B 141 -19.99 -0.50 12.49
C LEU B 141 -19.24 -0.26 11.18
N VAL B 142 -19.83 0.47 10.24
CA VAL B 142 -19.17 0.81 8.94
C VAL B 142 -17.89 1.60 9.25
N THR B 143 -17.93 2.54 10.19
CA THR B 143 -16.76 3.36 10.60
C THR B 143 -15.70 2.42 11.15
N ILE B 144 -16.10 1.52 12.05
CA ILE B 144 -15.22 0.47 12.63
C ILE B 144 -14.63 -0.37 11.48
N ARG B 145 -15.48 -0.88 10.58
CA ARG B 145 -15.02 -1.71 9.43
C ARG B 145 -13.92 -0.96 8.70
N ASN B 146 -14.15 0.33 8.41
CA ASN B 146 -13.22 1.18 7.63
C ASN B 146 -11.94 1.43 8.44
N ARG B 147 -12.09 1.71 9.74
CA ARG B 147 -10.95 1.96 10.66
C ARG B 147 -9.95 0.80 10.57
N HIS B 148 -10.44 -0.44 10.47
CA HIS B 148 -9.63 -1.68 10.63
C HIS B 148 -9.19 -2.26 9.27
N ASN B 149 -9.38 -1.55 8.15
CA ASN B 149 -9.03 -2.03 6.78
C ASN B 149 -7.54 -2.40 6.72
N ASP B 150 -6.72 -1.58 7.37
CA ASP B 150 -5.24 -1.41 7.31
C ASP B 150 -4.56 -2.40 8.29
N VAL B 151 -5.34 -3.10 9.10
CA VAL B 151 -4.85 -3.74 10.36
C VAL B 151 -3.79 -4.78 10.01
N VAL B 152 -4.01 -5.60 8.99
CA VAL B 152 -3.10 -6.75 8.66
C VAL B 152 -1.72 -6.23 8.32
N PRO B 153 -1.53 -5.38 7.28
CA PRO B 153 -0.20 -4.83 6.98
C PRO B 153 0.42 -3.98 8.10
N THR B 154 -0.38 -3.34 8.96
CA THR B 154 0.10 -2.53 10.12
C THR B 154 0.69 -3.47 11.19
N MET B 155 -0.02 -4.54 11.53
CA MET B 155 0.49 -5.53 12.52
C MET B 155 1.80 -6.13 11.95
N ALA B 156 1.83 -6.44 10.66
CA ALA B 156 3.03 -6.96 9.95
C ALA B 156 4.18 -5.95 10.06
N GLN B 157 3.87 -4.66 9.92
CA GLN B 157 4.84 -3.52 10.00
C GLN B 157 5.45 -3.50 11.41
N GLY B 158 4.63 -3.73 12.44
CA GLY B 158 5.06 -3.84 13.85
C GLY B 158 5.99 -5.01 14.07
N VAL B 159 5.71 -6.16 13.45
CA VAL B 159 6.53 -7.41 13.56
C VAL B 159 7.89 -7.13 12.93
N LEU B 160 7.92 -6.44 11.77
CA LEU B 160 9.17 -6.00 11.10
C LEU B 160 9.95 -5.01 11.98
N GLU B 161 9.26 -4.06 12.61
CA GLU B 161 9.86 -3.08 13.56
C GLU B 161 10.54 -3.84 14.70
N TYR B 162 9.89 -4.87 15.26
CA TYR B 162 10.43 -5.68 16.38
C TYR B 162 11.64 -6.46 15.87
N LYS B 163 11.50 -7.19 14.76
CA LYS B 163 12.57 -8.02 14.16
C LYS B 163 13.81 -7.14 13.98
N ASP B 164 13.66 -5.96 13.36
CA ASP B 164 14.78 -5.11 12.89
C ASP B 164 15.30 -4.19 14.00
N THR B 165 14.75 -4.25 15.23
CA THR B 165 15.24 -3.49 16.41
C THR B 165 15.75 -4.42 17.53
N TYR B 166 15.15 -5.61 17.72
CA TYR B 166 15.43 -6.53 18.85
C TYR B 166 15.83 -7.93 18.32
N GLY B 167 15.91 -8.16 17.00
CA GLY B 167 16.45 -9.40 16.43
C GLY B 167 15.50 -10.58 16.54
N ASP B 168 16.04 -11.79 16.30
CA ASP B 168 15.30 -13.07 16.25
C ASP B 168 15.96 -14.09 17.21
N ASP B 169 15.68 -13.94 18.51
CA ASP B 169 15.80 -15.02 19.54
C ASP B 169 14.61 -15.98 19.35
N PRO B 170 14.84 -17.30 19.14
CA PRO B 170 13.78 -18.20 18.65
C PRO B 170 12.62 -18.47 19.63
N VAL B 171 12.70 -18.01 20.89
CA VAL B 171 11.63 -18.12 21.93
C VAL B 171 10.52 -17.09 21.62
N SER B 172 10.92 -15.84 21.39
CA SER B 172 10.04 -14.68 21.10
C SER B 172 9.35 -14.84 19.72
N ASN B 173 9.90 -15.64 18.81
CA ASN B 173 9.32 -15.87 17.46
C ASN B 173 8.17 -16.88 17.52
N GLN B 174 8.28 -17.94 18.33
CA GLN B 174 7.18 -18.93 18.56
C GLN B 174 6.06 -18.23 19.36
N ASN B 175 6.39 -17.18 20.13
CA ASN B 175 5.44 -16.32 20.90
C ASN B 175 4.63 -15.45 19.94
N ILE B 176 5.30 -14.73 19.03
CA ILE B 176 4.68 -13.86 17.99
C ILE B 176 3.85 -14.71 17.04
N GLN B 177 4.34 -15.89 16.63
CA GLN B 177 3.60 -16.82 15.72
C GLN B 177 2.26 -17.19 16.38
N TYR B 178 2.35 -17.60 17.63
CA TYR B 178 1.19 -18.02 18.47
C TYR B 178 0.19 -16.86 18.53
N PHE B 179 0.65 -15.66 18.86
CA PHE B 179 -0.19 -14.46 19.04
C PHE B 179 -0.81 -14.09 17.70
N LEU B 180 -0.03 -14.07 16.64
CA LEU B 180 -0.52 -13.59 15.32
C LEU B 180 -1.62 -14.54 14.79
N ASP B 181 -1.49 -15.85 14.96
CA ASP B 181 -2.54 -16.79 14.51
C ASP B 181 -3.85 -16.46 15.22
N ARG B 182 -3.77 -16.17 16.52
CA ARG B 182 -4.95 -15.86 17.37
C ARG B 182 -5.52 -14.51 16.91
N PHE B 183 -4.67 -13.48 16.81
CA PHE B 183 -5.08 -12.10 16.46
C PHE B 183 -5.83 -12.10 15.12
N TYR B 184 -5.25 -12.74 14.11
CA TYR B 184 -5.78 -12.73 12.72
C TYR B 184 -7.04 -13.59 12.64
N LEU B 185 -7.16 -14.67 13.43
CA LEU B 185 -8.42 -15.46 13.46
C LEU B 185 -9.51 -14.62 14.15
N SER B 186 -9.17 -14.03 15.30
CA SER B 186 -10.02 -13.05 16.02
C SER B 186 -10.55 -12.01 15.02
N ARG B 187 -9.64 -11.42 14.25
CA ARG B 187 -9.96 -10.34 13.26
C ARG B 187 -10.96 -10.86 12.22
N ILE B 188 -10.72 -12.02 11.62
CA ILE B 188 -11.65 -12.64 10.63
C ILE B 188 -13.06 -12.76 11.25
N SER B 189 -13.16 -13.21 12.51
CA SER B 189 -14.46 -13.47 13.20
C SER B 189 -15.21 -12.13 13.41
N ILE B 190 -14.48 -11.04 13.62
CA ILE B 190 -15.04 -9.70 13.96
C ILE B 190 -15.54 -9.06 12.66
N ARG B 191 -14.77 -9.13 11.58
CA ARG B 191 -15.19 -8.57 10.27
C ARG B 191 -16.39 -9.34 9.73
N MET B 192 -16.49 -10.63 10.02
CA MET B 192 -17.62 -11.48 9.61
C MET B 192 -18.88 -10.92 10.29
N LEU B 193 -18.82 -10.67 11.60
CA LEU B 193 -19.99 -10.21 12.38
C LEU B 193 -20.45 -8.86 11.84
N ILE B 194 -19.50 -7.96 11.60
CA ILE B 194 -19.76 -6.57 11.15
C ILE B 194 -20.27 -6.62 9.71
N ASN B 195 -19.66 -7.43 8.84
CA ASN B 195 -20.07 -7.58 7.42
C ASN B 195 -21.53 -8.03 7.39
N GLN B 196 -21.89 -9.06 8.16
CA GLN B 196 -23.27 -9.58 8.16
C GLN B 196 -24.22 -8.44 8.55
N HIS B 197 -23.91 -7.63 9.54
CA HIS B 197 -24.84 -6.58 10.03
C HIS B 197 -24.96 -5.49 8.96
N THR B 198 -23.83 -4.91 8.56
CA THR B 198 -23.79 -3.76 7.60
C THR B 198 -24.45 -4.17 6.27
N LEU B 199 -24.05 -5.30 5.68
CA LEU B 199 -24.59 -5.75 4.37
C LEU B 199 -26.09 -6.06 4.47
N ILE B 200 -26.57 -6.74 5.53
CA ILE B 200 -28.02 -7.09 5.66
C ILE B 200 -28.85 -5.83 5.92
N PHE B 201 -28.45 -4.98 6.87
CA PHE B 201 -29.26 -3.82 7.36
C PHE B 201 -28.70 -2.49 6.82
N ASP B 202 -28.26 -2.45 5.56
CA ASP B 202 -27.66 -1.27 4.88
C ASP B 202 -28.77 -0.33 4.44
N GLY B 203 -29.78 -0.88 3.75
CA GLY B 203 -31.07 -0.21 3.45
C GLY B 203 -31.08 0.53 2.12
N SER B 204 -30.25 0.13 1.14
CA SER B 204 -30.26 0.68 -0.24
C SER B 204 -31.14 -0.22 -1.14
N THR B 205 -31.87 0.38 -2.11
CA THR B 205 -33.11 -0.15 -2.75
C THR B 205 -32.82 -1.33 -3.69
N ASN B 206 -31.91 -1.16 -4.66
CA ASN B 206 -31.42 -2.23 -5.58
C ASN B 206 -29.99 -2.63 -5.20
N PRO B 207 -29.78 -3.69 -4.37
CA PRO B 207 -28.43 -4.05 -3.90
C PRO B 207 -27.51 -4.63 -4.97
N ALA B 208 -26.24 -4.88 -4.63
CA ALA B 208 -25.25 -5.51 -5.54
C ALA B 208 -25.58 -7.00 -5.73
N HIS B 209 -25.55 -7.76 -4.64
CA HIS B 209 -25.72 -9.25 -4.60
C HIS B 209 -27.02 -9.61 -3.88
N PRO B 210 -28.19 -9.52 -4.56
CA PRO B 210 -29.47 -9.79 -3.90
C PRO B 210 -29.65 -11.28 -3.55
N LYS B 211 -28.88 -12.16 -4.19
CA LYS B 211 -28.86 -13.61 -3.90
C LYS B 211 -28.35 -13.82 -2.45
N HIS B 212 -27.41 -12.98 -1.98
CA HIS B 212 -26.59 -13.18 -0.76
C HIS B 212 -27.33 -12.84 0.53
N ILE B 213 -27.01 -13.57 1.58
CA ILE B 213 -27.37 -13.25 2.99
C ILE B 213 -26.12 -12.63 3.63
N GLY B 214 -26.00 -11.31 3.53
CA GLY B 214 -24.80 -10.56 3.90
C GLY B 214 -23.65 -10.92 2.96
N SER B 215 -22.60 -11.52 3.51
CA SER B 215 -21.39 -11.95 2.79
C SER B 215 -21.52 -13.43 2.38
N ILE B 216 -22.56 -14.11 2.84
CA ILE B 216 -22.76 -15.57 2.57
C ILE B 216 -23.57 -15.74 1.28
N ASP B 217 -22.98 -16.46 0.32
CA ASP B 217 -23.66 -16.97 -0.90
C ASP B 217 -24.17 -18.38 -0.61
N PRO B 218 -25.50 -18.60 -0.51
CA PRO B 218 -26.03 -19.93 -0.20
C PRO B 218 -25.93 -20.88 -1.40
N ASN B 219 -25.59 -20.35 -2.59
CA ASN B 219 -25.43 -21.13 -3.83
C ASN B 219 -24.10 -20.73 -4.47
N CYS B 220 -23.04 -20.75 -3.68
CA CYS B 220 -21.68 -20.35 -4.11
C CYS B 220 -21.14 -21.39 -5.10
N ASN B 221 -20.89 -20.96 -6.33
CA ASN B 221 -20.28 -21.77 -7.42
C ASN B 221 -18.76 -21.76 -7.21
N VAL B 222 -18.21 -22.83 -6.68
CA VAL B 222 -16.78 -22.90 -6.31
C VAL B 222 -15.90 -22.56 -7.52
N SER B 223 -16.15 -23.17 -8.67
CA SER B 223 -15.30 -22.99 -9.87
C SER B 223 -15.30 -21.54 -10.32
N GLU B 224 -16.38 -20.80 -10.11
CA GLU B 224 -16.48 -19.37 -10.56
C GLU B 224 -15.49 -18.57 -9.72
N VAL B 225 -15.36 -18.92 -8.44
CA VAL B 225 -14.45 -18.21 -7.50
C VAL B 225 -13.00 -18.57 -7.87
N VAL B 226 -12.75 -19.81 -8.27
CA VAL B 226 -11.41 -20.30 -8.69
C VAL B 226 -10.96 -19.46 -9.88
N LYS B 227 -11.83 -19.33 -10.89
CA LYS B 227 -11.57 -18.54 -12.14
C LYS B 227 -11.28 -17.07 -11.77
N ASP B 228 -12.08 -16.47 -10.88
CA ASP B 228 -11.87 -15.08 -10.40
C ASP B 228 -10.46 -14.93 -9.81
N ALA B 229 -10.14 -15.80 -8.85
CA ALA B 229 -8.85 -15.78 -8.12
C ALA B 229 -7.73 -15.91 -9.13
N TYR B 230 -7.88 -16.84 -10.10
CA TYR B 230 -6.87 -17.07 -11.16
C TYR B 230 -6.71 -15.79 -12.00
N ASP B 231 -7.82 -15.23 -12.47
CA ASP B 231 -7.83 -14.03 -13.36
C ASP B 231 -6.98 -12.94 -12.70
N MET B 232 -7.19 -12.64 -11.42
CA MET B 232 -6.45 -11.55 -10.74
C MET B 232 -5.00 -11.96 -10.53
N ALA B 233 -4.76 -13.22 -10.22
CA ALA B 233 -3.38 -13.75 -10.03
C ALA B 233 -2.63 -13.63 -11.35
N LYS B 234 -3.26 -14.06 -12.45
CA LYS B 234 -2.66 -14.00 -13.80
C LYS B 234 -2.31 -12.55 -14.18
N LEU B 235 -3.20 -11.62 -13.86
CA LEU B 235 -2.98 -10.18 -14.11
C LEU B 235 -1.65 -9.77 -13.44
N LEU B 236 -1.49 -10.02 -12.14
CA LEU B 236 -0.30 -9.62 -11.35
C LEU B 236 0.93 -10.32 -11.89
N CYS B 237 0.84 -11.63 -12.09
CA CYS B 237 1.94 -12.43 -12.67
C CYS B 237 2.38 -11.80 -14.00
N ASP B 238 1.42 -11.47 -14.89
CA ASP B 238 1.67 -10.85 -16.23
C ASP B 238 2.33 -9.48 -16.06
N LYS B 239 2.04 -8.74 -14.99
CA LYS B 239 2.61 -7.39 -14.76
C LYS B 239 4.11 -7.48 -14.47
N TYR B 240 4.53 -8.41 -13.60
CA TYR B 240 5.89 -8.43 -12.97
C TYR B 240 6.83 -9.39 -13.74
N TYR B 241 6.28 -10.41 -14.41
CA TYR B 241 6.92 -11.27 -15.44
C TYR B 241 6.02 -11.14 -16.66
N MET B 242 6.48 -11.40 -17.89
CA MET B 242 5.62 -11.20 -19.10
C MET B 242 4.86 -12.50 -19.41
N ALA B 243 4.99 -13.50 -18.55
CA ALA B 243 4.38 -14.83 -18.71
C ALA B 243 3.58 -15.19 -17.45
N SER B 244 2.62 -16.08 -17.61
CA SER B 244 1.79 -16.62 -16.50
C SER B 244 1.23 -17.96 -16.93
N PRO B 245 1.29 -19.00 -16.07
CA PRO B 245 0.76 -20.31 -16.41
C PRO B 245 -0.76 -20.27 -16.64
N ASP B 246 -1.26 -21.18 -17.46
CA ASP B 246 -2.70 -21.36 -17.76
C ASP B 246 -3.31 -22.14 -16.60
N LEU B 247 -4.66 -22.17 -16.54
CA LEU B 247 -5.44 -22.87 -15.49
C LEU B 247 -6.19 -24.03 -16.13
N GLU B 248 -6.15 -25.20 -15.50
CA GLU B 248 -7.02 -26.35 -15.84
C GLU B 248 -7.84 -26.62 -14.59
N ILE B 249 -9.15 -26.82 -14.73
CA ILE B 249 -10.04 -27.20 -13.61
C ILE B 249 -10.76 -28.48 -13.97
N GLN B 250 -10.74 -29.43 -13.04
CA GLN B 250 -11.57 -30.65 -13.05
C GLN B 250 -12.43 -30.58 -11.78
N GLU B 251 -13.71 -30.90 -11.93
CA GLU B 251 -14.70 -31.03 -10.84
C GLU B 251 -15.02 -32.51 -10.68
N ILE B 252 -15.21 -32.99 -9.45
CA ILE B 252 -15.69 -34.36 -9.14
C ILE B 252 -16.83 -34.19 -8.15
N ASN B 253 -18.06 -34.26 -8.63
CA ASN B 253 -19.28 -34.25 -7.77
C ASN B 253 -19.65 -35.72 -7.57
N ALA B 254 -19.16 -36.32 -6.49
CA ALA B 254 -19.18 -37.77 -6.25
C ALA B 254 -20.62 -38.28 -6.30
N ALA B 255 -21.50 -37.73 -5.46
CA ALA B 255 -22.93 -38.14 -5.38
C ALA B 255 -23.62 -37.88 -6.73
N ASN B 256 -23.57 -36.65 -7.26
CA ASN B 256 -24.34 -36.23 -8.46
C ASN B 256 -23.37 -35.86 -9.59
N SER B 257 -22.88 -36.88 -10.31
CA SER B 257 -21.75 -36.84 -11.27
C SER B 257 -21.74 -35.60 -12.17
N LYS B 258 -22.81 -35.28 -12.90
CA LYS B 258 -22.78 -34.26 -13.99
C LYS B 258 -22.95 -32.82 -13.46
N GLN B 259 -23.26 -32.64 -12.19
CA GLN B 259 -23.86 -31.38 -11.64
C GLN B 259 -22.75 -30.44 -11.19
N PRO B 260 -22.77 -29.14 -11.56
CA PRO B 260 -21.72 -28.20 -11.13
C PRO B 260 -21.72 -28.03 -9.60
N ILE B 261 -20.54 -27.90 -9.01
CA ILE B 261 -20.35 -27.93 -7.52
C ILE B 261 -20.65 -26.56 -6.91
N HIS B 262 -21.70 -26.52 -6.10
CA HIS B 262 -22.13 -25.36 -5.28
C HIS B 262 -22.07 -25.74 -3.80
N MET B 263 -21.97 -24.74 -2.94
CA MET B 263 -21.98 -24.88 -1.46
C MET B 263 -22.45 -23.57 -0.85
N VAL B 264 -22.81 -23.60 0.43
CA VAL B 264 -22.99 -22.40 1.27
C VAL B 264 -21.59 -21.96 1.74
N TYR B 265 -21.16 -20.75 1.39
CA TYR B 265 -19.86 -20.20 1.86
C TYR B 265 -19.82 -18.70 1.64
N VAL B 266 -18.79 -18.07 2.22
CA VAL B 266 -18.45 -16.64 2.07
C VAL B 266 -17.48 -16.52 0.90
N PRO B 267 -17.94 -16.13 -0.32
CA PRO B 267 -17.07 -16.10 -1.49
C PRO B 267 -15.75 -15.34 -1.28
N SER B 268 -15.78 -14.23 -0.54
CA SER B 268 -14.60 -13.37 -0.30
C SER B 268 -13.53 -14.18 0.47
N HIS B 269 -13.96 -15.02 1.44
CA HIS B 269 -13.06 -15.95 2.16
C HIS B 269 -12.38 -16.90 1.16
N LEU B 270 -13.18 -17.61 0.37
CA LEU B 270 -12.67 -18.60 -0.63
C LEU B 270 -11.71 -17.90 -1.60
N TYR B 271 -12.08 -16.70 -2.07
CA TYR B 271 -11.27 -15.87 -2.99
C TYR B 271 -9.93 -15.50 -2.34
N HIS B 272 -9.91 -15.06 -1.08
CA HIS B 272 -8.64 -14.66 -0.40
C HIS B 272 -7.70 -15.87 -0.42
N MET B 273 -8.20 -17.07 -0.08
CA MET B 273 -7.39 -18.30 0.02
C MET B 273 -6.83 -18.64 -1.36
N LEU B 274 -7.71 -18.70 -2.37
CA LEU B 274 -7.38 -19.12 -3.74
C LEU B 274 -6.40 -18.11 -4.37
N PHE B 275 -6.62 -16.82 -4.15
CA PHE B 275 -5.74 -15.72 -4.65
C PHE B 275 -4.29 -15.98 -4.21
N GLU B 276 -4.09 -16.15 -2.91
CA GLU B 276 -2.74 -16.32 -2.30
C GLU B 276 -2.09 -17.57 -2.86
N LEU B 277 -2.84 -18.68 -2.93
CA LEU B 277 -2.29 -19.96 -3.42
C LEU B 277 -1.91 -19.82 -4.90
N PHE B 278 -2.76 -19.16 -5.69
CA PHE B 278 -2.45 -18.89 -7.13
C PHE B 278 -1.18 -18.04 -7.22
N LYS B 279 -1.03 -16.98 -6.40
CA LYS B 279 0.16 -16.10 -6.52
C LYS B 279 1.43 -16.91 -6.28
N ASN B 280 1.45 -17.74 -5.22
CA ASN B 280 2.62 -18.58 -4.83
C ASN B 280 2.94 -19.57 -5.93
N ALA B 281 1.94 -20.31 -6.41
CA ALA B 281 2.11 -21.34 -7.44
C ALA B 281 2.71 -20.66 -8.69
N MET B 282 2.21 -19.48 -9.06
CA MET B 282 2.67 -18.77 -10.28
C MET B 282 4.10 -18.30 -10.07
N ARG B 283 4.38 -17.64 -8.94
CA ARG B 283 5.76 -17.23 -8.58
C ARG B 283 6.71 -18.41 -8.74
N ALA B 284 6.41 -19.56 -8.13
CA ALA B 284 7.29 -20.76 -8.17
C ALA B 284 7.44 -21.23 -9.61
N THR B 285 6.35 -21.32 -10.35
CA THR B 285 6.32 -21.82 -11.75
C THR B 285 7.20 -20.93 -12.62
N VAL B 286 7.06 -19.61 -12.51
CA VAL B 286 7.78 -18.66 -13.39
C VAL B 286 9.26 -18.64 -13.00
N GLU B 287 9.57 -18.68 -11.71
CA GLU B 287 10.96 -18.54 -11.20
C GLU B 287 11.76 -19.81 -11.49
N SER B 288 11.10 -20.94 -11.70
CA SER B 288 11.72 -22.27 -11.97
C SER B 288 11.72 -22.55 -13.49
N HIS B 289 11.22 -21.60 -14.28
CA HIS B 289 11.19 -21.66 -15.76
C HIS B 289 11.48 -20.25 -16.30
N GLU B 290 12.49 -19.56 -15.74
CA GLU B 290 12.84 -18.14 -16.03
C GLU B 290 12.99 -17.93 -17.54
N SER B 291 13.42 -18.97 -18.27
CA SER B 291 13.82 -18.90 -19.69
C SER B 291 12.81 -19.61 -20.61
N SER B 292 11.74 -20.18 -20.08
CA SER B 292 10.73 -21.01 -20.83
C SER B 292 9.58 -20.14 -21.37
N LEU B 293 9.15 -20.43 -22.58
CA LEU B 293 8.04 -19.76 -23.31
C LEU B 293 6.77 -20.53 -22.98
N ILE B 294 6.86 -21.86 -22.93
CA ILE B 294 5.79 -22.75 -22.39
C ILE B 294 6.01 -22.85 -20.88
N LEU B 295 4.97 -22.54 -20.10
CA LEU B 295 4.93 -22.78 -18.65
C LEU B 295 3.99 -23.95 -18.40
N PRO B 296 4.30 -24.84 -17.43
CA PRO B 296 3.37 -25.90 -17.07
C PRO B 296 2.15 -25.22 -16.46
N PRO B 297 0.93 -25.67 -16.80
CA PRO B 297 -0.28 -25.09 -16.22
C PRO B 297 -0.39 -25.34 -14.70
N ILE B 298 -1.21 -24.54 -14.01
CA ILE B 298 -1.68 -24.82 -12.63
C ILE B 298 -2.97 -25.62 -12.75
N LYS B 299 -3.00 -26.78 -12.13
CA LYS B 299 -4.13 -27.74 -12.18
C LYS B 299 -4.88 -27.60 -10.86
N VAL B 300 -6.19 -27.41 -10.94
CA VAL B 300 -7.06 -27.26 -9.75
C VAL B 300 -8.12 -28.35 -9.84
N MET B 301 -8.21 -29.23 -8.84
CA MET B 301 -9.34 -30.19 -8.79
C MET B 301 -10.26 -29.80 -7.64
N VAL B 302 -11.57 -29.81 -7.90
CA VAL B 302 -12.63 -29.51 -6.92
C VAL B 302 -13.42 -30.79 -6.75
N ALA B 303 -13.38 -31.38 -5.57
CA ALA B 303 -14.09 -32.62 -5.23
C ALA B 303 -15.09 -32.34 -4.11
N LEU B 304 -16.31 -32.81 -4.28
CA LEU B 304 -17.37 -32.77 -3.24
C LEU B 304 -17.72 -34.21 -2.84
N GLY B 305 -17.39 -34.58 -1.60
CA GLY B 305 -17.79 -35.83 -0.97
C GLY B 305 -18.95 -35.59 -0.04
N GLU B 306 -19.33 -36.57 0.79
CA GLU B 306 -20.51 -36.46 1.70
C GLU B 306 -20.22 -35.43 2.79
N GLU B 307 -18.95 -35.31 3.21
CA GLU B 307 -18.55 -34.51 4.38
C GLU B 307 -17.70 -33.31 3.98
N ASP B 308 -16.80 -33.51 3.01
CA ASP B 308 -15.73 -32.55 2.65
C ASP B 308 -15.99 -31.97 1.28
N LEU B 309 -15.68 -30.67 1.09
CA LEU B 309 -15.39 -30.07 -0.23
C LEU B 309 -13.89 -29.73 -0.28
N SER B 310 -13.20 -30.29 -1.26
CA SER B 310 -11.73 -30.28 -1.29
C SER B 310 -11.30 -29.59 -2.56
N ILE B 311 -10.33 -28.67 -2.46
CA ILE B 311 -9.79 -27.93 -3.65
C ILE B 311 -8.27 -28.08 -3.63
N LYS B 312 -7.74 -28.86 -4.57
CA LYS B 312 -6.29 -29.11 -4.72
C LYS B 312 -5.78 -28.20 -5.85
N MET B 313 -4.74 -27.42 -5.56
CA MET B 313 -3.98 -26.63 -6.55
C MET B 313 -2.61 -27.26 -6.72
N SER B 314 -2.32 -27.82 -7.89
CA SER B 314 -1.05 -28.53 -8.23
C SER B 314 -0.26 -27.70 -9.24
N ASP B 315 1.03 -27.45 -8.94
CA ASP B 315 1.97 -26.71 -9.82
C ASP B 315 3.22 -27.56 -10.03
N ARG B 316 3.95 -27.34 -11.12
CA ARG B 316 5.29 -27.93 -11.38
C ARG B 316 6.32 -26.83 -11.16
N GLY B 317 6.33 -26.24 -9.97
CA GLY B 317 7.20 -25.09 -9.61
C GLY B 317 8.56 -25.51 -9.03
N GLY B 318 8.86 -26.81 -8.94
CA GLY B 318 10.16 -27.30 -8.45
C GLY B 318 10.17 -27.63 -6.96
N GLY B 319 9.13 -27.22 -6.24
CA GLY B 319 8.85 -27.70 -4.88
C GLY B 319 9.85 -27.20 -3.83
N VAL B 320 9.50 -27.46 -2.58
CA VAL B 320 10.23 -27.04 -1.35
C VAL B 320 10.61 -28.31 -0.60
N PRO B 321 11.84 -28.40 -0.04
CA PRO B 321 12.20 -29.47 0.88
C PRO B 321 11.27 -29.50 2.09
N LEU B 322 11.00 -30.70 2.63
CA LEU B 322 10.01 -30.91 3.71
C LEU B 322 10.37 -30.02 4.92
N ARG B 323 11.66 -29.80 5.16
CA ARG B 323 12.21 -29.10 6.35
C ARG B 323 11.76 -27.62 6.34
N LYS B 324 11.45 -27.04 5.18
CA LYS B 324 11.17 -25.59 5.00
C LYS B 324 9.66 -25.31 4.84
N ILE B 325 8.83 -26.34 4.85
CA ILE B 325 7.35 -26.14 4.72
C ILE B 325 6.90 -25.26 5.90
N GLU B 326 7.25 -25.63 7.13
CA GLU B 326 6.89 -24.89 8.36
C GLU B 326 7.15 -23.40 8.17
N ARG B 327 8.29 -23.03 7.58
CA ARG B 327 8.68 -21.61 7.31
C ARG B 327 7.58 -20.90 6.51
N LEU B 328 7.04 -21.52 5.47
CA LEU B 328 6.00 -20.90 4.59
C LEU B 328 4.81 -20.44 5.42
N PHE B 329 4.57 -21.10 6.55
CA PHE B 329 3.43 -20.86 7.47
C PHE B 329 3.82 -19.87 8.60
N SER B 330 5.05 -19.34 8.56
CA SER B 330 5.61 -18.47 9.62
C SER B 330 5.51 -16.99 9.23
N TYR B 331 4.99 -16.15 10.14
CA TYR B 331 4.93 -14.68 10.01
C TYR B 331 6.33 -14.07 10.05
N MET B 332 7.26 -14.67 10.80
CA MET B 332 8.64 -14.13 11.02
C MET B 332 9.46 -14.23 9.72
N TYR B 333 9.33 -15.34 8.98
CA TYR B 333 10.15 -15.62 7.77
C TYR B 333 9.53 -14.86 6.60
N SER B 334 8.21 -14.77 6.57
CA SER B 334 7.43 -14.53 5.32
C SER B 334 7.27 -13.02 5.07
N THR B 335 8.28 -12.42 4.43
CA THR B 335 8.20 -11.12 3.68
C THR B 335 8.13 -11.44 2.17
N ALA B 336 8.09 -12.74 1.82
CA ALA B 336 8.13 -13.33 0.46
C ALA B 336 9.53 -13.20 -0.15
N PRO B 337 10.59 -13.84 0.43
CA PRO B 337 11.96 -13.64 -0.02
C PRO B 337 12.25 -14.38 -1.34
N ALA B 349 5.14 -10.52 -7.13
CA ALA B 349 4.14 -11.46 -6.56
C ALA B 349 4.70 -12.08 -5.27
N GLY B 350 4.62 -11.34 -4.15
CA GLY B 350 4.94 -11.78 -2.77
C GLY B 350 4.41 -10.83 -1.71
N PHE B 351 3.80 -11.35 -0.63
CA PHE B 351 3.17 -10.59 0.49
C PHE B 351 3.69 -11.13 1.85
N GLY B 352 3.58 -12.43 2.07
CA GLY B 352 4.30 -13.16 3.13
C GLY B 352 3.34 -13.75 4.15
N TYR B 353 2.28 -13.02 4.48
CA TYR B 353 1.25 -13.40 5.49
C TYR B 353 0.09 -14.15 4.81
N GLY B 354 0.15 -14.22 3.48
CA GLY B 354 -0.86 -14.83 2.60
C GLY B 354 -1.17 -16.25 3.01
N LEU B 355 -0.16 -17.09 3.14
CA LEU B 355 -0.41 -18.54 3.41
C LEU B 355 -0.92 -18.72 4.84
N PRO B 356 -0.22 -18.21 5.89
CA PRO B 356 -0.73 -18.29 7.25
C PRO B 356 -2.18 -17.83 7.38
N ILE B 357 -2.50 -16.69 6.77
CA ILE B 357 -3.85 -16.05 6.92
C ILE B 357 -4.88 -16.82 6.09
N SER B 358 -4.51 -17.28 4.89
CA SER B 358 -5.34 -18.20 4.08
C SER B 358 -5.71 -19.45 4.88
N ARG B 359 -4.78 -20.01 5.64
CA ARG B 359 -5.06 -21.17 6.52
C ARG B 359 -6.07 -20.74 7.59
N LEU B 360 -5.94 -19.54 8.16
CA LEU B 360 -6.83 -19.06 9.25
C LEU B 360 -8.27 -18.98 8.70
N TYR B 361 -8.46 -18.43 7.50
CA TYR B 361 -9.77 -18.36 6.80
C TYR B 361 -10.36 -19.78 6.65
N ALA B 362 -9.54 -20.75 6.26
CA ALA B 362 -9.92 -22.18 6.09
C ALA B 362 -10.38 -22.75 7.43
N LYS B 363 -9.62 -22.49 8.49
CA LYS B 363 -9.87 -23.03 9.85
C LYS B 363 -11.12 -22.37 10.46
N TYR B 364 -11.46 -21.15 10.02
CA TYR B 364 -12.49 -20.32 10.68
C TYR B 364 -13.83 -21.06 10.65
N PHE B 365 -14.19 -21.75 9.57
CA PHE B 365 -15.48 -22.51 9.48
C PHE B 365 -15.21 -24.03 9.48
N GLN B 366 -14.20 -24.44 10.25
CA GLN B 366 -13.85 -25.85 10.58
C GLN B 366 -13.20 -26.56 9.38
N GLY B 367 -12.56 -25.79 8.49
CA GLY B 367 -11.81 -26.36 7.38
C GLY B 367 -10.34 -26.49 7.76
N ASP B 368 -9.48 -26.68 6.76
CA ASP B 368 -8.01 -26.60 6.86
C ASP B 368 -7.45 -26.26 5.48
N LEU B 369 -6.18 -25.93 5.45
CA LEU B 369 -5.40 -25.68 4.24
C LEU B 369 -4.02 -26.28 4.52
N GLN B 370 -3.64 -27.31 3.77
CA GLN B 370 -2.37 -28.03 3.98
C GLN B 370 -1.63 -27.96 2.66
N LEU B 371 -0.31 -27.96 2.75
CA LEU B 371 0.56 -27.93 1.56
C LEU B 371 1.55 -29.10 1.69
N PHE B 372 1.64 -29.86 0.60
CA PHE B 372 2.61 -30.97 0.45
C PHE B 372 3.37 -30.77 -0.85
N SER B 373 4.68 -30.72 -0.73
CA SER B 373 5.59 -30.43 -1.85
C SER B 373 6.35 -31.70 -2.21
N MET B 374 6.95 -31.71 -3.38
CA MET B 374 7.92 -32.73 -3.81
C MET B 374 9.14 -32.02 -4.36
N GLU B 375 10.13 -31.78 -3.50
CA GLU B 375 11.35 -31.03 -3.89
C GLU B 375 11.84 -31.60 -5.22
N GLY B 376 12.04 -30.72 -6.20
CA GLY B 376 12.58 -31.07 -7.52
C GLY B 376 11.48 -31.12 -8.56
N PHE B 377 10.22 -31.17 -8.12
CA PHE B 377 9.08 -31.37 -9.02
C PHE B 377 8.06 -30.24 -8.90
N GLY B 378 7.37 -30.14 -7.77
CA GLY B 378 6.22 -29.22 -7.63
C GLY B 378 5.54 -29.35 -6.28
N THR B 379 4.44 -28.61 -6.09
CA THR B 379 3.74 -28.41 -4.81
C THR B 379 2.23 -28.64 -5.01
N ASP B 380 1.58 -29.25 -4.03
CA ASP B 380 0.11 -29.39 -3.93
C ASP B 380 -0.35 -28.60 -2.73
N ALA B 381 -1.28 -27.67 -2.91
CA ALA B 381 -1.98 -26.98 -1.80
C ALA B 381 -3.42 -27.48 -1.79
N VAL B 382 -3.95 -27.78 -0.61
CA VAL B 382 -5.35 -28.28 -0.50
C VAL B 382 -6.12 -27.43 0.50
N ILE B 383 -7.22 -26.85 0.04
CA ILE B 383 -8.28 -26.27 0.91
C ILE B 383 -9.28 -27.38 1.18
N TYR B 384 -9.49 -27.68 2.46
CA TYR B 384 -10.55 -28.58 2.97
C TYR B 384 -11.66 -27.68 3.53
N LEU B 385 -12.88 -27.80 3.02
CA LEU B 385 -14.06 -27.10 3.60
C LEU B 385 -15.14 -28.13 4.01
N LYS B 386 -16.02 -27.77 4.93
CA LYS B 386 -17.23 -28.58 5.23
C LYS B 386 -18.21 -28.44 4.06
N ALA B 387 -18.66 -29.57 3.52
CA ALA B 387 -19.67 -29.64 2.45
C ALA B 387 -21.01 -29.14 2.98
N LEU B 388 -21.32 -29.46 4.24
CA LEU B 388 -22.62 -29.15 4.89
C LEU B 388 -22.44 -27.90 5.76
N SER B 389 -23.43 -26.99 5.69
CA SER B 389 -23.51 -25.71 6.44
C SER B 389 -23.78 -25.93 7.93
N THR B 390 -24.26 -27.13 8.32
CA THR B 390 -24.54 -27.50 9.73
C THR B 390 -23.21 -27.80 10.43
N ASP B 391 -22.23 -28.34 9.71
CA ASP B 391 -20.88 -28.71 10.24
C ASP B 391 -20.01 -27.45 10.37
N SER B 392 -20.42 -26.32 9.75
CA SER B 392 -19.62 -25.07 9.69
C SER B 392 -19.94 -24.17 10.89
N VAL B 393 -19.09 -24.19 11.91
CA VAL B 393 -19.20 -23.36 13.13
C VAL B 393 -17.94 -22.51 13.23
N GLU B 394 -18.07 -21.25 13.62
CA GLU B 394 -16.91 -20.37 13.92
C GLU B 394 -15.92 -21.12 14.84
N ARG B 395 -14.66 -21.21 14.46
CA ARG B 395 -13.54 -21.59 15.36
C ARG B 395 -12.90 -20.26 15.81
N LEU B 396 -12.98 -19.94 17.09
CA LEU B 396 -12.43 -18.68 17.69
C LEU B 396 -11.29 -19.03 18.62
N PRO B 397 -10.34 -18.11 18.85
CA PRO B 397 -9.27 -18.36 19.81
C PRO B 397 -9.97 -18.69 21.13
N VAL B 398 -9.47 -19.71 21.82
CA VAL B 398 -9.85 -20.03 23.23
C VAL B 398 -9.06 -19.06 24.11
N TYR B 399 -9.78 -18.21 24.86
CA TYR B 399 -9.19 -17.18 25.76
C TYR B 399 -9.26 -17.61 27.22
N ASN B 400 -8.12 -17.93 27.84
CA ASN B 400 -8.06 -18.49 29.22
C ASN B 400 -6.62 -18.48 29.77
N LYS B 401 -6.45 -18.88 31.04
CA LYS B 401 -5.18 -18.71 31.79
C LYS B 401 -4.07 -19.49 31.08
N SER B 402 -4.40 -20.62 30.46
CA SER B 402 -3.39 -21.51 29.81
C SER B 402 -2.89 -20.88 28.51
N ALA B 403 -3.79 -20.28 27.73
CA ALA B 403 -3.48 -19.65 26.43
C ALA B 403 -2.68 -18.37 26.70
N TRP B 404 -2.91 -17.72 27.85
CA TRP B 404 -2.29 -16.42 28.19
C TRP B 404 -0.98 -16.65 28.94
N ARG B 405 -0.64 -17.88 29.29
CA ARG B 405 0.64 -18.20 30.00
C ARG B 405 1.76 -18.42 28.97
N HIS B 406 1.43 -18.73 27.71
CA HIS B 406 2.38 -18.90 26.58
C HIS B 406 3.29 -17.68 26.45
N TYR B 407 2.86 -16.52 26.98
CA TYR B 407 3.60 -15.23 26.92
C TYR B 407 4.49 -15.07 28.17
N GLN B 408 4.75 -16.15 28.93
CA GLN B 408 5.64 -16.17 30.11
C GLN B 408 6.74 -17.25 30.02
N THR B 409 6.58 -18.31 29.21
CA THR B 409 7.26 -19.64 29.38
C THR B 409 8.05 -20.06 28.12
N ILE B 410 8.52 -21.33 28.06
CA ILE B 410 9.51 -21.88 27.08
C ILE B 410 10.54 -20.80 26.72
N ASP C 28 4.30 71.19 -34.88
CA ASP C 28 4.32 70.27 -33.71
C ASP C 28 3.82 68.90 -34.15
N ASP C 29 4.72 68.04 -34.68
CA ASP C 29 4.35 66.68 -35.15
C ASP C 29 5.27 65.66 -34.47
N LYS C 30 6.55 65.65 -34.85
CA LYS C 30 7.64 64.90 -34.15
C LYS C 30 8.50 65.93 -33.38
N ALA C 31 7.86 66.94 -32.78
CA ALA C 31 8.50 68.21 -32.33
C ALA C 31 9.33 67.98 -31.06
N LEU C 32 8.74 67.28 -30.08
CA LEU C 32 9.37 66.92 -28.79
C LEU C 32 10.60 66.04 -29.05
N LEU C 33 10.48 65.06 -29.94
CA LEU C 33 11.58 64.14 -30.38
C LEU C 33 12.72 64.92 -31.07
N LYS C 34 12.40 65.81 -32.02
CA LYS C 34 13.38 66.72 -32.69
C LYS C 34 14.12 67.51 -31.61
N ASN C 35 13.39 68.23 -30.76
CA ASN C 35 13.95 69.12 -29.70
C ASN C 35 14.87 68.30 -28.77
N ALA C 36 14.60 67.01 -28.58
CA ALA C 36 15.41 66.12 -27.74
C ALA C 36 16.73 65.76 -28.44
N SER C 37 16.71 65.43 -29.74
CA SER C 37 17.93 65.11 -30.53
C SER C 37 18.87 66.33 -30.56
N LEU C 38 18.33 67.51 -30.90
CA LEU C 38 19.06 68.81 -30.89
C LEU C 38 19.71 69.10 -29.54
N ALA C 39 19.22 68.47 -28.46
CA ALA C 39 19.69 68.65 -27.06
C ALA C 39 20.84 67.71 -26.70
N GLY C 40 21.21 66.75 -27.58
CA GLY C 40 22.31 65.79 -27.36
C GLY C 40 21.88 64.54 -26.61
N ALA C 41 20.58 64.37 -26.38
CA ALA C 41 20.01 63.35 -25.47
C ALA C 41 20.55 61.98 -25.88
N PRO C 42 20.36 61.53 -27.14
CA PRO C 42 20.82 60.20 -27.54
C PRO C 42 22.27 59.89 -27.17
N LYS C 43 23.19 60.83 -27.38
CA LYS C 43 24.61 60.63 -26.99
C LYS C 43 24.62 60.10 -25.54
N TYR C 44 24.00 60.85 -24.64
CA TYR C 44 23.99 60.62 -23.18
C TYR C 44 23.20 59.35 -22.81
N ILE C 45 22.00 59.18 -23.37
CA ILE C 45 21.15 57.96 -23.21
C ILE C 45 21.97 56.71 -23.57
N GLU C 46 22.67 56.72 -24.72
CA GLU C 46 23.51 55.59 -25.19
C GLU C 46 24.65 55.36 -24.20
N HIS C 47 25.28 56.43 -23.73
CA HIS C 47 26.40 56.34 -22.77
C HIS C 47 25.91 55.66 -21.49
N PHE C 48 24.91 56.23 -20.81
CA PHE C 48 24.54 55.80 -19.44
C PHE C 48 23.87 54.41 -19.43
N SER C 49 23.26 54.01 -20.55
CA SER C 49 22.59 52.70 -20.76
C SER C 49 23.60 51.55 -20.85
N LYS C 50 24.90 51.85 -20.99
CA LYS C 50 25.99 50.85 -21.03
C LYS C 50 26.27 50.30 -19.63
N PHE C 51 25.69 50.89 -18.57
CA PHE C 51 25.94 50.45 -17.16
C PHE C 51 24.67 49.86 -16.56
N SER C 52 24.88 49.01 -15.57
CA SER C 52 23.83 48.33 -14.77
C SER C 52 23.49 49.17 -13.55
N PRO C 53 22.17 49.33 -13.26
CA PRO C 53 21.74 49.84 -11.95
C PRO C 53 22.44 49.12 -10.80
N SER C 54 22.66 49.81 -9.68
CA SER C 54 23.13 49.25 -8.40
C SER C 54 21.94 49.09 -7.47
N PRO C 55 21.41 47.88 -7.23
CA PRO C 55 20.31 47.71 -6.29
C PRO C 55 20.84 47.99 -4.88
N LEU C 56 20.07 48.68 -4.03
CA LEU C 56 20.43 48.93 -2.61
C LEU C 56 19.54 48.07 -1.71
N SER C 57 20.12 47.62 -0.59
CA SER C 57 19.38 46.87 0.48
C SER C 57 18.66 47.89 1.35
N MET C 58 17.60 47.46 2.04
CA MET C 58 16.92 48.30 3.05
C MET C 58 17.96 48.79 4.07
N LYS C 59 18.90 47.93 4.50
CA LYS C 59 19.95 48.29 5.49
C LYS C 59 20.76 49.48 4.93
N GLN C 60 21.24 49.36 3.68
CA GLN C 60 22.01 50.43 3.00
C GLN C 60 21.23 51.76 3.00
N PHE C 61 19.91 51.72 2.82
CA PHE C 61 19.06 52.93 2.85
C PHE C 61 19.04 53.49 4.27
N LEU C 62 18.89 52.62 5.27
CA LEU C 62 18.83 53.00 6.69
C LEU C 62 20.13 53.69 7.10
N ASP C 63 21.29 53.11 6.77
CA ASP C 63 22.63 53.56 7.22
C ASP C 63 23.01 54.91 6.62
N PHE C 64 22.54 55.28 5.41
CA PHE C 64 22.69 56.66 4.86
C PHE C 64 22.50 57.66 6.02
N GLY C 65 21.41 57.49 6.78
CA GLY C 65 21.27 57.93 8.18
C GLY C 65 21.32 59.44 8.35
N SER C 66 21.31 59.90 9.61
CA SER C 66 21.38 61.33 10.01
C SER C 66 22.81 61.87 9.90
N SER C 67 23.76 61.10 9.33
CA SER C 67 25.23 61.38 9.29
C SER C 67 25.51 62.74 8.62
N ASN C 68 24.77 63.12 7.56
CA ASN C 68 24.57 64.53 7.11
C ASN C 68 25.83 65.06 6.40
N ALA C 69 27.04 64.69 6.86
CA ALA C 69 28.35 64.91 6.18
C ALA C 69 28.40 64.11 4.86
N CYS C 70 27.70 62.97 4.85
CA CYS C 70 27.46 62.06 3.70
C CYS C 70 26.31 62.52 2.77
N GLU C 71 25.84 63.78 2.83
CA GLU C 71 25.19 64.48 1.68
C GLU C 71 26.08 64.36 0.43
N LYS C 72 27.41 64.38 0.62
CA LYS C 72 28.41 64.32 -0.47
C LYS C 72 28.41 62.91 -1.08
N THR C 73 28.43 61.87 -0.24
CA THR C 73 28.35 60.44 -0.64
C THR C 73 27.08 60.25 -1.48
N SER C 74 25.94 60.76 -1.00
CA SER C 74 24.63 60.62 -1.70
C SER C 74 24.70 61.33 -3.06
N PHE C 75 25.16 62.59 -3.07
CA PHE C 75 25.30 63.41 -4.30
C PHE C 75 26.12 62.66 -5.35
N THR C 76 27.30 62.13 -4.98
CA THR C 76 28.24 61.52 -5.96
C THR C 76 27.67 60.18 -6.44
N PHE C 77 26.86 59.50 -5.62
CA PHE C 77 26.20 58.21 -5.97
C PHE C 77 25.02 58.47 -6.93
N LEU C 78 24.15 59.42 -6.59
CA LEU C 78 22.90 59.71 -7.34
C LEU C 78 23.19 60.41 -8.67
N ARG C 79 24.30 61.15 -8.80
CA ARG C 79 24.60 61.87 -10.07
C ARG C 79 25.17 60.88 -11.11
N GLN C 80 25.58 59.67 -10.68
CA GLN C 80 25.86 58.54 -11.60
C GLN C 80 24.62 57.63 -11.69
N GLU C 81 24.02 57.25 -10.55
CA GLU C 81 22.98 56.18 -10.50
C GLU C 81 21.69 56.65 -11.18
N LEU C 82 21.21 57.84 -10.87
CA LEU C 82 19.94 58.32 -11.48
C LEU C 82 20.06 58.27 -13.01
N PRO C 83 21.10 58.88 -13.63
CA PRO C 83 21.21 58.87 -15.10
C PRO C 83 21.24 57.46 -15.72
N VAL C 84 21.89 56.50 -15.03
CA VAL C 84 21.95 55.06 -15.43
C VAL C 84 20.54 54.46 -15.39
N ARG C 85 19.81 54.70 -14.31
CA ARG C 85 18.41 54.24 -14.14
C ARG C 85 17.54 54.91 -15.21
N LEU C 86 17.71 56.20 -15.42
CA LEU C 86 16.93 56.96 -16.43
C LEU C 86 17.27 56.48 -17.85
N ALA C 87 18.56 56.35 -18.16
CA ALA C 87 19.05 55.97 -19.50
C ALA C 87 18.55 54.56 -19.85
N ASN C 88 18.59 53.63 -18.90
CA ASN C 88 18.19 52.22 -19.14
C ASN C 88 16.71 52.19 -19.56
N ILE C 89 15.83 52.82 -18.80
CA ILE C 89 14.37 52.74 -19.10
C ILE C 89 14.06 53.60 -20.34
N MET C 90 14.90 54.58 -20.67
CA MET C 90 14.74 55.44 -21.87
C MET C 90 15.07 54.64 -23.12
N LYS C 91 16.22 53.94 -23.12
CA LYS C 91 16.58 52.87 -24.10
C LYS C 91 15.37 51.95 -24.35
N GLU C 92 14.66 51.54 -23.29
CA GLU C 92 13.58 50.51 -23.37
C GLU C 92 12.30 51.12 -23.94
N ILE C 93 11.99 52.37 -23.61
CA ILE C 93 10.84 53.11 -24.25
C ILE C 93 11.08 53.09 -25.76
N ASN C 94 12.31 53.34 -26.21
CA ASN C 94 12.64 53.50 -27.65
C ASN C 94 12.65 52.14 -28.34
N LEU C 95 12.40 51.03 -27.62
CA LEU C 95 12.25 49.66 -28.19
C LEU C 95 10.77 49.25 -28.25
N LEU C 96 9.86 50.02 -27.66
CA LEU C 96 8.40 49.79 -27.88
C LEU C 96 8.11 49.77 -29.38
N PRO C 97 7.04 49.08 -29.81
CA PRO C 97 6.54 49.23 -31.19
C PRO C 97 6.23 50.69 -31.55
N ASP C 98 6.52 51.11 -32.79
CA ASP C 98 6.26 52.48 -33.31
C ASP C 98 4.78 52.87 -33.13
N ARG C 99 3.85 51.91 -33.15
CA ARG C 99 2.39 52.12 -32.98
C ARG C 99 2.09 52.81 -31.64
N VAL C 100 2.94 52.61 -30.62
CA VAL C 100 2.77 53.14 -29.24
C VAL C 100 3.67 54.36 -29.05
N LEU C 101 4.89 54.28 -29.57
CA LEU C 101 5.96 55.26 -29.33
C LEU C 101 5.58 56.60 -29.95
N SER C 102 4.79 56.58 -31.02
CA SER C 102 4.38 57.78 -31.78
C SER C 102 3.14 58.39 -31.15
N THR C 103 2.59 57.84 -30.06
CA THR C 103 1.39 58.40 -29.39
C THR C 103 1.83 59.69 -28.71
N PRO C 104 1.03 60.77 -28.77
CA PRO C 104 1.42 62.04 -28.17
C PRO C 104 1.86 61.90 -26.69
N SER C 105 1.10 61.15 -25.90
CA SER C 105 1.30 60.97 -24.44
C SER C 105 2.63 60.25 -24.15
N VAL C 106 3.01 59.25 -24.95
CA VAL C 106 4.31 58.53 -24.76
C VAL C 106 5.45 59.50 -25.11
N GLN C 107 5.34 60.18 -26.25
CA GLN C 107 6.35 61.21 -26.68
C GLN C 107 6.53 62.23 -25.55
N LEU C 108 5.45 62.62 -24.88
CA LEU C 108 5.44 63.59 -23.75
C LEU C 108 6.25 63.02 -22.57
N VAL C 109 5.94 61.80 -22.14
CA VAL C 109 6.67 61.16 -21.00
C VAL C 109 8.16 61.07 -21.37
N GLN C 110 8.46 60.71 -22.62
CA GLN C 110 9.86 60.61 -23.11
C GLN C 110 10.54 61.98 -22.98
N SER C 111 9.86 63.06 -23.35
CA SER C 111 10.43 64.43 -23.25
C SER C 111 10.74 64.76 -21.78
N TRP C 112 9.89 64.35 -20.83
CA TRP C 112 10.12 64.60 -19.38
C TRP C 112 11.39 63.88 -18.92
N TYR C 113 11.65 62.68 -19.45
CA TYR C 113 12.81 61.85 -19.07
C TYR C 113 14.08 62.49 -19.63
N VAL C 114 14.06 62.94 -20.88
CA VAL C 114 15.19 63.70 -21.51
C VAL C 114 15.52 64.90 -20.63
N GLN C 115 14.53 65.76 -20.35
CA GLN C 115 14.74 67.00 -19.55
C GLN C 115 15.42 66.63 -18.22
N SER C 116 14.92 65.60 -17.53
CA SER C 116 15.38 65.17 -16.19
C SER C 116 16.81 64.64 -16.29
N LEU C 117 17.09 63.80 -17.28
CA LEU C 117 18.46 63.29 -17.52
C LEU C 117 19.37 64.51 -17.69
N LEU C 118 19.02 65.43 -18.62
CA LEU C 118 19.84 66.63 -18.91
C LEU C 118 20.07 67.40 -17.60
N ASP C 119 18.98 67.71 -16.87
CA ASP C 119 19.01 68.38 -15.56
C ASP C 119 20.16 67.83 -14.71
N ILE C 120 20.28 66.51 -14.58
CA ILE C 120 21.27 65.87 -13.66
C ILE C 120 22.67 66.00 -14.27
N MET C 121 22.78 66.04 -15.61
CA MET C 121 24.11 66.02 -16.27
C MET C 121 24.84 67.36 -16.04
N GLU C 122 24.10 68.43 -15.80
CA GLU C 122 24.64 69.75 -15.38
C GLU C 122 25.54 69.56 -14.14
N PHE C 123 25.32 68.53 -13.33
CA PHE C 123 25.98 68.30 -12.01
C PHE C 123 27.21 67.39 -12.12
N LEU C 124 27.52 66.88 -13.31
CA LEU C 124 28.56 65.82 -13.51
C LEU C 124 29.97 66.34 -13.14
N ASP C 125 30.30 67.61 -13.44
CA ASP C 125 31.65 68.19 -13.25
C ASP C 125 31.69 69.12 -12.02
N LYS C 126 30.54 69.43 -11.41
CA LYS C 126 30.44 70.37 -10.25
C LYS C 126 31.13 69.74 -9.02
N ASP C 127 31.52 70.56 -8.05
CA ASP C 127 32.32 70.15 -6.86
C ASP C 127 31.37 69.75 -5.74
N PRO C 128 31.49 68.51 -5.20
CA PRO C 128 30.74 68.12 -4.00
C PRO C 128 31.08 68.96 -2.75
N GLU C 129 32.32 69.44 -2.62
CA GLU C 129 32.83 70.20 -1.45
C GLU C 129 32.06 71.54 -1.31
N ASP C 130 31.46 72.05 -2.40
CA ASP C 130 30.77 73.36 -2.46
C ASP C 130 29.31 73.17 -2.00
N HIS C 131 28.94 73.84 -0.89
CA HIS C 131 27.61 73.75 -0.24
C HIS C 131 26.48 74.18 -1.18
N ARG C 132 26.78 74.99 -2.22
CA ARG C 132 25.77 75.55 -3.16
C ARG C 132 25.42 74.49 -4.21
N THR C 133 26.40 73.65 -4.58
CA THR C 133 26.22 72.47 -5.47
C THR C 133 25.17 71.53 -4.89
N LEU C 134 25.39 71.10 -3.64
CA LEU C 134 24.51 70.16 -2.89
C LEU C 134 23.08 70.71 -2.80
N SER C 135 22.95 72.02 -2.59
CA SER C 135 21.65 72.72 -2.44
C SER C 135 20.92 72.74 -3.77
N GLN C 136 21.63 73.07 -4.86
CA GLN C 136 21.06 73.17 -6.22
C GLN C 136 20.62 71.77 -6.67
N PHE C 137 21.44 70.75 -6.40
CA PHE C 137 21.16 69.33 -6.71
C PHE C 137 19.81 68.96 -6.11
N THR C 138 19.67 69.18 -4.80
CA THR C 138 18.45 68.80 -4.06
C THR C 138 17.23 69.48 -4.71
N ASP C 139 17.40 70.72 -5.16
CA ASP C 139 16.29 71.49 -5.81
C ASP C 139 16.01 70.89 -7.19
N ALA C 140 17.04 70.46 -7.91
CA ALA C 140 16.90 69.78 -9.21
C ALA C 140 16.11 68.47 -9.04
N LEU C 141 16.39 67.72 -7.99
CA LEU C 141 15.71 66.43 -7.71
C LEU C 141 14.23 66.72 -7.45
N VAL C 142 13.93 67.74 -6.64
CA VAL C 142 12.53 68.11 -6.31
C VAL C 142 11.81 68.50 -7.60
N THR C 143 12.48 69.24 -8.50
CA THR C 143 11.90 69.68 -9.79
C THR C 143 11.60 68.42 -10.60
N ILE C 144 12.57 67.51 -10.68
CA ILE C 144 12.42 66.19 -11.36
C ILE C 144 11.23 65.46 -10.74
N ARG C 145 11.19 65.31 -9.41
CA ARG C 145 10.09 64.60 -8.72
C ARG C 145 8.76 65.18 -9.21
N ASN C 146 8.65 66.52 -9.22
CA ASN C 146 7.40 67.26 -9.56
C ASN C 146 7.09 67.06 -11.04
N ARG C 147 8.11 67.14 -11.90
CA ARG C 147 7.96 66.96 -13.37
C ARG C 147 7.23 65.64 -13.66
N HIS C 148 7.54 64.58 -12.92
CA HIS C 148 7.12 63.19 -13.21
C HIS C 148 5.86 62.77 -12.42
N ASN C 149 5.17 63.69 -11.75
CA ASN C 149 3.99 63.38 -10.88
C ASN C 149 2.93 62.63 -11.69
N ASP C 150 2.69 63.09 -12.92
CA ASP C 150 1.53 62.73 -13.79
C ASP C 150 1.92 61.61 -14.75
N VAL C 151 3.11 61.03 -14.60
CA VAL C 151 3.69 60.03 -15.54
C VAL C 151 2.72 58.86 -15.71
N VAL C 152 2.17 58.35 -14.61
CA VAL C 152 1.36 57.10 -14.62
C VAL C 152 0.12 57.30 -15.48
N PRO C 153 -0.79 58.25 -15.16
CA PRO C 153 -1.98 58.47 -15.99
C PRO C 153 -1.66 58.93 -17.43
N THR C 154 -0.51 59.56 -17.67
CA THR C 154 -0.10 60.01 -19.04
C THR C 154 0.32 58.79 -19.88
N MET C 155 1.11 57.89 -19.32
CA MET C 155 1.49 56.63 -20.01
C MET C 155 0.21 55.84 -20.31
N ALA C 156 -0.72 55.78 -19.36
CA ALA C 156 -2.05 55.13 -19.51
C ALA C 156 -2.82 55.78 -20.67
N GLN C 157 -2.74 57.11 -20.79
CA GLN C 157 -3.41 57.92 -21.86
C GLN C 157 -2.83 57.51 -23.22
N GLY C 158 -1.51 57.27 -23.29
CA GLY C 158 -0.83 56.76 -24.49
C GLY C 158 -1.32 55.38 -24.89
N VAL C 159 -1.52 54.49 -23.91
CA VAL C 159 -2.00 53.10 -24.13
C VAL C 159 -3.42 53.17 -24.67
N LEU C 160 -4.26 54.07 -24.13
CA LEU C 160 -5.65 54.34 -24.61
C LEU C 160 -5.62 54.89 -26.05
N GLU C 161 -4.70 55.82 -26.35
CA GLU C 161 -4.50 56.39 -27.71
C GLU C 161 -4.23 55.24 -28.69
N TYR C 162 -3.34 54.31 -28.32
CA TYR C 162 -2.97 53.14 -29.16
C TYR C 162 -4.19 52.23 -29.32
N LYS C 163 -4.82 51.83 -28.21
CA LYS C 163 -6.02 50.95 -28.18
C LYS C 163 -7.07 51.51 -29.13
N ASP C 164 -7.40 52.81 -29.03
CA ASP C 164 -8.56 53.45 -29.72
C ASP C 164 -8.20 53.87 -31.15
N THR C 165 -6.97 53.64 -31.62
CA THR C 165 -6.52 53.94 -33.01
C THR C 165 -6.14 52.67 -33.77
N TYR C 166 -5.52 51.67 -33.12
CA TYR C 166 -4.80 50.55 -33.81
C TYR C 166 -5.29 49.20 -33.29
N GLY C 167 -6.58 49.04 -32.99
CA GLY C 167 -7.18 47.74 -32.61
C GLY C 167 -6.86 47.33 -31.18
N ASP C 168 -7.42 46.18 -30.75
CA ASP C 168 -7.28 45.61 -29.38
C ASP C 168 -6.74 44.18 -29.50
N ASP C 169 -5.90 43.93 -30.52
CA ASP C 169 -5.40 42.59 -30.92
C ASP C 169 -4.21 42.24 -30.02
N PRO C 170 -4.22 41.06 -29.35
CA PRO C 170 -3.13 40.67 -28.46
C PRO C 170 -1.76 40.46 -29.15
N VAL C 171 -0.84 39.75 -28.48
CA VAL C 171 0.63 39.62 -28.79
C VAL C 171 1.32 40.96 -28.50
N SER C 172 0.80 42.06 -29.08
CA SER C 172 1.25 43.45 -28.79
C SER C 172 0.87 43.87 -27.36
N ASN C 173 -0.14 43.23 -26.77
CA ASN C 173 -0.64 43.54 -25.41
C ASN C 173 0.25 42.85 -24.36
N GLN C 174 0.76 41.64 -24.60
CA GLN C 174 1.75 40.96 -23.71
C GLN C 174 3.10 41.71 -23.81
N ASN C 175 3.36 42.41 -24.93
CA ASN C 175 4.55 43.29 -25.15
C ASN C 175 4.46 44.56 -24.29
N ILE C 176 3.32 45.26 -24.36
CA ILE C 176 3.03 46.49 -23.59
C ILE C 176 3.00 46.15 -22.09
N GLN C 177 2.38 45.03 -21.71
CA GLN C 177 2.31 44.58 -20.29
C GLN C 177 3.73 44.40 -19.76
N TYR C 178 4.56 43.67 -20.50
CA TYR C 178 5.99 43.41 -20.19
C TYR C 178 6.72 44.74 -19.99
N PHE C 179 6.59 45.68 -20.94
CA PHE C 179 7.29 46.97 -20.89
C PHE C 179 6.79 47.79 -19.69
N LEU C 180 5.47 47.85 -19.51
CA LEU C 180 4.87 48.72 -18.47
C LEU C 180 5.29 48.23 -17.08
N ASP C 181 5.35 46.91 -16.84
CA ASP C 181 5.79 46.38 -15.52
C ASP C 181 7.21 46.88 -15.24
N ARG C 182 8.07 46.87 -16.26
CA ARG C 182 9.50 47.27 -16.14
C ARG C 182 9.53 48.78 -15.90
N PHE C 183 8.83 49.56 -16.72
CA PHE C 183 8.82 51.05 -16.68
C PHE C 183 8.39 51.51 -15.27
N TYR C 184 7.28 50.97 -14.78
CA TYR C 184 6.65 51.40 -13.50
C TYR C 184 7.51 50.91 -12.32
N LEU C 185 8.19 49.76 -12.43
CA LEU C 185 9.11 49.29 -11.35
C LEU C 185 10.34 50.21 -11.35
N SER C 186 10.90 50.48 -12.52
CA SER C 186 11.99 51.46 -12.75
C SER C 186 11.61 52.76 -12.06
N ARG C 187 10.40 53.26 -12.34
CA ARG C 187 9.89 54.55 -11.80
C ARG C 187 9.88 54.52 -10.26
N ILE C 188 9.32 53.48 -9.66
CA ILE C 188 9.30 53.31 -8.18
C ILE C 188 10.72 53.40 -7.63
N SER C 189 11.70 52.76 -8.26
CA SER C 189 13.10 52.71 -7.79
C SER C 189 13.73 54.10 -7.82
N ILE C 190 13.34 54.93 -8.79
CA ILE C 190 13.92 56.27 -9.04
C ILE C 190 13.33 57.26 -8.02
N ARG C 191 12.01 57.21 -7.79
CA ARG C 191 11.34 58.10 -6.80
C ARG C 191 11.84 57.76 -5.39
N MET C 192 12.17 56.51 -5.12
CA MET C 192 12.72 56.05 -3.83
C MET C 192 14.06 56.76 -3.59
N LEU C 193 14.94 56.74 -4.60
CA LEU C 193 16.31 57.31 -4.48
C LEU C 193 16.17 58.82 -4.23
N ILE C 194 15.28 59.47 -4.99
CA ILE C 194 15.03 60.95 -4.93
C ILE C 194 14.42 61.29 -3.57
N ASN C 195 13.42 60.51 -3.13
CA ASN C 195 12.68 60.73 -1.86
C ASN C 195 13.71 60.67 -0.73
N GLN C 196 14.55 59.64 -0.70
CA GLN C 196 15.56 59.48 0.37
C GLN C 196 16.45 60.74 0.43
N HIS C 197 16.90 61.27 -0.72
CA HIS C 197 17.83 62.42 -0.72
C HIS C 197 17.10 63.68 -0.26
N THR C 198 15.99 64.01 -0.91
CA THR C 198 15.23 65.26 -0.63
C THR C 198 14.76 65.27 0.84
N LEU C 199 14.12 64.21 1.32
CA LEU C 199 13.59 64.14 2.72
C LEU C 199 14.74 64.23 3.73
N ILE C 200 15.86 63.52 3.55
CA ILE C 200 16.99 63.54 4.53
C ILE C 200 17.70 64.91 4.50
N PHE C 201 18.06 65.41 3.31
CA PHE C 201 18.97 66.59 3.15
C PHE C 201 18.16 67.79 2.63
N ASP C 202 17.17 68.22 3.41
CA ASP C 202 16.35 69.43 3.11
C ASP C 202 17.22 70.70 3.20
N GLY C 203 18.55 70.55 3.27
CA GLY C 203 19.57 71.62 3.14
C GLY C 203 19.86 72.27 4.49
N SER C 204 19.04 71.94 5.49
CA SER C 204 18.74 72.79 6.67
C SER C 204 19.58 72.37 7.88
N THR C 205 19.10 72.76 9.07
CA THR C 205 19.53 72.29 10.40
C THR C 205 18.74 71.02 10.72
N ASN C 206 19.41 69.87 10.80
CA ASN C 206 18.79 68.54 11.05
C ASN C 206 19.06 68.11 12.50
N PRO C 207 18.07 68.22 13.42
CA PRO C 207 18.21 67.73 14.79
C PRO C 207 18.35 66.21 14.91
N ALA C 208 18.61 65.74 16.13
CA ALA C 208 19.26 64.46 16.46
C ALA C 208 18.45 63.25 15.98
N HIS C 209 17.18 63.14 16.40
CA HIS C 209 16.42 61.85 16.44
C HIS C 209 15.24 61.88 15.49
N PRO C 210 15.43 61.73 14.16
CA PRO C 210 14.32 61.80 13.22
C PRO C 210 13.51 60.51 13.31
N LYS C 211 12.19 60.64 13.23
CA LYS C 211 11.22 59.52 13.32
C LYS C 211 11.47 58.54 12.16
N HIS C 212 11.71 59.09 10.98
CA HIS C 212 11.97 58.36 9.71
C HIS C 212 13.43 58.55 9.29
N ILE C 213 13.95 57.58 8.54
CA ILE C 213 15.14 57.75 7.66
C ILE C 213 14.62 57.96 6.24
N GLY C 214 14.36 59.22 5.87
CA GLY C 214 13.73 59.60 4.59
C GLY C 214 12.30 59.14 4.55
N SER C 215 11.98 58.22 3.65
CA SER C 215 10.63 57.61 3.47
C SER C 215 10.53 56.31 4.28
N ILE C 216 11.62 55.83 4.87
CA ILE C 216 11.66 54.55 5.63
C ILE C 216 11.33 54.80 7.10
N ASP C 217 10.29 54.16 7.59
CA ASP C 217 9.91 54.10 9.02
C ASP C 217 10.52 52.83 9.59
N PRO C 218 11.54 52.90 10.48
CA PRO C 218 12.15 51.70 11.03
C PRO C 218 11.26 51.03 12.09
N ASN C 219 10.20 51.70 12.52
CA ASN C 219 9.23 51.17 13.50
C ASN C 219 7.81 51.38 12.94
N CYS C 220 7.61 50.95 11.69
CA CYS C 220 6.34 51.08 10.96
C CYS C 220 5.30 50.16 11.59
N ASN C 221 4.25 50.76 12.13
CA ASN C 221 3.04 50.08 12.67
C ASN C 221 2.12 49.76 11.51
N VAL C 222 2.09 48.50 11.09
CA VAL C 222 1.35 48.08 9.87
C VAL C 222 -0.13 48.50 9.99
N SER C 223 -0.77 48.23 11.11
CA SER C 223 -2.23 48.51 11.27
C SER C 223 -2.52 50.01 11.12
N GLU C 224 -1.58 50.89 11.51
CA GLU C 224 -1.79 52.36 11.43
C GLU C 224 -1.86 52.72 9.95
N VAL C 225 -1.07 52.05 9.12
CA VAL C 225 -1.02 52.35 7.65
C VAL C 225 -2.32 51.83 7.03
N VAL C 226 -2.82 50.68 7.50
CA VAL C 226 -4.09 50.07 7.00
C VAL C 226 -5.20 51.09 7.24
N LYS C 227 -5.28 51.62 8.47
CA LYS C 227 -6.31 52.62 8.89
C LYS C 227 -6.19 53.88 8.01
N ASP C 228 -4.98 54.38 7.78
CA ASP C 228 -4.73 55.55 6.89
C ASP C 228 -5.32 55.29 5.50
N ALA C 229 -4.93 54.19 4.89
CA ALA C 229 -5.37 53.78 3.53
C ALA C 229 -6.90 53.68 3.51
N TYR C 230 -7.48 53.07 4.54
CA TYR C 230 -8.94 52.92 4.69
C TYR C 230 -9.59 54.31 4.76
N ASP C 231 -9.09 55.18 5.66
CA ASP C 231 -9.62 56.55 5.89
C ASP C 231 -9.76 57.24 4.52
N MET C 232 -8.72 57.25 3.69
CA MET C 232 -8.76 57.98 2.39
C MET C 232 -9.69 57.26 1.42
N ALA C 233 -9.68 55.94 1.45
CA ALA C 233 -10.55 55.12 0.58
C ALA C 233 -12.01 55.42 0.92
N LYS C 234 -12.33 55.41 2.22
CA LYS C 234 -13.70 55.65 2.75
C LYS C 234 -14.16 57.05 2.33
N LEU C 235 -13.27 58.04 2.41
CA LEU C 235 -13.57 59.42 1.97
C LEU C 235 -14.05 59.40 0.52
N LEU C 236 -13.27 58.83 -0.40
CA LEU C 236 -13.57 58.80 -1.85
C LEU C 236 -14.87 58.04 -2.07
N CYS C 237 -14.97 56.84 -1.50
CA CYS C 237 -16.18 56.00 -1.60
C CYS C 237 -17.40 56.82 -1.16
N ASP C 238 -17.31 57.51 -0.03
CA ASP C 238 -18.41 58.33 0.54
C ASP C 238 -18.75 59.49 -0.39
N LYS C 239 -17.80 60.03 -1.15
CA LYS C 239 -18.04 61.16 -2.10
C LYS C 239 -18.92 60.69 -3.28
N TYR C 240 -18.62 59.53 -3.88
CA TYR C 240 -19.16 59.10 -5.21
C TYR C 240 -20.32 58.12 -5.06
N TYR C 241 -20.45 57.42 -3.93
CA TYR C 241 -21.48 56.37 -3.71
C TYR C 241 -22.40 56.71 -2.52
N MET C 242 -21.87 57.39 -1.50
CA MET C 242 -22.62 57.96 -0.36
C MET C 242 -22.81 56.88 0.72
N ALA C 243 -22.34 55.67 0.47
CA ALA C 243 -22.16 54.58 1.46
C ALA C 243 -20.71 54.08 1.34
N SER C 244 -20.18 53.45 2.38
CA SER C 244 -18.85 52.81 2.36
C SER C 244 -18.78 51.75 3.45
N PRO C 245 -18.32 50.53 3.15
CA PRO C 245 -18.23 49.49 4.16
C PRO C 245 -17.24 49.87 5.28
N ASP C 246 -17.50 49.33 6.48
CA ASP C 246 -16.65 49.50 7.68
C ASP C 246 -15.43 48.60 7.53
N LEU C 247 -14.41 48.82 8.37
CA LEU C 247 -13.15 48.04 8.44
C LEU C 247 -13.12 47.26 9.75
N GLU C 248 -12.73 45.98 9.69
CA GLU C 248 -12.37 45.16 10.87
C GLU C 248 -10.93 44.73 10.67
N ILE C 249 -10.11 44.76 11.72
CA ILE C 249 -8.68 44.33 11.66
C ILE C 249 -8.44 43.26 12.72
N GLN C 250 -7.77 42.18 12.34
CA GLN C 250 -7.17 41.20 13.26
C GLN C 250 -5.67 41.16 12.97
N GLU C 251 -4.84 41.12 14.01
CA GLU C 251 -3.38 40.93 13.96
C GLU C 251 -3.08 39.53 14.50
N ILE C 252 -2.10 38.84 13.91
CA ILE C 252 -1.55 37.56 14.44
C ILE C 252 -0.03 37.72 14.47
N ASN C 253 0.51 38.00 15.66
CA ASN C 253 1.97 38.00 15.89
C ASN C 253 2.32 36.61 16.43
N ALA C 254 2.72 35.71 15.54
CA ALA C 254 2.89 34.26 15.78
C ALA C 254 3.93 34.07 16.91
N ALA C 255 5.14 34.60 16.73
CA ALA C 255 6.24 34.53 17.73
C ALA C 255 5.80 35.16 19.07
N ASN C 256 5.36 36.42 19.07
CA ASN C 256 5.05 37.22 20.29
C ASN C 256 3.56 37.57 20.31
N SER C 257 2.73 36.61 20.75
CA SER C 257 1.25 36.66 20.73
C SER C 257 0.73 37.99 21.32
N LYS C 258 0.07 38.80 20.49
CA LYS C 258 -0.75 39.96 20.95
C LYS C 258 0.11 41.22 21.12
N GLN C 259 1.39 41.18 20.72
CA GLN C 259 2.26 42.39 20.64
C GLN C 259 1.98 43.09 19.30
N PRO C 260 1.77 44.43 19.25
CA PRO C 260 1.42 45.11 18.01
C PRO C 260 2.53 44.96 16.94
N ILE C 261 2.13 44.73 15.69
CA ILE C 261 3.06 44.28 14.61
C ILE C 261 3.75 45.51 14.00
N HIS C 262 5.07 45.59 14.18
CA HIS C 262 5.96 46.61 13.58
C HIS C 262 6.97 45.94 12.63
N MET C 263 7.49 46.71 11.68
CA MET C 263 8.52 46.29 10.70
C MET C 263 9.24 47.55 10.20
N VAL C 264 10.39 47.35 9.58
CA VAL C 264 11.08 48.39 8.77
C VAL C 264 10.43 48.36 7.40
N TYR C 265 9.85 49.48 6.95
CA TYR C 265 9.27 49.59 5.58
C TYR C 265 9.05 51.05 5.25
N VAL C 266 8.73 51.30 3.98
CA VAL C 266 8.36 52.63 3.41
C VAL C 266 6.84 52.74 3.52
N PRO C 267 6.29 53.45 4.53
CA PRO C 267 4.85 53.54 4.72
C PRO C 267 4.08 54.00 3.48
N SER C 268 4.63 54.92 2.69
CA SER C 268 3.98 55.43 1.46
C SER C 268 3.78 54.28 0.45
N HIS C 269 4.74 53.35 0.34
CA HIS C 269 4.60 52.13 -0.50
C HIS C 269 3.43 51.28 0.02
N LEU C 270 3.44 50.95 1.30
CA LEU C 270 2.39 50.11 1.93
C LEU C 270 1.02 50.78 1.73
N TYR C 271 0.98 52.09 1.93
CA TYR C 271 -0.23 52.94 1.74
C TYR C 271 -0.72 52.86 0.28
N HIS C 272 0.16 52.97 -0.72
CA HIS C 272 -0.25 52.95 -2.14
C HIS C 272 -0.96 51.61 -2.41
N MET C 273 -0.38 50.51 -1.94
CA MET C 273 -0.92 49.14 -2.16
C MET C 273 -2.29 49.02 -1.50
N LEU C 274 -2.36 49.39 -0.21
CA LEU C 274 -3.58 49.22 0.62
C LEU C 274 -4.68 50.14 0.09
N PHE C 275 -4.35 51.37 -0.32
CA PHE C 275 -5.29 52.35 -0.88
C PHE C 275 -6.04 51.74 -2.06
N GLU C 276 -5.29 51.20 -3.03
CA GLU C 276 -5.85 50.66 -4.29
C GLU C 276 -6.73 49.47 -3.95
N LEU C 277 -6.25 48.58 -3.08
CA LEU C 277 -7.01 47.35 -2.70
C LEU C 277 -8.30 47.76 -1.97
N PHE C 278 -8.23 48.76 -1.08
CA PHE C 278 -9.43 49.28 -0.38
C PHE C 278 -10.41 49.85 -1.40
N LYS C 279 -9.94 50.63 -2.40
CA LYS C 279 -10.85 51.29 -3.37
C LYS C 279 -11.62 50.19 -4.11
N ASN C 280 -10.92 49.17 -4.60
CA ASN C 280 -11.54 48.07 -5.41
C ASN C 280 -12.51 47.28 -4.54
N ALA C 281 -12.11 46.86 -3.35
CA ALA C 281 -12.98 46.13 -2.41
C ALA C 281 -14.27 46.92 -2.17
N MET C 282 -14.16 48.24 -1.92
CA MET C 282 -15.32 49.11 -1.61
C MET C 282 -16.20 49.23 -2.87
N ARG C 283 -15.61 49.53 -4.02
CA ARG C 283 -16.34 49.57 -5.32
C ARG C 283 -17.16 48.28 -5.46
N ALA C 284 -16.53 47.11 -5.35
CA ALA C 284 -17.20 45.81 -5.54
C ALA C 284 -18.32 45.67 -4.52
N THR C 285 -18.05 45.98 -3.24
CA THR C 285 -19.01 45.81 -2.13
C THR C 285 -20.25 46.67 -2.40
N VAL C 286 -20.05 47.93 -2.78
CA VAL C 286 -21.17 48.89 -2.96
C VAL C 286 -21.96 48.51 -4.21
N GLU C 287 -21.29 48.10 -5.28
CA GLU C 287 -21.93 47.85 -6.60
C GLU C 287 -22.72 46.53 -6.56
N SER C 288 -22.38 45.63 -5.63
CA SER C 288 -23.01 44.29 -5.44
C SER C 288 -24.07 44.33 -4.33
N HIS C 289 -24.31 45.52 -3.78
CA HIS C 289 -25.37 45.79 -2.77
C HIS C 289 -26.05 47.10 -3.18
N GLU C 290 -26.49 47.17 -4.44
CA GLU C 290 -26.79 48.44 -5.17
C GLU C 290 -27.83 49.23 -4.40
N SER C 291 -28.76 48.56 -3.71
CA SER C 291 -29.93 49.20 -3.05
C SER C 291 -29.84 49.09 -1.51
N SER C 292 -28.76 48.49 -0.98
CA SER C 292 -28.67 47.90 0.38
C SER C 292 -28.08 48.92 1.37
N LEU C 293 -28.59 48.89 2.61
CA LEU C 293 -28.33 49.92 3.65
C LEU C 293 -27.11 49.54 4.50
N ILE C 294 -27.21 48.45 5.26
CA ILE C 294 -26.10 47.92 6.11
C ILE C 294 -25.23 47.03 5.22
N LEU C 295 -23.94 47.32 5.16
CA LEU C 295 -23.03 46.82 4.09
C LEU C 295 -22.04 45.86 4.74
N PRO C 296 -21.66 44.75 4.07
CA PRO C 296 -20.75 43.80 4.69
C PRO C 296 -19.40 44.48 4.87
N PRO C 297 -18.74 44.35 6.03
CA PRO C 297 -17.48 45.05 6.26
C PRO C 297 -16.31 44.46 5.43
N ILE C 298 -15.24 45.21 5.25
CA ILE C 298 -13.94 44.72 4.70
C ILE C 298 -13.09 44.28 5.87
N LYS C 299 -12.64 43.03 5.82
CA LYS C 299 -11.83 42.38 6.89
C LYS C 299 -10.36 42.39 6.46
N VAL C 300 -9.48 42.86 7.30
CA VAL C 300 -8.02 42.88 7.01
C VAL C 300 -7.31 42.11 8.13
N MET C 301 -6.58 41.06 7.78
CA MET C 301 -5.77 40.30 8.76
C MET C 301 -4.29 40.62 8.48
N VAL C 302 -3.55 40.93 9.53
CA VAL C 302 -2.08 41.15 9.48
C VAL C 302 -1.45 40.01 10.28
N ALA C 303 -0.67 39.16 9.62
CA ALA C 303 0.06 38.04 10.23
C ALA C 303 1.56 38.24 10.05
N LEU C 304 2.31 38.05 11.12
CA LEU C 304 3.79 38.10 11.12
C LEU C 304 4.33 36.73 11.49
N GLY C 305 4.96 36.06 10.54
CA GLY C 305 5.69 34.79 10.73
C GLY C 305 7.16 35.06 10.80
N GLU C 306 8.02 34.03 10.78
CA GLU C 306 9.48 34.20 10.89
C GLU C 306 10.01 34.79 9.59
N GLU C 307 9.38 34.52 8.46
CA GLU C 307 9.88 34.95 7.13
C GLU C 307 8.98 36.02 6.50
N ASP C 308 7.67 35.89 6.67
CA ASP C 308 6.66 36.68 5.93
C ASP C 308 5.94 37.62 6.87
N LEU C 309 5.62 38.83 6.39
CA LEU C 309 4.50 39.66 6.91
C LEU C 309 3.39 39.67 5.86
N SER C 310 2.21 39.23 6.23
CA SER C 310 1.12 38.93 5.27
C SER C 310 -0.08 39.78 5.64
N ILE C 311 -0.68 40.45 4.66
CA ILE C 311 -1.87 41.32 4.87
C ILE C 311 -2.95 40.88 3.90
N LYS C 312 -4.01 40.27 4.43
CA LYS C 312 -5.16 39.76 3.67
C LYS C 312 -6.27 40.80 3.82
N MET C 313 -6.82 41.26 2.71
CA MET C 313 -8.04 42.11 2.66
C MET C 313 -9.14 41.26 2.05
N SER C 314 -10.17 40.94 2.84
CA SER C 314 -11.34 40.12 2.44
C SER C 314 -12.58 41.00 2.32
N ASP C 315 -13.25 40.97 1.16
CA ASP C 315 -14.54 41.67 0.92
C ASP C 315 -15.61 40.64 0.51
N ARG C 316 -16.87 40.99 0.72
CA ARG C 316 -18.06 40.22 0.25
C ARG C 316 -18.65 40.99 -0.92
N GLY C 317 -17.84 41.26 -1.93
CA GLY C 317 -18.18 42.09 -3.10
C GLY C 317 -18.70 41.29 -4.27
N GLY C 318 -18.91 39.99 -4.12
CA GLY C 318 -19.55 39.16 -5.18
C GLY C 318 -18.56 38.50 -6.11
N GLY C 319 -17.29 38.91 -6.04
CA GLY C 319 -16.17 38.18 -6.66
C GLY C 319 -16.17 38.23 -8.18
N VAL C 320 -15.06 37.78 -8.75
CA VAL C 320 -14.73 37.73 -10.21
C VAL C 320 -14.49 36.27 -10.57
N PRO C 321 -15.00 35.80 -11.74
CA PRO C 321 -14.65 34.48 -12.25
C PRO C 321 -13.14 34.34 -12.48
N LEU C 322 -12.60 33.14 -12.32
CA LEU C 322 -11.14 32.84 -12.41
C LEU C 322 -10.57 33.33 -13.74
N ARG C 323 -11.36 33.27 -14.82
CA ARG C 323 -10.94 33.60 -16.21
C ARG C 323 -10.53 35.07 -16.31
N LYS C 324 -11.10 35.94 -15.47
CA LYS C 324 -10.99 37.41 -15.59
C LYS C 324 -10.03 37.98 -14.55
N ILE C 325 -9.45 37.15 -13.68
CA ILE C 325 -8.42 37.60 -12.69
C ILE C 325 -7.28 38.23 -13.48
N GLU C 326 -6.74 37.51 -14.46
CA GLU C 326 -5.65 37.94 -15.35
C GLU C 326 -5.89 39.39 -15.79
N ARG C 327 -7.12 39.70 -16.23
CA ARG C 327 -7.52 41.03 -16.75
C ARG C 327 -7.23 42.10 -15.70
N LEU C 328 -7.61 41.87 -14.44
CA LEU C 328 -7.46 42.84 -13.32
C LEU C 328 -5.99 43.29 -13.23
N PHE C 329 -5.06 42.42 -13.62
CA PHE C 329 -3.60 42.63 -13.57
C PHE C 329 -3.07 43.25 -14.88
N SER C 330 -3.93 43.52 -15.85
CA SER C 330 -3.55 43.92 -17.23
C SER C 330 -3.75 45.43 -17.40
N TYR C 331 -2.73 46.10 -17.92
CA TYR C 331 -2.77 47.54 -18.31
C TYR C 331 -3.70 47.74 -19.51
N MET C 332 -3.75 46.75 -20.41
CA MET C 332 -4.46 46.82 -21.71
C MET C 332 -5.98 46.82 -21.50
N TYR C 333 -6.49 46.05 -20.53
CA TYR C 333 -7.95 45.87 -20.29
C TYR C 333 -8.48 47.09 -19.55
N SER C 334 -7.67 47.65 -18.64
CA SER C 334 -7.80 49.05 -18.14
C SER C 334 -7.18 50.02 -19.15
N GLY C 350 -7.24 57.10 -17.80
CA GLY C 350 -5.89 56.85 -17.26
C GLY C 350 -5.96 56.28 -15.84
N PHE C 351 -6.60 55.11 -15.67
CA PHE C 351 -6.81 54.41 -14.37
C PHE C 351 -7.21 52.95 -14.64
N GLY C 352 -7.20 52.12 -13.58
CA GLY C 352 -7.22 50.65 -13.63
C GLY C 352 -5.83 50.04 -13.44
N TYR C 353 -4.82 50.88 -13.22
CA TYR C 353 -3.37 50.54 -13.11
C TYR C 353 -3.01 50.30 -11.64
N GLY C 354 -3.98 50.50 -10.74
CA GLY C 354 -3.86 50.35 -9.29
C GLY C 354 -3.33 48.97 -8.91
N LEU C 355 -3.96 47.90 -9.40
CA LEU C 355 -3.58 46.53 -8.98
C LEU C 355 -2.20 46.18 -9.55
N PRO C 356 -1.96 46.28 -10.88
CA PRO C 356 -0.64 46.00 -11.44
C PRO C 356 0.48 46.77 -10.72
N ILE C 357 0.25 48.06 -10.43
CA ILE C 357 1.30 48.95 -9.84
C ILE C 357 1.46 48.62 -8.36
N SER C 358 0.35 48.35 -7.65
CA SER C 358 0.40 47.84 -6.25
C SER C 358 1.27 46.58 -6.17
N ARG C 359 1.14 45.67 -7.14
CA ARG C 359 1.99 44.46 -7.20
C ARG C 359 3.44 44.87 -7.39
N LEU C 360 3.71 45.88 -8.22
CA LEU C 360 5.11 46.32 -8.49
C LEU C 360 5.74 46.84 -7.19
N TYR C 361 5.02 47.65 -6.43
CA TYR C 361 5.45 48.16 -5.09
C TYR C 361 5.77 46.99 -4.15
N ALA C 362 4.93 45.95 -4.14
CA ALA C 362 5.11 44.71 -3.35
C ALA C 362 6.40 44.00 -3.76
N LYS C 363 6.62 43.86 -5.08
CA LYS C 363 7.77 43.12 -5.65
C LYS C 363 9.07 43.92 -5.44
N TYR C 364 8.98 45.24 -5.32
CA TYR C 364 10.15 46.13 -5.30
C TYR C 364 11.08 45.77 -4.15
N PHE C 365 10.58 45.41 -2.96
CA PHE C 365 11.44 45.00 -1.81
C PHE C 365 11.29 43.50 -1.51
N GLN C 366 11.11 42.71 -2.58
CA GLN C 366 11.13 41.22 -2.63
C GLN C 366 9.82 40.65 -2.07
N GLY C 367 8.72 41.39 -2.11
CA GLY C 367 7.39 40.90 -1.69
C GLY C 367 6.61 40.37 -2.89
N ASP C 368 5.30 40.17 -2.73
CA ASP C 368 4.34 39.89 -3.83
C ASP C 368 2.95 40.33 -3.38
N LEU C 369 2.01 40.31 -4.31
CA LEU C 369 0.60 40.67 -4.10
C LEU C 369 -0.19 39.72 -5.00
N GLN C 370 -1.03 38.88 -4.40
CA GLN C 370 -1.84 37.87 -5.09
C GLN C 370 -3.30 38.16 -4.78
N LEU C 371 -4.17 37.74 -5.69
CA LEU C 371 -5.61 37.99 -5.62
C LEU C 371 -6.33 36.67 -5.87
N PHE C 372 -7.22 36.23 -4.98
CA PHE C 372 -8.07 35.03 -5.20
C PHE C 372 -9.51 35.38 -4.89
N SER C 373 -10.35 35.17 -5.86
CA SER C 373 -11.78 35.53 -5.80
C SER C 373 -12.62 34.25 -5.72
N MET C 374 -13.85 34.40 -5.29
CA MET C 374 -14.87 33.34 -5.32
C MET C 374 -16.15 33.93 -5.92
N GLU C 375 -16.29 33.76 -7.22
CA GLU C 375 -17.42 34.35 -7.99
C GLU C 375 -18.70 34.01 -7.20
N GLY C 376 -19.51 35.03 -6.91
CA GLY C 376 -20.80 34.89 -6.22
C GLY C 376 -20.69 35.30 -4.77
N PHE C 377 -19.47 35.40 -4.25
CA PHE C 377 -19.25 35.62 -2.80
C PHE C 377 -18.40 36.89 -2.57
N GLY C 378 -17.13 36.83 -2.93
CA GLY C 378 -16.18 37.88 -2.56
C GLY C 378 -14.76 37.57 -3.01
N THR C 379 -13.84 38.46 -2.65
CA THR C 379 -12.43 38.47 -3.12
C THR C 379 -11.49 38.60 -1.92
N ASP C 380 -10.37 37.87 -1.97
CA ASP C 380 -9.25 37.97 -0.99
C ASP C 380 -8.04 38.53 -1.71
N ALA C 381 -7.48 39.63 -1.26
CA ALA C 381 -6.22 40.20 -1.81
C ALA C 381 -5.16 40.06 -0.74
N VAL C 382 -3.97 39.61 -1.10
CA VAL C 382 -2.89 39.38 -0.10
C VAL C 382 -1.60 40.10 -0.51
N ILE C 383 -1.12 40.97 0.36
CA ILE C 383 0.26 41.53 0.27
C ILE C 383 1.15 40.60 1.09
N TYR C 384 2.19 40.08 0.46
CA TYR C 384 3.29 39.32 1.09
C TYR C 384 4.50 40.26 1.18
N LEU C 385 5.03 40.50 2.37
CA LEU C 385 6.27 41.30 2.58
C LEU C 385 7.31 40.47 3.33
N LYS C 386 8.59 40.78 3.17
CA LYS C 386 9.68 40.21 4.00
C LYS C 386 9.54 40.79 5.42
N ALA C 387 9.48 39.90 6.42
CA ALA C 387 9.49 40.25 7.85
C ALA C 387 10.86 40.83 8.20
N LEU C 388 11.95 40.37 7.59
CA LEU C 388 13.32 40.88 7.88
C LEU C 388 13.73 41.97 6.89
N SER C 389 14.37 43.05 7.38
CA SER C 389 14.96 44.18 6.60
C SER C 389 16.22 43.74 5.84
N THR C 390 16.83 42.62 6.23
CA THR C 390 18.05 42.08 5.55
C THR C 390 17.62 41.38 4.26
N ASP C 391 16.42 40.78 4.25
CA ASP C 391 15.84 40.08 3.06
C ASP C 391 15.31 41.09 2.04
N SER C 392 15.20 42.38 2.39
CA SER C 392 14.69 43.45 1.50
C SER C 392 15.85 44.07 0.69
N VAL C 393 15.98 43.67 -0.58
CA VAL C 393 16.84 44.34 -1.60
C VAL C 393 15.92 44.87 -2.72
N GLU C 394 16.23 46.05 -3.27
CA GLU C 394 15.59 46.54 -4.50
C GLU C 394 15.57 45.42 -5.56
N ARG C 395 14.39 45.11 -6.10
CA ARG C 395 14.25 44.30 -7.34
C ARG C 395 14.09 45.31 -8.47
N LEU C 396 15.08 45.37 -9.37
CA LEU C 396 15.09 46.28 -10.54
C LEU C 396 14.92 45.48 -11.82
N PRO C 397 14.40 46.10 -12.89
CA PRO C 397 14.35 45.43 -14.17
C PRO C 397 15.81 45.03 -14.48
N VAL C 398 15.99 43.81 -14.95
CA VAL C 398 17.29 43.31 -15.49
C VAL C 398 17.40 43.87 -16.91
N TYR C 399 18.38 44.74 -17.17
CA TYR C 399 18.58 45.42 -18.48
C TYR C 399 19.75 44.76 -19.24
N ASN C 400 19.88 45.10 -20.51
CA ASN C 400 21.09 44.79 -21.33
C ASN C 400 21.25 43.27 -21.45
N LYS C 401 20.15 42.50 -21.34
CA LYS C 401 20.16 41.04 -21.62
C LYS C 401 20.42 40.88 -23.12
N SER C 402 21.17 39.85 -23.55
CA SER C 402 21.44 39.63 -24.99
C SER C 402 20.17 39.09 -25.67
N ALA C 403 19.94 39.54 -26.91
CA ALA C 403 18.88 39.04 -27.80
C ALA C 403 19.23 37.62 -28.24
N TRP C 404 20.51 37.26 -28.23
CA TRP C 404 21.06 35.90 -28.52
C TRP C 404 20.89 34.93 -27.34
N ARG C 405 20.08 33.88 -27.51
CA ARG C 405 19.93 32.78 -26.52
C ARG C 405 20.97 31.69 -26.85
N HIS C 406 21.81 31.33 -25.89
CA HIS C 406 22.80 30.21 -25.94
C HIS C 406 22.02 28.89 -25.87
N TYR C 407 22.43 27.87 -26.63
CA TYR C 407 21.82 26.51 -26.64
C TYR C 407 22.53 25.60 -25.64
N GLN C 408 21.81 24.56 -25.16
CA GLN C 408 22.14 23.76 -23.94
C GLN C 408 22.01 22.26 -24.24
N THR C 409 22.74 21.42 -23.48
CA THR C 409 22.83 19.93 -23.58
C THR C 409 22.70 19.50 -25.04
N LEU D 38 8.15 -11.85 -32.97
CA LEU D 38 8.19 -10.67 -32.05
C LEU D 38 6.96 -9.77 -32.28
N ALA D 39 6.34 -9.30 -31.18
CA ALA D 39 5.22 -8.32 -31.15
C ALA D 39 5.79 -6.90 -31.12
N GLY D 40 5.48 -6.15 -32.18
CA GLY D 40 6.18 -4.90 -32.54
C GLY D 40 5.53 -3.70 -31.90
N ALA D 41 5.74 -3.53 -30.59
CA ALA D 41 5.32 -2.32 -29.85
C ALA D 41 5.79 -1.07 -30.60
N PRO D 42 7.11 -0.90 -30.84
CA PRO D 42 7.62 0.29 -31.51
C PRO D 42 6.88 0.64 -32.82
N LYS D 43 6.60 -0.34 -33.66
CA LYS D 43 5.85 -0.11 -34.92
C LYS D 43 4.62 0.71 -34.55
N TYR D 44 3.80 0.20 -33.64
CA TYR D 44 2.48 0.75 -33.23
C TYR D 44 2.64 2.09 -32.51
N ILE D 45 3.58 2.16 -31.54
CA ILE D 45 3.91 3.42 -30.79
C ILE D 45 4.25 4.53 -31.79
N GLU D 46 5.13 4.26 -32.77
CA GLU D 46 5.55 5.25 -33.79
C GLU D 46 4.33 5.65 -34.62
N HIS D 47 3.52 4.67 -35.04
CA HIS D 47 2.31 4.95 -35.85
C HIS D 47 1.38 5.88 -35.09
N PHE D 48 0.89 5.47 -33.92
CA PHE D 48 -0.25 6.13 -33.23
C PHE D 48 0.18 7.49 -32.66
N SER D 49 1.48 7.67 -32.38
CA SER D 49 2.06 8.93 -31.84
C SER D 49 2.10 10.03 -32.91
N LYS D 50 1.84 9.70 -34.19
CA LYS D 50 1.73 10.68 -35.31
C LYS D 50 0.45 11.50 -35.20
N PHE D 51 -0.50 11.14 -34.31
CA PHE D 51 -1.82 11.81 -34.20
C PHE D 51 -1.95 12.50 -32.85
N SER D 52 -2.79 13.52 -32.80
CA SER D 52 -3.16 14.28 -31.58
C SER D 52 -4.40 13.66 -30.93
N PRO D 53 -4.39 13.50 -29.59
CA PRO D 53 -5.59 13.20 -28.83
C PRO D 53 -6.77 14.12 -29.23
N SER D 54 -7.99 13.61 -29.14
CA SER D 54 -9.25 14.36 -29.37
C SER D 54 -9.88 14.68 -28.03
N PRO D 55 -9.82 15.94 -27.54
CA PRO D 55 -10.44 16.30 -26.28
C PRO D 55 -11.96 16.21 -26.41
N LEU D 56 -12.64 15.66 -25.41
CA LEU D 56 -14.13 15.62 -25.35
C LEU D 56 -14.62 16.58 -24.29
N SER D 57 -15.79 17.16 -24.51
CA SER D 57 -16.50 18.02 -23.55
C SER D 57 -17.29 17.13 -22.58
N MET D 58 -17.60 17.65 -21.41
CA MET D 58 -18.50 16.99 -20.43
C MET D 58 -19.83 16.70 -21.15
N LYS D 59 -20.34 17.62 -21.96
CA LYS D 59 -21.61 17.44 -22.70
C LYS D 59 -21.48 16.21 -23.61
N GLN D 60 -20.41 16.12 -24.40
CA GLN D 60 -20.12 14.96 -25.29
C GLN D 60 -20.11 13.65 -24.48
N PHE D 61 -19.60 13.67 -23.24
CA PHE D 61 -19.61 12.46 -22.36
C PHE D 61 -21.06 12.13 -21.98
N LEU D 62 -21.84 13.15 -21.64
CA LEU D 62 -23.26 12.99 -21.24
C LEU D 62 -24.05 12.37 -22.40
N ASP D 63 -23.93 12.93 -23.60
CA ASP D 63 -24.68 12.51 -24.82
C ASP D 63 -24.22 11.14 -25.32
N PHE D 64 -22.92 10.83 -25.23
CA PHE D 64 -22.31 9.57 -25.73
C PHE D 64 -22.62 8.44 -24.74
N GLY D 65 -23.42 8.74 -23.72
CA GLY D 65 -24.26 7.79 -22.97
C GLY D 65 -25.71 8.21 -23.08
N SER D 66 -26.64 7.51 -22.43
CA SER D 66 -28.10 7.84 -22.37
C SER D 66 -28.73 7.99 -23.78
N SER D 67 -29.09 9.20 -24.24
CA SER D 67 -29.85 9.46 -25.50
C SER D 67 -29.07 8.97 -26.74
N ASN D 68 -27.92 9.60 -27.05
CA ASN D 68 -27.09 9.30 -28.26
C ASN D 68 -26.14 8.13 -27.97
N ALA D 69 -26.52 7.16 -27.11
CA ALA D 69 -25.63 6.08 -26.61
C ALA D 69 -25.59 4.91 -27.60
N CYS D 70 -24.46 4.74 -28.31
CA CYS D 70 -24.19 3.61 -29.24
C CYS D 70 -22.84 2.95 -28.88
N GLU D 71 -22.91 1.69 -28.43
CA GLU D 71 -21.73 0.88 -28.05
C GLU D 71 -20.76 0.80 -29.24
N LYS D 72 -21.27 0.76 -30.47
CA LYS D 72 -20.46 0.63 -31.71
C LYS D 72 -19.70 1.96 -31.95
N THR D 73 -20.37 3.10 -31.81
CA THR D 73 -19.75 4.45 -31.94
C THR D 73 -18.60 4.55 -30.92
N SER D 74 -18.84 4.15 -29.67
CA SER D 74 -17.82 4.22 -28.59
C SER D 74 -16.65 3.31 -28.94
N PHE D 75 -16.93 2.06 -29.30
CA PHE D 75 -15.91 1.05 -29.71
C PHE D 75 -15.01 1.61 -30.82
N THR D 76 -15.59 2.15 -31.90
CA THR D 76 -14.79 2.60 -33.08
C THR D 76 -14.00 3.86 -32.71
N PHE D 77 -14.49 4.67 -31.78
CA PHE D 77 -13.79 5.90 -31.30
C PHE D 77 -12.61 5.52 -30.38
N LEU D 78 -12.86 4.65 -29.39
CA LEU D 78 -11.88 4.26 -28.35
C LEU D 78 -10.78 3.35 -28.92
N ARG D 79 -11.04 2.58 -29.99
CA ARG D 79 -10.00 1.67 -30.56
C ARG D 79 -9.01 2.48 -31.43
N GLN D 80 -9.34 3.72 -31.78
CA GLN D 80 -8.37 4.70 -32.33
C GLN D 80 -7.84 5.61 -31.20
N GLU D 81 -8.72 6.16 -30.36
CA GLU D 81 -8.34 7.23 -29.39
C GLU D 81 -7.44 6.67 -28.28
N LEU D 82 -7.78 5.54 -27.68
CA LEU D 82 -6.94 4.98 -26.58
C LEU D 82 -5.51 4.82 -27.08
N PRO D 83 -5.28 4.11 -28.22
CA PRO D 83 -3.92 3.88 -28.69
C PRO D 83 -3.13 5.17 -28.97
N VAL D 84 -3.80 6.22 -29.46
CA VAL D 84 -3.22 7.58 -29.70
C VAL D 84 -2.78 8.20 -28.36
N ARG D 85 -3.67 8.15 -27.36
CA ARG D 85 -3.37 8.64 -25.99
C ARG D 85 -2.22 7.82 -25.40
N LEU D 86 -2.25 6.50 -25.56
CA LEU D 86 -1.23 5.57 -25.02
C LEU D 86 0.10 5.82 -25.74
N ALA D 87 0.07 5.87 -27.07
CA ALA D 87 1.28 6.00 -27.91
C ALA D 87 1.98 7.31 -27.58
N ASN D 88 1.21 8.38 -27.42
CA ASN D 88 1.80 9.73 -27.18
C ASN D 88 2.62 9.70 -25.88
N ILE D 89 2.03 9.24 -24.77
CA ILE D 89 2.73 9.29 -23.45
C ILE D 89 3.84 8.23 -23.44
N MET D 90 3.73 7.19 -24.27
CA MET D 90 4.76 6.11 -24.36
C MET D 90 6.00 6.63 -25.07
N LYS D 91 5.81 7.28 -26.22
CA LYS D 91 6.86 8.08 -26.92
C LYS D 91 7.59 8.96 -25.90
N GLU D 92 6.87 9.62 -25.00
CA GLU D 92 7.43 10.65 -24.10
C GLU D 92 8.21 9.99 -22.95
N ILE D 93 7.74 8.86 -22.44
CA ILE D 93 8.51 8.09 -21.42
C ILE D 93 9.87 7.76 -22.04
N ASN D 94 9.91 7.34 -23.32
CA ASN D 94 11.16 6.87 -23.98
C ASN D 94 12.09 8.06 -24.28
N LEU D 95 11.69 9.31 -23.98
CA LEU D 95 12.55 10.52 -24.10
C LEU D 95 13.08 10.98 -22.74
N LEU D 96 12.58 10.43 -21.64
CA LEU D 96 13.12 10.74 -20.28
C LEU D 96 14.61 10.47 -20.28
N PRO D 97 15.39 11.17 -19.42
CA PRO D 97 16.80 10.85 -19.18
C PRO D 97 17.02 9.37 -18.81
N ASP D 98 18.10 8.74 -19.31
CA ASP D 98 18.37 7.29 -19.12
C ASP D 98 18.48 6.96 -17.63
N ARG D 99 18.90 7.91 -16.78
CA ARG D 99 19.05 7.72 -15.30
C ARG D 99 17.70 7.34 -14.66
N VAL D 100 16.59 7.75 -15.27
CA VAL D 100 15.19 7.51 -14.76
C VAL D 100 14.58 6.34 -15.51
N LEU D 101 14.81 6.28 -16.83
CA LEU D 101 14.14 5.32 -17.74
C LEU D 101 14.58 3.90 -17.38
N SER D 102 15.80 3.74 -16.87
CA SER D 102 16.41 2.43 -16.56
C SER D 102 16.04 2.02 -15.12
N THR D 103 15.25 2.82 -14.39
CA THR D 103 14.79 2.44 -13.02
C THR D 103 13.80 1.28 -13.16
N PRO D 104 13.87 0.25 -12.30
CA PRO D 104 12.96 -0.91 -12.41
C PRO D 104 11.48 -0.49 -12.55
N SER D 105 11.03 0.43 -11.69
CA SER D 105 9.62 0.85 -11.58
C SER D 105 9.16 1.57 -12.86
N VAL D 106 10.01 2.38 -13.50
CA VAL D 106 9.64 3.07 -14.77
C VAL D 106 9.53 2.03 -15.89
N GLN D 107 10.53 1.14 -16.00
CA GLN D 107 10.54 0.04 -16.99
C GLN D 107 9.23 -0.77 -16.85
N LEU D 108 8.80 -0.98 -15.61
CA LEU D 108 7.57 -1.75 -15.27
C LEU D 108 6.34 -1.03 -15.81
N VAL D 109 6.19 0.26 -15.49
CA VAL D 109 5.03 1.06 -15.97
C VAL D 109 5.02 1.03 -17.50
N GLN D 110 6.18 1.17 -18.12
CA GLN D 110 6.29 1.15 -19.61
C GLN D 110 5.79 -0.20 -20.15
N SER D 111 6.17 -1.30 -19.51
CA SER D 111 5.74 -2.65 -19.93
C SER D 111 4.20 -2.76 -19.83
N TRP D 112 3.58 -2.17 -18.81
CA TRP D 112 2.10 -2.25 -18.63
C TRP D 112 1.40 -1.49 -19.77
N TYR D 113 2.01 -0.40 -20.24
CA TYR D 113 1.45 0.44 -21.34
C TYR D 113 1.57 -0.33 -22.67
N VAL D 114 2.71 -0.97 -22.93
CA VAL D 114 2.90 -1.87 -24.12
C VAL D 114 1.78 -2.93 -24.11
N GLN D 115 1.66 -3.70 -23.02
N GLN D 115 1.67 -3.69 -23.01
CA GLN D 115 0.65 -4.79 -22.90
CA GLN D 115 0.68 -4.78 -22.77
C GLN D 115 -0.74 -4.23 -23.27
C GLN D 115 -0.74 -4.28 -23.15
N SER D 116 -1.10 -3.08 -22.70
CA SER D 116 -2.44 -2.46 -22.86
C SER D 116 -2.62 -2.01 -24.32
N LEU D 117 -1.63 -1.35 -24.89
CA LEU D 117 -1.68 -0.94 -26.32
C LEU D 117 -1.93 -2.21 -27.15
N LEU D 118 -1.09 -3.25 -26.97
CA LEU D 118 -1.21 -4.53 -27.74
C LEU D 118 -2.63 -5.08 -27.57
N ASP D 119 -3.10 -5.21 -26.32
CA ASP D 119 -4.49 -5.63 -25.98
C ASP D 119 -5.50 -4.96 -26.93
N ILE D 120 -5.43 -3.65 -27.11
CA ILE D 120 -6.43 -2.87 -27.92
C ILE D 120 -6.20 -3.14 -29.41
N MET D 121 -4.96 -3.43 -29.82
CA MET D 121 -4.59 -3.61 -31.26
C MET D 121 -5.29 -4.85 -31.82
N GLU D 122 -5.57 -5.85 -30.97
CA GLU D 122 -6.33 -7.06 -31.32
C GLU D 122 -7.64 -6.67 -31.98
N PHE D 123 -8.18 -5.48 -31.64
CA PHE D 123 -9.56 -5.07 -31.98
C PHE D 123 -9.59 -4.20 -33.25
N LEU D 124 -8.44 -3.90 -33.84
CA LEU D 124 -8.32 -2.89 -34.93
C LEU D 124 -9.09 -3.32 -36.19
N ASP D 125 -9.10 -4.61 -36.54
CA ASP D 125 -9.73 -5.12 -37.79
C ASP D 125 -11.06 -5.82 -37.51
N LYS D 126 -11.42 -6.05 -36.24
CA LYS D 126 -12.64 -6.79 -35.82
C LYS D 126 -13.88 -5.98 -36.20
N ASP D 127 -15.04 -6.64 -36.32
CA ASP D 127 -16.30 -6.03 -36.82
C ASP D 127 -17.09 -5.46 -35.63
N PRO D 128 -17.43 -4.15 -35.66
CA PRO D 128 -18.35 -3.57 -34.68
C PRO D 128 -19.76 -4.19 -34.69
N GLU D 129 -20.24 -4.65 -35.85
CA GLU D 129 -21.60 -5.25 -36.02
C GLU D 129 -21.75 -6.53 -35.18
N ASP D 130 -20.64 -7.19 -34.82
CA ASP D 130 -20.64 -8.48 -34.05
C ASP D 130 -20.70 -8.18 -32.54
N HIS D 131 -21.78 -8.60 -31.88
CA HIS D 131 -22.06 -8.36 -30.43
C HIS D 131 -20.95 -8.95 -29.54
N ARG D 132 -20.19 -9.92 -30.02
CA ARG D 132 -19.13 -10.63 -29.24
C ARG D 132 -17.85 -9.79 -29.23
N THR D 133 -17.61 -9.05 -30.31
CA THR D 133 -16.52 -8.05 -30.44
C THR D 133 -16.64 -7.00 -29.33
N LEU D 134 -17.81 -6.36 -29.26
CA LEU D 134 -18.16 -5.30 -28.30
C LEU D 134 -18.00 -5.80 -26.86
N SER D 135 -18.37 -7.07 -26.60
CA SER D 135 -18.34 -7.70 -25.26
C SER D 135 -16.88 -7.94 -24.85
N GLN D 136 -16.07 -8.46 -25.78
CA GLN D 136 -14.65 -8.79 -25.52
C GLN D 136 -13.88 -7.48 -25.29
N PHE D 137 -14.18 -6.45 -26.09
CA PHE D 137 -13.58 -5.09 -25.97
C PHE D 137 -13.76 -4.61 -24.53
N THR D 138 -15.00 -4.60 -24.07
CA THR D 138 -15.36 -4.10 -22.73
C THR D 138 -14.56 -4.86 -21.66
N ASP D 139 -14.35 -6.17 -21.87
CA ASP D 139 -13.59 -7.00 -20.91
C ASP D 139 -12.10 -6.62 -20.98
N ALA D 140 -11.59 -6.34 -22.18
CA ALA D 140 -10.21 -5.92 -22.40
C ALA D 140 -9.97 -4.59 -21.66
N LEU D 141 -10.93 -3.67 -21.75
CA LEU D 141 -10.81 -2.34 -21.09
C LEU D 141 -10.77 -2.54 -19.57
N VAL D 142 -11.63 -3.39 -19.03
CA VAL D 142 -11.65 -3.70 -17.56
C VAL D 142 -10.29 -4.26 -17.16
N THR D 143 -9.72 -5.15 -17.98
CA THR D 143 -8.39 -5.77 -17.72
C THR D 143 -7.36 -4.65 -17.67
N ILE D 144 -7.39 -3.78 -18.69
CA ILE D 144 -6.51 -2.59 -18.77
C ILE D 144 -6.70 -1.73 -17.53
N ARG D 145 -7.95 -1.39 -17.19
CA ARG D 145 -8.25 -0.53 -16.00
C ARG D 145 -7.54 -1.14 -14.79
N ASN D 146 -7.70 -2.45 -14.59
CA ASN D 146 -7.18 -3.19 -13.41
C ASN D 146 -5.65 -3.24 -13.48
N ARG D 147 -5.09 -3.48 -14.66
CA ARG D 147 -3.62 -3.52 -14.89
C ARG D 147 -2.98 -2.23 -14.35
N HIS D 148 -3.62 -1.08 -14.55
CA HIS D 148 -3.02 0.27 -14.32
C HIS D 148 -3.38 0.84 -12.94
N ASN D 149 -3.99 0.05 -12.04
CA ASN D 149 -4.42 0.49 -10.69
C ASN D 149 -3.21 1.08 -9.92
N ASP D 150 -2.05 0.44 -10.04
CA ASP D 150 -0.84 0.60 -9.19
C ASP D 150 0.10 1.69 -9.75
N VAL D 151 -0.27 2.27 -10.89
CA VAL D 151 0.66 3.04 -11.77
C VAL D 151 1.23 4.24 -10.97
N VAL D 152 0.40 4.95 -10.22
CA VAL D 152 0.82 6.23 -9.55
C VAL D 152 1.92 5.92 -8.54
N PRO D 153 1.70 5.08 -7.50
CA PRO D 153 2.76 4.76 -6.54
C PRO D 153 3.98 4.06 -7.17
N THR D 154 3.83 3.36 -8.29
CA THR D 154 4.95 2.70 -9.02
C THR D 154 5.84 3.76 -9.69
N MET D 155 5.25 4.73 -10.39
CA MET D 155 6.01 5.83 -11.02
C MET D 155 6.74 6.60 -9.90
N ALA D 156 6.06 6.84 -8.77
CA ALA D 156 6.64 7.52 -7.59
C ALA D 156 7.85 6.71 -7.06
N GLN D 157 7.73 5.37 -7.06
CA GLN D 157 8.78 4.41 -6.61
C GLN D 157 10.01 4.56 -7.52
N GLY D 158 9.79 4.73 -8.83
CA GLY D 158 10.85 4.99 -9.83
C GLY D 158 11.58 6.29 -9.57
N VAL D 159 10.84 7.34 -9.20
CA VAL D 159 11.38 8.69 -8.88
C VAL D 159 12.26 8.56 -7.63
N LEU D 160 11.81 7.81 -6.61
CA LEU D 160 12.58 7.50 -5.37
C LEU D 160 13.85 6.70 -5.73
N GLU D 161 13.75 5.71 -6.63
CA GLU D 161 14.92 4.91 -7.12
C GLU D 161 15.97 5.86 -7.71
N TYR D 162 15.54 6.83 -8.53
CA TYR D 162 16.44 7.82 -9.17
C TYR D 162 17.04 8.73 -8.08
N LYS D 163 16.20 9.32 -7.24
CA LYS D 163 16.62 10.21 -6.12
C LYS D 163 17.71 9.51 -5.29
N ASP D 164 17.48 8.26 -4.89
CA ASP D 164 18.34 7.52 -3.91
C ASP D 164 19.52 6.83 -4.60
N THR D 165 19.71 7.01 -5.91
CA THR D 165 20.90 6.55 -6.70
C THR D 165 21.72 7.75 -7.22
N TYR D 166 21.06 8.89 -7.54
CA TYR D 166 21.67 10.21 -7.89
C TYR D 166 21.25 11.22 -6.81
N GLY D 167 20.84 12.45 -7.15
CA GLY D 167 20.63 13.52 -6.13
C GLY D 167 19.53 14.49 -6.49
N ASP D 168 19.68 15.76 -6.08
CA ASP D 168 18.78 16.89 -6.43
C ASP D 168 19.59 18.00 -7.12
N ASP D 169 20.05 17.74 -8.36
CA ASP D 169 20.51 18.80 -9.32
C ASP D 169 19.27 19.47 -9.90
N PRO D 170 19.12 20.83 -9.79
CA PRO D 170 17.83 21.47 -10.01
C PRO D 170 17.29 21.44 -11.45
N VAL D 171 18.11 21.03 -12.44
CA VAL D 171 17.73 20.92 -13.88
C VAL D 171 16.86 19.67 -14.06
N SER D 172 17.33 18.52 -13.56
CA SER D 172 16.69 17.19 -13.68
C SER D 172 15.36 17.14 -12.91
N ASN D 173 15.18 18.00 -11.89
CA ASN D 173 13.97 17.99 -11.04
C ASN D 173 12.84 18.75 -11.75
N GLN D 174 13.14 19.87 -12.44
CA GLN D 174 12.12 20.61 -13.24
C GLN D 174 11.75 19.77 -14.48
N ASN D 175 12.62 18.85 -14.91
CA ASN D 175 12.40 17.88 -16.03
C ASN D 175 11.40 16.81 -15.59
N ILE D 176 11.65 16.19 -14.44
CA ILE D 176 10.77 15.14 -13.83
C ILE D 176 9.41 15.74 -13.46
N GLN D 177 9.39 16.96 -12.90
CA GLN D 177 8.13 17.68 -12.55
C GLN D 177 7.30 17.84 -13.81
N TYR D 178 7.91 18.34 -14.87
CA TYR D 178 7.28 18.58 -16.20
C TYR D 178 6.69 17.25 -16.72
N PHE D 179 7.47 16.18 -16.72
CA PHE D 179 7.06 14.87 -17.25
C PHE D 179 5.93 14.31 -16.40
N LEU D 180 6.06 14.39 -15.08
CA LEU D 180 5.08 13.76 -14.16
C LEU D 180 3.72 14.47 -14.32
N ASP D 181 3.69 15.80 -14.43
CA ASP D 181 2.40 16.53 -14.63
C ASP D 181 1.72 16.01 -15.90
N ARG D 182 2.50 15.79 -16.96
CA ARG D 182 1.99 15.32 -18.27
C ARG D 182 1.48 13.87 -18.13
N PHE D 183 2.32 13.01 -17.56
CA PHE D 183 2.03 11.56 -17.43
C PHE D 183 0.72 11.38 -16.64
N TYR D 184 0.60 12.05 -15.50
CA TYR D 184 -0.53 11.87 -14.57
C TYR D 184 -1.79 12.49 -15.17
N LEU D 185 -1.68 13.58 -15.94
CA LEU D 185 -2.88 14.17 -16.63
C LEU D 185 -3.31 13.21 -17.74
N SER D 186 -2.36 12.74 -18.54
CA SER D 186 -2.56 11.69 -19.57
C SER D 186 -3.33 10.53 -18.95
N ARG D 187 -2.84 10.03 -17.80
CA ARG D 187 -3.42 8.87 -17.09
C ARG D 187 -4.88 9.17 -16.71
N ILE D 188 -5.16 10.31 -16.07
CA ILE D 188 -6.53 10.73 -15.69
C ILE D 188 -7.45 10.66 -16.93
N SER D 189 -6.99 11.16 -18.08
CA SER D 189 -7.80 11.25 -19.32
C SER D 189 -8.13 9.84 -19.86
N ILE D 190 -7.23 8.88 -19.66
CA ILE D 190 -7.34 7.49 -20.19
C ILE D 190 -8.30 6.71 -19.29
N ARG D 191 -8.19 6.85 -17.97
CA ARG D 191 -9.11 6.16 -17.02
C ARG D 191 -10.53 6.69 -17.19
N MET D 192 -10.68 7.97 -17.53
CA MET D 192 -11.98 8.61 -17.77
C MET D 192 -12.64 7.93 -18.97
N LEU D 193 -11.90 7.77 -20.08
CA LEU D 193 -12.42 7.17 -21.33
C LEU D 193 -12.87 5.73 -21.05
N ILE D 194 -12.04 4.98 -20.34
CA ILE D 194 -12.27 3.55 -20.02
C ILE D 194 -13.45 3.44 -19.06
N ASN D 195 -13.49 4.28 -18.03
CA ASN D 195 -14.56 4.28 -16.99
C ASN D 195 -15.89 4.50 -17.72
N GLN D 196 -15.97 5.52 -18.59
CA GLN D 196 -17.24 5.83 -19.30
C GLN D 196 -17.71 4.61 -20.08
N HIS D 197 -16.81 3.91 -20.77
CA HIS D 197 -17.24 2.77 -21.64
C HIS D 197 -17.68 1.61 -20.74
N THR D 198 -16.83 1.18 -19.82
CA THR D 198 -17.09 -0.01 -18.96
C THR D 198 -18.38 0.20 -18.15
N LEU D 199 -18.52 1.35 -17.46
CA LEU D 199 -19.70 1.63 -16.61
C LEU D 199 -20.98 1.69 -17.45
N ILE D 200 -20.98 2.35 -18.62
CA ILE D 200 -22.20 2.49 -19.47
C ILE D 200 -22.57 1.12 -20.08
N PHE D 201 -21.61 0.41 -20.69
CA PHE D 201 -21.90 -0.78 -21.53
C PHE D 201 -21.58 -2.12 -20.83
N ASP D 202 -21.61 -2.22 -19.50
CA ASP D 202 -21.42 -3.55 -18.83
C ASP D 202 -22.77 -4.28 -18.73
N GLY D 203 -22.74 -5.58 -18.43
CA GLY D 203 -23.92 -6.37 -18.05
C GLY D 203 -24.05 -6.55 -16.54
N SER D 204 -24.75 -5.63 -15.83
CA SER D 204 -25.43 -5.94 -14.53
C SER D 204 -26.72 -5.12 -14.40
N THR D 205 -27.81 -5.74 -13.87
CA THR D 205 -29.23 -5.36 -14.13
C THR D 205 -29.79 -4.38 -13.08
N ASN D 206 -29.20 -4.28 -11.87
CA ASN D 206 -29.58 -3.29 -10.82
C ASN D 206 -28.30 -2.71 -10.21
N PRO D 207 -27.47 -1.95 -10.98
CA PRO D 207 -26.18 -1.44 -10.48
C PRO D 207 -26.29 -0.34 -9.40
N ALA D 208 -25.15 0.17 -8.96
CA ALA D 208 -25.00 1.06 -7.78
C ALA D 208 -25.66 2.42 -8.00
N HIS D 209 -25.21 3.16 -9.02
CA HIS D 209 -25.59 4.57 -9.29
C HIS D 209 -26.37 4.67 -10.60
N PRO D 210 -27.69 4.37 -10.60
CA PRO D 210 -28.48 4.44 -11.83
C PRO D 210 -28.72 5.90 -12.27
N LYS D 211 -28.53 6.87 -11.37
CA LYS D 211 -28.59 8.31 -11.68
C LYS D 211 -27.49 8.66 -12.70
N HIS D 212 -26.32 8.00 -12.62
CA HIS D 212 -25.05 8.40 -13.28
C HIS D 212 -25.01 8.00 -14.76
N ILE D 213 -24.33 8.84 -15.55
CA ILE D 213 -23.90 8.53 -16.93
C ILE D 213 -22.42 8.15 -16.85
N GLY D 214 -22.16 6.86 -16.67
CA GLY D 214 -20.82 6.33 -16.36
C GLY D 214 -20.37 6.80 -14.99
N SER D 215 -19.29 7.57 -14.96
CA SER D 215 -18.69 8.14 -13.73
C SER D 215 -19.23 9.56 -13.49
N ILE D 216 -20.01 10.11 -14.43
CA ILE D 216 -20.53 11.51 -14.36
C ILE D 216 -21.88 11.49 -13.66
N ASP D 217 -21.98 12.26 -12.58
CA ASP D 217 -23.25 12.59 -11.89
C ASP D 217 -23.77 13.90 -12.46
N PRO D 218 -24.88 13.91 -13.23
CA PRO D 218 -25.38 15.14 -13.83
C PRO D 218 -26.08 16.02 -12.79
N ASN D 219 -26.32 15.51 -11.58
CA ASN D 219 -26.93 16.27 -10.47
C ASN D 219 -26.07 16.05 -9.21
N CYS D 220 -24.77 16.27 -9.34
CA CYS D 220 -23.76 16.08 -8.27
C CYS D 220 -23.96 17.13 -7.19
N ASN D 221 -24.29 16.70 -5.97
CA ASN D 221 -24.45 17.57 -4.77
C ASN D 221 -23.06 17.80 -4.18
N VAL D 222 -22.50 18.98 -4.40
CA VAL D 222 -21.09 19.27 -4.04
C VAL D 222 -20.89 19.03 -2.53
N SER D 223 -21.77 19.55 -1.69
CA SER D 223 -21.58 19.48 -0.21
C SER D 223 -21.59 18.02 0.24
N GLU D 224 -22.32 17.12 -0.44
CA GLU D 224 -22.39 15.69 -0.05
C GLU D 224 -20.99 15.09 -0.24
N VAL D 225 -20.30 15.50 -1.31
CA VAL D 225 -18.95 14.97 -1.64
C VAL D 225 -17.97 15.52 -0.61
N VAL D 226 -18.14 16.80 -0.20
CA VAL D 226 -17.27 17.46 0.81
C VAL D 226 -17.34 16.66 2.10
N LYS D 227 -18.56 16.37 2.57
CA LYS D 227 -18.82 15.59 3.81
C LYS D 227 -18.18 14.19 3.70
N ASP D 228 -18.35 13.50 2.56
CA ASP D 228 -17.71 12.18 2.29
C ASP D 228 -16.19 12.27 2.48
N ALA D 229 -15.57 13.20 1.77
CA ALA D 229 -14.11 13.44 1.78
C ALA D 229 -13.68 13.72 3.22
N TYR D 230 -14.43 14.55 3.93
CA TYR D 230 -14.14 14.90 5.35
C TYR D 230 -14.21 13.63 6.21
N ASP D 231 -15.30 12.86 6.08
CA ASP D 231 -15.56 11.65 6.90
C ASP D 231 -14.32 10.75 6.80
N MET D 232 -13.81 10.48 5.60
CA MET D 232 -12.66 9.56 5.43
C MET D 232 -11.38 10.22 5.96
N ALA D 233 -11.23 11.53 5.76
CA ALA D 233 -10.06 12.28 6.24
C ALA D 233 -10.05 12.23 7.77
N LYS D 234 -11.20 12.49 8.40
CA LYS D 234 -11.36 12.47 9.88
C LYS D 234 -10.98 11.06 10.42
N LEU D 235 -11.44 10.01 9.73
CA LEU D 235 -11.10 8.61 10.10
C LEU D 235 -9.57 8.48 10.19
N LEU D 236 -8.85 8.83 9.13
CA LEU D 236 -7.36 8.70 9.03
C LEU D 236 -6.71 9.55 10.11
N CYS D 237 -7.09 10.82 10.19
CA CYS D 237 -6.58 11.74 11.23
C CYS D 237 -6.76 11.10 12.61
N ASP D 238 -7.95 10.57 12.91
CA ASP D 238 -8.28 9.93 14.22
C ASP D 238 -7.40 8.68 14.43
N LYS D 239 -6.99 7.99 13.38
CA LYS D 239 -6.19 6.75 13.49
C LYS D 239 -4.78 7.10 14.00
N TYR D 240 -4.13 8.14 13.43
CA TYR D 240 -2.68 8.42 13.60
C TYR D 240 -2.44 9.46 14.71
N TYR D 241 -3.41 10.32 15.00
CA TYR D 241 -3.52 11.20 16.18
C TYR D 241 -4.88 10.86 16.79
N MET D 242 -5.17 11.12 18.07
CA MET D 242 -6.47 10.71 18.69
C MET D 242 -7.52 11.81 18.45
N ALA D 243 -7.13 12.89 17.76
CA ALA D 243 -7.94 14.11 17.59
C ALA D 243 -8.02 14.44 16.09
N SER D 244 -9.06 15.18 15.71
CA SER D 244 -9.31 15.66 14.34
C SER D 244 -10.23 16.87 14.39
N PRO D 245 -9.94 17.95 13.64
CA PRO D 245 -10.80 19.12 13.65
C PRO D 245 -12.18 18.81 13.06
N ASP D 246 -13.20 19.54 13.51
CA ASP D 246 -14.59 19.44 13.00
C ASP D 246 -14.66 20.19 11.68
N LEU D 247 -15.77 20.00 10.95
CA LEU D 247 -16.06 20.62 9.63
C LEU D 247 -17.23 21.59 9.78
N GLU D 248 -17.12 22.77 9.17
CA GLU D 248 -18.26 23.70 8.95
C GLU D 248 -18.34 23.90 7.46
N ILE D 249 -19.54 23.87 6.88
CA ILE D 249 -19.76 24.16 5.44
C ILE D 249 -20.78 25.28 5.32
N GLN D 250 -20.44 26.28 4.52
CA GLN D 250 -21.35 27.35 4.07
C GLN D 250 -21.42 27.21 2.56
N GLU D 251 -22.65 27.31 2.03
CA GLU D 251 -22.96 27.37 0.59
C GLU D 251 -23.37 28.79 0.25
N ILE D 252 -22.96 29.30 -0.91
CA ILE D 252 -23.46 30.58 -1.48
C ILE D 252 -23.91 30.28 -2.91
N ASN D 253 -25.22 30.10 -3.10
CA ASN D 253 -25.84 29.94 -4.43
C ASN D 253 -26.30 31.35 -4.85
N ALA D 254 -25.44 32.06 -5.58
CA ALA D 254 -25.57 33.50 -5.90
C ALA D 254 -26.90 33.73 -6.60
N ALA D 255 -27.13 33.07 -7.74
CA ALA D 255 -28.36 33.20 -8.55
C ALA D 255 -29.59 32.80 -7.72
N ASN D 256 -29.61 31.59 -7.16
CA ASN D 256 -30.81 31.00 -6.49
C ASN D 256 -30.49 30.76 -5.01
N SER D 257 -30.60 31.80 -4.19
CA SER D 257 -30.16 31.90 -2.77
C SER D 257 -30.39 30.62 -1.95
N LYS D 258 -31.61 30.08 -1.86
CA LYS D 258 -32.00 29.04 -0.86
C LYS D 258 -31.65 27.62 -1.36
N GLN D 259 -31.21 27.46 -2.60
CA GLN D 259 -31.23 26.16 -3.32
C GLN D 259 -29.91 25.44 -3.09
N PRO D 260 -29.91 24.12 -2.77
CA PRO D 260 -28.65 23.37 -2.60
C PRO D 260 -27.85 23.36 -3.91
N ILE D 261 -26.51 23.45 -3.81
CA ILE D 261 -25.61 23.59 -4.98
C ILE D 261 -25.33 22.21 -5.60
N HIS D 262 -25.78 22.04 -6.83
CA HIS D 262 -25.53 20.87 -7.69
C HIS D 262 -24.81 21.33 -8.97
N MET D 263 -24.14 20.39 -9.63
CA MET D 263 -23.41 20.61 -10.91
C MET D 263 -23.29 19.25 -11.61
N VAL D 264 -22.93 19.27 -12.89
CA VAL D 264 -22.46 18.10 -13.66
C VAL D 264 -20.97 17.92 -13.32
N TYR D 265 -20.58 16.78 -12.75
CA TYR D 265 -19.16 16.46 -12.47
C TYR D 265 -18.97 14.97 -12.21
N VAL D 266 -17.72 14.55 -12.17
CA VAL D 266 -17.25 13.18 -11.81
C VAL D 266 -16.99 13.18 -10.31
N PRO D 267 -17.93 12.69 -9.47
CA PRO D 267 -17.77 12.77 -8.02
C PRO D 267 -16.43 12.21 -7.50
N SER D 268 -15.93 11.12 -8.11
CA SER D 268 -14.66 10.48 -7.69
C SER D 268 -13.50 11.47 -7.85
N HIS D 269 -13.49 12.26 -8.93
CA HIS D 269 -12.49 13.35 -9.15
C HIS D 269 -12.58 14.36 -7.99
N LEU D 270 -13.76 14.91 -7.75
CA LEU D 270 -14.00 15.92 -6.68
C LEU D 270 -13.56 15.34 -5.33
N TYR D 271 -13.92 14.10 -5.04
CA TYR D 271 -13.55 13.38 -3.81
C TYR D 271 -12.02 13.24 -3.68
N HIS D 272 -11.30 12.88 -4.74
CA HIS D 272 -9.82 12.73 -4.67
C HIS D 272 -9.23 14.07 -4.22
N MET D 273 -9.68 15.17 -4.84
CA MET D 273 -9.14 16.53 -4.59
C MET D 273 -9.42 16.92 -3.13
N LEU D 274 -10.67 16.77 -2.70
CA LEU D 274 -11.15 17.19 -1.37
C LEU D 274 -10.49 16.36 -0.29
N PHE D 275 -10.35 15.05 -0.52
CA PHE D 275 -9.69 14.11 0.42
C PHE D 275 -8.28 14.62 0.75
N GLU D 276 -7.48 14.90 -0.28
CA GLU D 276 -6.06 15.29 -0.12
C GLU D 276 -6.00 16.62 0.62
N LEU D 277 -6.83 17.56 0.25
CA LEU D 277 -6.84 18.90 0.88
C LEU D 277 -7.25 18.77 2.36
N PHE D 278 -8.26 17.94 2.65
CA PHE D 278 -8.68 17.65 4.05
C PHE D 278 -7.52 17.02 4.82
N LYS D 279 -6.79 16.05 4.24
CA LYS D 279 -5.70 15.36 4.97
C LYS D 279 -4.66 16.39 5.40
N ASN D 280 -4.23 17.25 4.48
CA ASN D 280 -3.17 18.27 4.71
C ASN D 280 -3.65 19.28 5.76
N ALA D 281 -4.85 19.81 5.61
CA ALA D 281 -5.39 20.81 6.55
C ALA D 281 -5.41 20.21 7.96
N MET D 282 -5.83 18.95 8.09
CA MET D 282 -5.93 18.27 9.39
C MET D 282 -4.51 18.05 9.95
N ARG D 283 -3.61 17.51 9.15
CA ARG D 283 -2.18 17.36 9.56
C ARG D 283 -1.65 18.69 10.11
N ALA D 284 -1.79 19.79 9.38
CA ALA D 284 -1.29 21.11 9.79
C ALA D 284 -1.94 21.53 11.10
N THR D 285 -3.26 21.39 11.19
CA THR D 285 -4.06 21.81 12.37
C THR D 285 -3.59 21.04 13.61
N VAL D 286 -3.43 19.73 13.50
CA VAL D 286 -3.11 18.85 14.65
C VAL D 286 -1.66 19.12 15.06
N GLU D 287 -0.75 19.28 14.10
CA GLU D 287 0.71 19.38 14.36
C GLU D 287 1.04 20.74 14.98
N SER D 288 0.19 21.76 14.76
CA SER D 288 0.34 23.14 15.27
C SER D 288 -0.47 23.35 16.55
N HIS D 289 -1.13 22.32 17.05
CA HIS D 289 -1.89 22.30 18.31
C HIS D 289 -1.70 20.93 18.99
N GLU D 290 -0.46 20.43 19.04
CA GLU D 290 -0.10 19.06 19.54
C GLU D 290 -0.70 18.83 20.93
N SER D 291 -0.85 19.90 21.70
CA SER D 291 -1.17 19.91 23.15
C SER D 291 -2.59 20.43 23.42
N SER D 292 -3.36 20.81 22.39
CA SER D 292 -4.71 21.41 22.51
C SER D 292 -5.81 20.34 22.47
N LEU D 293 -6.84 20.52 23.30
CA LEU D 293 -8.01 19.63 23.43
C LEU D 293 -9.07 20.09 22.43
N ILE D 294 -9.23 21.40 22.28
CA ILE D 294 -10.01 22.01 21.17
C ILE D 294 -9.06 22.19 20.00
N LEU D 295 -9.47 21.74 18.82
CA LEU D 295 -8.80 22.09 17.54
C LEU D 295 -9.66 23.10 16.81
N PRO D 296 -9.06 24.12 16.14
CA PRO D 296 -9.85 25.05 15.33
C PRO D 296 -10.44 24.24 14.19
N PRO D 297 -11.73 24.42 13.87
CA PRO D 297 -12.37 23.63 12.82
C PRO D 297 -11.84 23.97 11.42
N ILE D 298 -12.05 23.07 10.45
CA ILE D 298 -11.81 23.35 9.00
C ILE D 298 -13.11 23.92 8.43
N LYS D 299 -13.01 25.11 7.82
CA LYS D 299 -14.16 25.83 7.21
C LYS D 299 -14.10 25.60 5.70
N VAL D 300 -15.20 25.18 5.12
CA VAL D 300 -15.30 24.99 3.65
C VAL D 300 -16.45 25.89 3.16
N MET D 301 -16.17 26.78 2.22
CA MET D 301 -17.25 27.50 1.51
C MET D 301 -17.39 26.94 0.10
N VAL D 302 -18.63 26.73 -0.32
CA VAL D 302 -18.98 26.34 -1.71
C VAL D 302 -19.78 27.51 -2.27
N ALA D 303 -19.22 28.18 -3.27
CA ALA D 303 -19.86 29.31 -3.98
C ALA D 303 -20.10 28.91 -5.43
N LEU D 304 -21.32 29.17 -5.92
CA LEU D 304 -21.70 28.98 -7.33
C LEU D 304 -22.04 30.34 -7.92
N GLY D 305 -21.22 30.80 -8.87
CA GLY D 305 -21.47 32.01 -9.68
C GLY D 305 -21.99 31.59 -11.05
N GLU D 306 -22.05 32.52 -12.01
CA GLU D 306 -22.56 32.23 -13.38
C GLU D 306 -21.57 31.31 -14.12
N GLU D 307 -20.28 31.43 -13.82
CA GLU D 307 -19.21 30.80 -14.61
C GLU D 307 -18.47 29.76 -13.77
N ASP D 308 -18.24 30.06 -12.49
CA ASP D 308 -17.34 29.28 -11.61
C ASP D 308 -18.16 28.59 -10.52
N LEU D 309 -17.76 27.37 -10.16
CA LEU D 309 -18.07 26.77 -8.84
C LEU D 309 -16.77 26.67 -8.03
N SER D 310 -16.75 27.30 -6.87
CA SER D 310 -15.51 27.54 -6.12
C SER D 310 -15.67 26.89 -4.76
N ILE D 311 -14.65 26.13 -4.33
CA ILE D 311 -14.63 25.45 -2.99
C ILE D 311 -13.38 25.89 -2.26
N LYS D 312 -13.56 26.73 -1.22
CA LYS D 312 -12.46 27.24 -0.36
C LYS D 312 -12.44 26.37 0.90
N MET D 313 -11.29 25.82 1.24
CA MET D 313 -11.03 25.05 2.49
C MET D 313 -10.04 25.89 3.30
N SER D 314 -10.49 26.42 4.44
CA SER D 314 -9.70 27.30 5.35
C SER D 314 -9.38 26.56 6.64
N ASP D 315 -8.09 26.50 7.00
CA ASP D 315 -7.60 25.93 8.28
C ASP D 315 -6.78 26.97 9.04
N ARG D 316 -6.66 26.82 10.36
CA ARG D 316 -5.79 27.64 11.23
C ARG D 316 -4.61 26.77 11.65
N GLY D 317 -3.88 26.24 10.66
CA GLY D 317 -2.77 25.30 10.84
C GLY D 317 -1.41 25.94 11.00
N GLY D 318 -1.31 27.28 11.04
CA GLY D 318 -0.04 28.01 11.23
C GLY D 318 0.66 28.39 9.93
N GLY D 319 0.22 27.81 8.80
CA GLY D 319 0.56 28.29 7.45
C GLY D 319 2.00 28.05 7.06
N VAL D 320 2.28 28.30 5.78
CA VAL D 320 3.59 28.07 5.11
C VAL D 320 4.07 29.40 4.58
N PRO D 321 5.37 29.75 4.71
CA PRO D 321 5.92 30.93 4.05
C PRO D 321 5.75 30.83 2.53
N LEU D 322 5.57 31.97 1.85
CA LEU D 322 5.25 32.03 0.40
C LEU D 322 6.32 31.30 -0.41
N ARG D 323 7.57 31.35 0.03
CA ARG D 323 8.76 30.78 -0.65
C ARG D 323 8.64 29.26 -0.80
N LYS D 324 7.90 28.58 0.09
CA LYS D 324 7.83 27.09 0.18
C LYS D 324 6.53 26.54 -0.41
N ILE D 325 5.63 27.40 -0.89
CA ILE D 325 4.36 26.95 -1.50
C ILE D 325 4.70 26.04 -2.69
N GLU D 326 5.54 26.53 -3.60
CA GLU D 326 6.03 25.82 -4.81
C GLU D 326 6.36 24.37 -4.45
N ARG D 327 7.10 24.16 -3.35
CA ARG D 327 7.56 22.82 -2.89
C ARG D 327 6.35 21.89 -2.72
N LEU D 328 5.26 22.35 -2.08
CA LEU D 328 4.06 21.51 -1.82
C LEU D 328 3.54 20.89 -3.12
N PHE D 329 3.76 21.58 -4.24
CA PHE D 329 3.29 21.20 -5.60
C PHE D 329 4.34 20.36 -6.34
N SER D 330 5.46 20.03 -5.70
CA SER D 330 6.61 19.33 -6.30
C SER D 330 6.59 17.83 -5.96
N TYR D 331 6.74 16.98 -6.98
CA TYR D 331 6.88 15.50 -6.85
C TYR D 331 8.22 15.15 -6.19
N MET D 332 9.25 15.96 -6.44
CA MET D 332 10.66 15.70 -6.04
C MET D 332 10.80 15.84 -4.50
N TYR D 333 10.10 16.81 -3.88
CA TYR D 333 10.19 17.13 -2.45
C TYR D 333 9.40 16.09 -1.65
N SER D 334 8.27 15.65 -2.19
CA SER D 334 7.58 14.39 -1.82
C SER D 334 8.26 13.19 -2.53
N PHE D 351 4.98 8.63 -1.96
CA PHE D 351 3.57 8.93 -2.33
C PHE D 351 3.08 10.12 -1.50
N GLY D 352 3.72 11.28 -1.69
CA GLY D 352 3.24 12.62 -1.26
C GLY D 352 2.73 13.45 -2.43
N TYR D 353 2.10 12.79 -3.41
CA TYR D 353 1.77 13.29 -4.78
C TYR D 353 0.33 13.84 -4.81
N GLY D 354 -0.33 13.81 -3.65
CA GLY D 354 -1.73 14.21 -3.44
C GLY D 354 -2.01 15.60 -3.96
N LEU D 355 -1.22 16.61 -3.59
CA LEU D 355 -1.52 18.01 -3.99
C LEU D 355 -1.29 18.19 -5.49
N PRO D 356 -0.09 17.86 -6.02
CA PRO D 356 0.15 17.97 -7.47
C PRO D 356 -0.94 17.27 -8.29
N ILE D 357 -1.34 16.05 -7.88
CA ILE D 357 -2.31 15.21 -8.64
C ILE D 357 -3.72 15.78 -8.47
N SER D 358 -4.09 16.25 -7.28
CA SER D 358 -5.36 16.96 -7.02
C SER D 358 -5.48 18.17 -7.96
N ARG D 359 -4.39 18.91 -8.16
CA ARG D 359 -4.38 20.04 -9.11
C ARG D 359 -4.65 19.50 -10.53
N LEU D 360 -4.04 18.37 -10.89
CA LEU D 360 -4.18 17.81 -12.25
C LEU D 360 -5.65 17.47 -12.51
N TYR D 361 -6.33 16.84 -11.55
CA TYR D 361 -7.77 16.52 -11.62
C TYR D 361 -8.60 17.80 -11.84
N ALA D 362 -8.27 18.88 -11.11
CA ALA D 362 -8.92 20.20 -11.22
C ALA D 362 -8.72 20.78 -12.63
N LYS D 363 -7.49 20.71 -13.15
CA LYS D 363 -7.13 21.28 -14.47
C LYS D 363 -7.76 20.46 -15.60
N TYR D 364 -8.03 19.18 -15.34
CA TYR D 364 -8.46 18.21 -16.40
C TYR D 364 -9.74 18.72 -17.07
N PHE D 365 -10.70 19.30 -16.34
CA PHE D 365 -11.97 19.83 -16.93
C PHE D 365 -11.99 21.38 -16.90
N GLN D 366 -10.81 21.99 -17.07
CA GLN D 366 -10.58 23.45 -17.22
C GLN D 366 -10.75 24.18 -15.88
N GLY D 367 -10.54 23.47 -14.78
CA GLY D 367 -10.55 24.09 -13.44
C GLY D 367 -9.15 24.49 -13.04
N ASP D 368 -8.98 24.76 -11.74
CA ASP D 368 -7.65 24.94 -11.10
C ASP D 368 -7.80 24.62 -9.62
N LEU D 369 -6.67 24.50 -8.97
CA LEU D 369 -6.54 24.32 -7.50
C LEU D 369 -5.38 25.20 -7.10
N GLN D 370 -5.65 26.23 -6.32
CA GLN D 370 -4.65 27.25 -5.91
C GLN D 370 -4.61 27.21 -4.38
N LEU D 371 -3.46 27.55 -3.85
CA LEU D 371 -3.18 27.43 -2.40
C LEU D 371 -2.58 28.76 -1.96
N PHE D 372 -3.19 29.42 -0.98
CA PHE D 372 -2.77 30.74 -0.46
C PHE D 372 -2.64 30.62 1.05
N SER D 373 -1.46 30.85 1.58
CA SER D 373 -1.19 30.62 3.02
C SER D 373 -0.97 31.98 3.69
N MET D 374 -1.06 32.02 5.00
CA MET D 374 -0.64 33.17 5.82
C MET D 374 0.28 32.66 6.92
N GLU D 375 1.60 32.63 6.67
CA GLU D 375 2.57 32.08 7.65
C GLU D 375 2.22 32.68 9.02
N GLY D 376 2.04 31.81 10.02
CA GLY D 376 1.77 32.20 11.41
C GLY D 376 0.31 32.01 11.74
N PHE D 377 -0.53 31.84 10.73
CA PHE D 377 -1.99 31.77 10.93
C PHE D 377 -2.59 30.47 10.38
N GLY D 378 -2.56 30.29 9.07
CA GLY D 378 -3.31 29.20 8.41
C GLY D 378 -3.22 29.24 6.90
N THR D 379 -3.91 28.33 6.23
CA THR D 379 -3.86 28.10 4.77
C THR D 379 -5.27 28.07 4.19
N ASP D 380 -5.44 28.63 2.99
CA ASP D 380 -6.67 28.55 2.17
C ASP D 380 -6.35 27.75 0.91
N ALA D 381 -7.06 26.65 0.67
CA ALA D 381 -7.00 25.92 -0.61
C ALA D 381 -8.28 26.18 -1.37
N VAL D 382 -8.17 26.44 -2.67
CA VAL D 382 -9.37 26.69 -3.51
C VAL D 382 -9.37 25.73 -4.71
N ILE D 383 -10.44 24.95 -4.83
CA ILE D 383 -10.83 24.26 -6.10
C ILE D 383 -11.71 25.22 -6.87
N TYR D 384 -11.29 25.56 -8.10
CA TYR D 384 -12.10 26.27 -9.11
C TYR D 384 -12.60 25.22 -10.10
N LEU D 385 -13.92 25.11 -10.29
CA LEU D 385 -14.50 24.26 -11.36
C LEU D 385 -15.38 25.11 -12.29
N LYS D 386 -15.62 24.65 -13.51
CA LYS D 386 -16.64 25.26 -14.42
C LYS D 386 -18.02 24.88 -13.89
N ALA D 387 -18.88 25.88 -13.67
CA ALA D 387 -20.29 25.72 -13.27
C ALA D 387 -21.04 25.06 -14.42
N LEU D 388 -20.69 25.40 -15.67
CA LEU D 388 -21.42 24.96 -16.89
C LEU D 388 -20.67 23.79 -17.51
N SER D 389 -21.40 22.76 -17.94
CA SER D 389 -20.89 21.51 -18.55
C SER D 389 -20.39 21.76 -19.99
N THR D 390 -20.81 22.88 -20.60
CA THR D 390 -20.41 23.30 -21.96
C THR D 390 -18.97 23.86 -21.90
N ASP D 391 -18.58 24.51 -20.80
CA ASP D 391 -17.23 25.09 -20.57
C ASP D 391 -16.23 24.00 -20.21
N SER D 392 -16.69 22.79 -19.85
CA SER D 392 -15.85 21.70 -19.28
C SER D 392 -15.32 20.80 -20.40
N VAL D 393 -14.09 21.02 -20.84
CA VAL D 393 -13.44 20.26 -21.94
C VAL D 393 -12.16 19.64 -21.39
N GLU D 394 -11.88 18.40 -21.76
CA GLU D 394 -10.61 17.73 -21.43
C GLU D 394 -9.43 18.67 -21.75
N ARG D 395 -8.56 18.95 -20.78
CA ARG D 395 -7.23 19.54 -21.00
C ARG D 395 -6.25 18.37 -21.04
N LEU D 396 -5.62 18.11 -22.18
CA LEU D 396 -4.65 16.99 -22.40
C LEU D 396 -3.27 17.58 -22.64
N PRO D 397 -2.20 16.83 -22.33
CA PRO D 397 -0.86 17.30 -22.62
C PRO D 397 -0.83 17.57 -24.12
N VAL D 398 -0.25 18.71 -24.51
CA VAL D 398 0.12 19.08 -25.90
C VAL D 398 1.35 18.24 -26.28
N TYR D 399 1.22 17.34 -27.25
CA TYR D 399 2.30 16.44 -27.74
C TYR D 399 2.88 16.95 -29.07
N ASN D 400 4.13 17.45 -29.04
CA ASN D 400 4.80 18.07 -30.21
C ASN D 400 6.30 18.32 -29.93
N LYS D 401 7.03 18.80 -30.94
CA LYS D 401 8.52 18.87 -30.93
C LYS D 401 8.98 19.76 -29.78
N SER D 402 8.23 20.81 -29.45
CA SER D 402 8.61 21.81 -28.41
C SER D 402 8.46 21.19 -27.02
N ALA D 403 7.39 20.44 -26.77
CA ALA D 403 7.10 19.80 -25.48
C ALA D 403 8.10 18.66 -25.26
N TRP D 404 8.59 18.05 -26.35
CA TRP D 404 9.49 16.87 -26.28
C TRP D 404 10.95 17.33 -26.21
N ARG D 405 11.25 18.61 -26.39
CA ARG D 405 12.64 19.13 -26.39
C ARG D 405 13.08 19.49 -24.96
N HIS D 406 12.12 19.71 -24.05
CA HIS D 406 12.36 19.94 -22.59
C HIS D 406 13.33 18.91 -21.98
N TYR D 407 13.43 17.73 -22.59
CA TYR D 407 14.22 16.57 -22.08
C TYR D 407 15.61 16.56 -22.75
#